data_1TWY
#
_entry.id   1TWY
#
_cell.length_a   84.630
_cell.length_b   103.932
_cell.length_c   126.687
_cell.angle_alpha   90.00
_cell.angle_beta   102.35
_cell.angle_gamma   90.00
#
_symmetry.space_group_name_H-M   'P 1 21 1'
#
loop_
_entity.id
_entity.type
_entity.pdbx_description
1 polymer 'ABC transporter, periplasmic substrate-binding protein'
2 non-polymer 'PHOSPHATE ION'
3 non-polymer 'MAGNESIUM ION'
4 water water
#
_entity_poly.entity_id   1
_entity_poly.type   'polypeptide(L)'
_entity_poly.pdbx_seq_one_letter_code
;MSLIRMALAAVCALLFSITTMTPFVQASEITISGSTSVARI(MSE)DVLAEKYNQQHPETYVAVQGVGSTAGISLLKKGV
ADIA(MSE)TSRYLTESEAQNTLHTFTLAFDGLAIVVNQANPVTNLTREQLYGIYKGQITNWKQVGGNDQKIAVVTREAS
SGTRYSFESL(MSE)GLTKTVKDREVSDVAPTALVVNSNS(MSE)(MSE)KTLVNHNTQAVGFISIGSVDKSVKAIQFEK
ADPTSDNIAKHTYQLSRPFLILHYSDNADEQTKEFIAFLKSESAKKLIVEYGYI(MSE)PSDVEEGGSHHHHHH
;
_entity_poly.pdbx_strand_id   A,B,C,D,E,F,G,H
#
# COMPACT_ATOMS: atom_id res chain seq x y z
N SER A 28 -10.72 35.24 -34.56
CA SER A 28 -11.18 34.21 -33.59
C SER A 28 -10.37 32.91 -33.75
N GLU A 29 -10.67 31.92 -32.94
CA GLU A 29 -9.89 30.65 -32.95
C GLU A 29 -10.90 29.49 -32.93
N ILE A 30 -10.65 28.44 -33.72
CA ILE A 30 -11.48 27.25 -33.76
C ILE A 30 -10.48 26.16 -33.43
N THR A 31 -10.86 25.22 -32.60
CA THR A 31 -9.94 24.13 -32.21
C THR A 31 -10.61 22.88 -32.68
N ILE A 32 -9.95 22.10 -33.55
CA ILE A 32 -10.50 20.83 -33.95
C ILE A 32 -9.51 19.77 -33.46
N SER A 33 -9.99 18.80 -32.71
CA SER A 33 -9.15 17.85 -31.99
C SER A 33 -9.53 16.48 -32.28
N GLY A 34 -8.52 15.59 -32.29
CA GLY A 34 -8.75 14.17 -32.27
C GLY A 34 -7.77 13.39 -33.15
N SER A 35 -8.34 12.53 -33.91
CA SER A 35 -7.66 11.64 -34.80
C SER A 35 -6.48 12.18 -35.54
N THR A 36 -5.35 11.49 -35.36
CA THR A 36 -4.16 11.84 -36.08
C THR A 36 -4.29 11.35 -37.53
N SER A 37 -5.05 10.32 -37.77
CA SER A 37 -5.38 9.88 -39.17
C SER A 37 -6.08 11.05 -39.94
N VAL A 38 -7.12 11.61 -39.34
CA VAL A 38 -7.87 12.72 -39.94
C VAL A 38 -7.04 13.94 -39.96
N ALA A 39 -6.12 14.16 -39.03
CA ALA A 39 -5.38 15.41 -38.95
C ALA A 39 -4.47 15.61 -40.22
N ARG A 40 -4.01 14.55 -40.81
CA ARG A 40 -3.15 14.59 -42.05
C ARG A 40 -3.94 15.42 -43.13
N ILE A 41 -5.19 15.10 -43.34
CA ILE A 41 -5.95 15.89 -44.35
C ILE A 41 -6.50 17.17 -43.76
N ASP A 43 -5.06 19.20 -41.72
CA ASP A 43 -4.05 20.22 -41.82
C ASP A 43 -4.09 21.00 -43.18
N VAL A 44 -4.27 20.25 -44.23
CA VAL A 44 -4.51 20.90 -45.56
C VAL A 44 -5.80 21.69 -45.67
N LEU A 45 -6.87 21.16 -45.15
CA LEU A 45 -8.16 21.85 -45.26
C LEU A 45 -8.10 23.16 -44.48
N ALA A 46 -7.52 23.09 -43.29
CA ALA A 46 -7.43 24.24 -42.41
C ALA A 46 -6.58 25.37 -43.12
N GLU A 47 -5.40 24.99 -43.60
CA GLU A 47 -4.55 25.98 -44.29
C GLU A 47 -5.32 26.61 -45.47
N LYS A 48 -6.09 25.83 -46.22
CA LYS A 48 -6.95 26.39 -47.25
C LYS A 48 -7.98 27.36 -46.68
N TYR A 49 -8.66 27.00 -45.61
CA TYR A 49 -9.73 27.84 -45.12
C TYR A 49 -9.15 29.18 -44.58
N ASN A 50 -7.92 29.12 -44.04
CA ASN A 50 -7.21 30.28 -43.46
C ASN A 50 -6.82 31.29 -44.54
N GLN A 51 -6.30 30.83 -45.68
CA GLN A 51 -6.15 31.68 -46.86
C GLN A 51 -7.38 32.60 -47.12
N GLN A 52 -8.58 32.03 -47.08
CA GLN A 52 -9.78 32.81 -47.35
C GLN A 52 -10.33 33.53 -46.10
N HIS A 53 -9.92 33.10 -44.90
CA HIS A 53 -10.36 33.73 -43.62
C HIS A 53 -9.15 34.00 -42.69
N PRO A 54 -8.29 34.95 -43.06
CA PRO A 54 -6.96 35.08 -42.41
C PRO A 54 -7.02 35.44 -40.95
N GLU A 55 -8.10 36.04 -40.49
CA GLU A 55 -8.26 36.25 -39.05
C GLU A 55 -8.83 35.07 -38.18
N THR A 56 -8.97 33.85 -38.72
CA THR A 56 -9.40 32.78 -37.80
C THR A 56 -8.43 31.65 -37.84
N TYR A 57 -7.75 31.40 -36.72
CA TYR A 57 -6.76 30.39 -36.70
C TYR A 57 -7.54 29.07 -36.40
N VAL A 58 -7.36 28.07 -37.25
CA VAL A 58 -7.86 26.74 -36.98
C VAL A 58 -6.71 25.92 -36.42
N ALA A 59 -6.82 25.60 -35.17
CA ALA A 59 -5.85 24.76 -34.47
C ALA A 59 -6.21 23.28 -34.64
N VAL A 60 -5.36 22.52 -35.33
CA VAL A 60 -5.64 21.13 -35.59
C VAL A 60 -4.82 20.39 -34.57
N GLN A 61 -5.46 19.60 -33.74
CA GLN A 61 -4.79 18.96 -32.65
C GLN A 61 -4.87 17.48 -32.79
N GLY A 62 -3.75 16.87 -33.14
CA GLY A 62 -3.76 15.44 -33.37
C GLY A 62 -3.40 14.75 -32.07
N VAL A 63 -4.44 14.27 -31.37
CA VAL A 63 -4.30 13.58 -30.06
C VAL A 63 -4.97 12.24 -29.99
N GLY A 64 -5.49 11.75 -31.12
CA GLY A 64 -6.17 10.50 -31.17
C GLY A 64 -7.69 10.65 -31.00
N SER A 65 -8.47 9.72 -31.57
CA SER A 65 -9.95 9.84 -31.72
C SER A 65 -10.57 9.98 -30.31
N THR A 66 -10.12 9.17 -29.39
CA THR A 66 -10.69 9.17 -28.06
C THR A 66 -10.48 10.47 -27.24
N ALA A 67 -9.26 11.06 -27.26
CA ALA A 67 -8.97 12.32 -26.58
C ALA A 67 -9.77 13.41 -27.26
N GLY A 68 -9.88 13.34 -28.60
CA GLY A 68 -10.66 14.32 -29.29
C GLY A 68 -12.11 14.38 -28.82
N ILE A 69 -12.78 13.24 -28.74
CA ILE A 69 -14.15 13.15 -28.23
C ILE A 69 -14.17 13.79 -26.84
N SER A 70 -13.25 13.43 -25.98
CA SER A 70 -13.24 13.97 -24.62
C SER A 70 -13.09 15.47 -24.58
N LEU A 71 -12.16 16.00 -25.37
CA LEU A 71 -11.95 17.42 -25.46
C LEU A 71 -13.17 18.20 -25.92
N LEU A 72 -13.87 17.66 -26.90
CA LEU A 72 -15.12 18.27 -27.36
C LEU A 72 -16.20 18.21 -26.28
N LYS A 73 -16.29 17.08 -25.57
CA LYS A 73 -17.34 16.93 -24.52
C LYS A 73 -17.04 17.81 -23.32
N LYS A 74 -15.77 18.16 -23.12
CA LYS A 74 -15.39 19.07 -22.01
C LYS A 74 -15.47 20.50 -22.48
N GLY A 75 -15.84 20.73 -23.73
CA GLY A 75 -15.98 22.09 -24.18
C GLY A 75 -14.72 22.84 -24.44
N VAL A 76 -13.60 22.10 -24.56
CA VAL A 76 -12.33 22.71 -24.91
C VAL A 76 -11.79 22.40 -26.29
N ALA A 77 -12.55 21.66 -27.12
CA ALA A 77 -12.51 21.68 -28.58
C ALA A 77 -13.87 22.14 -29.13
N ASP A 78 -13.88 22.81 -30.30
CA ASP A 78 -15.07 23.16 -31.01
C ASP A 78 -15.59 22.04 -31.90
N ILE A 79 -14.63 21.23 -32.40
CA ILE A 79 -14.89 20.15 -33.31
C ILE A 79 -14.09 18.96 -32.93
N ALA A 80 -14.58 17.73 -33.00
CA ALA A 80 -13.68 16.61 -32.86
C ALA A 80 -13.59 15.90 -34.24
N THR A 82 -12.61 11.89 -35.69
CA THR A 82 -12.32 10.50 -35.35
C THR A 82 -12.07 9.72 -36.61
N SER A 83 -11.34 8.61 -36.49
CA SER A 83 -11.19 7.64 -37.52
C SER A 83 -11.90 6.30 -37.30
N ARG A 84 -12.96 6.34 -36.52
CA ARG A 84 -13.79 5.20 -36.15
C ARG A 84 -15.13 5.69 -35.77
N TYR A 85 -16.14 4.83 -35.89
CA TYR A 85 -17.45 5.17 -35.37
C TYR A 85 -17.39 5.24 -33.84
N LEU A 86 -18.35 5.97 -33.30
CA LEU A 86 -18.48 6.19 -31.86
C LEU A 86 -19.16 4.93 -31.29
N THR A 87 -18.84 4.65 -30.05
CA THR A 87 -19.56 3.59 -29.30
C THR A 87 -20.92 4.09 -28.79
N GLU A 88 -21.69 3.13 -28.31
CA GLU A 88 -22.90 3.39 -27.57
C GLU A 88 -22.67 4.44 -26.51
N SER A 89 -21.65 4.24 -25.69
CA SER A 89 -21.36 5.12 -24.54
C SER A 89 -20.89 6.52 -24.92
N GLU A 90 -20.38 6.66 -26.15
CA GLU A 90 -19.83 7.95 -26.59
C GLU A 90 -20.91 8.81 -27.24
N ALA A 91 -21.93 8.14 -27.74
CA ALA A 91 -23.05 8.76 -28.40
C ALA A 91 -23.73 9.66 -27.43
N GLN A 92 -24.03 10.84 -27.87
CA GLN A 92 -24.78 11.84 -27.05
C GLN A 92 -25.86 12.42 -27.92
N ASN A 93 -27.00 12.68 -27.31
CA ASN A 93 -28.16 12.99 -28.14
C ASN A 93 -27.99 14.29 -28.99
N THR A 94 -27.26 15.26 -28.46
CA THR A 94 -27.06 16.57 -29.14
C THR A 94 -25.73 16.70 -29.93
N LEU A 95 -24.94 15.64 -29.86
CA LEU A 95 -23.73 15.51 -30.66
C LEU A 95 -24.16 15.23 -32.04
N HIS A 96 -23.68 15.99 -32.99
CA HIS A 96 -23.87 15.67 -34.37
C HIS A 96 -22.56 15.18 -35.02
N THR A 97 -22.78 14.27 -35.98
CA THR A 97 -21.70 13.57 -36.67
C THR A 97 -21.94 13.63 -38.13
N PHE A 98 -20.91 13.84 -38.92
CA PHE A 98 -21.02 13.52 -40.34
C PHE A 98 -19.74 12.94 -40.85
N THR A 99 -19.85 12.26 -41.96
CA THR A 99 -18.70 11.52 -42.49
C THR A 99 -17.98 12.38 -43.49
N LEU A 100 -16.75 12.78 -43.18
CA LEU A 100 -15.96 13.55 -44.07
C LEU A 100 -15.46 12.75 -45.27
N ALA A 101 -15.06 11.52 -45.02
CA ALA A 101 -14.49 10.64 -46.04
C ALA A 101 -14.36 9.24 -45.52
N PHE A 102 -14.02 8.30 -46.40
CA PHE A 102 -13.60 6.97 -45.99
C PHE A 102 -12.17 6.81 -46.36
N ASP A 103 -11.46 5.98 -45.58
CA ASP A 103 -10.06 5.73 -45.88
C ASP A 103 -9.89 4.22 -45.93
N GLY A 104 -9.30 3.68 -46.94
CA GLY A 104 -9.34 2.23 -47.10
C GLY A 104 -7.94 1.61 -46.81
N LEU A 105 -7.95 0.33 -46.47
CA LEU A 105 -6.76 -0.46 -46.28
C LEU A 105 -6.73 -1.55 -47.32
N ALA A 106 -5.54 -1.87 -47.81
CA ALA A 106 -5.31 -3.01 -48.71
C ALA A 106 -4.49 -4.05 -48.05
N ILE A 107 -4.83 -5.28 -48.32
CA ILE A 107 -3.95 -6.39 -47.93
C ILE A 107 -3.03 -6.72 -49.08
N VAL A 108 -1.75 -6.82 -48.78
CA VAL A 108 -0.76 -6.95 -49.79
C VAL A 108 0.06 -8.21 -49.61
N VAL A 109 0.36 -8.90 -50.71
CA VAL A 109 1.24 -10.02 -50.76
C VAL A 109 2.31 -9.87 -51.82
N ASN A 110 3.28 -10.74 -51.79
CA ASN A 110 4.38 -10.69 -52.80
C ASN A 110 3.78 -11.10 -54.17
N GLN A 111 4.23 -10.38 -55.23
CA GLN A 111 3.78 -10.69 -56.58
C GLN A 111 3.73 -12.21 -56.95
N ALA A 112 4.64 -12.98 -56.43
CA ALA A 112 4.72 -14.40 -56.71
C ALA A 112 3.64 -15.20 -56.03
N ASN A 113 3.07 -14.67 -54.97
CA ASN A 113 2.05 -15.42 -54.24
C ASN A 113 0.78 -15.65 -55.07
N PRO A 114 0.38 -16.93 -55.30
CA PRO A 114 -0.84 -17.17 -56.10
C PRO A 114 -2.16 -16.76 -55.51
N VAL A 115 -2.20 -16.53 -54.20
CA VAL A 115 -3.42 -16.14 -53.53
C VAL A 115 -3.92 -14.83 -54.12
N THR A 116 -5.21 -14.82 -54.38
CA THR A 116 -5.88 -13.66 -54.92
C THR A 116 -6.92 -13.01 -54.00
N ASN A 117 -7.27 -13.69 -52.87
CA ASN A 117 -8.37 -13.33 -52.05
C ASN A 117 -8.17 -13.94 -50.68
N LEU A 118 -8.59 -13.24 -49.63
CA LEU A 118 -8.72 -13.86 -48.31
C LEU A 118 -10.02 -13.50 -47.76
N THR A 119 -10.64 -14.45 -47.04
CA THR A 119 -11.84 -14.08 -46.28
C THR A 119 -11.45 -13.50 -44.94
N ARG A 120 -12.46 -12.96 -44.27
CA ARG A 120 -12.28 -12.50 -42.89
C ARG A 120 -11.71 -13.56 -41.97
N GLU A 121 -12.29 -14.77 -41.97
CA GLU A 121 -11.75 -15.76 -41.11
C GLU A 121 -10.37 -16.20 -41.42
N GLN A 122 -10.01 -16.29 -42.70
CA GLN A 122 -8.64 -16.58 -43.06
C GLN A 122 -7.68 -15.53 -42.57
N LEU A 123 -7.97 -14.28 -42.88
CA LEU A 123 -7.05 -13.23 -42.40
C LEU A 123 -7.00 -13.13 -40.94
N TYR A 124 -8.11 -13.28 -40.25
CA TYR A 124 -8.07 -13.30 -38.80
C TYR A 124 -7.19 -14.42 -38.28
N GLY A 125 -7.46 -15.62 -38.78
CA GLY A 125 -6.58 -16.72 -38.44
C GLY A 125 -5.11 -16.65 -38.68
N ILE A 126 -4.77 -15.98 -39.79
CA ILE A 126 -3.37 -15.71 -40.04
C ILE A 126 -2.72 -14.74 -39.03
N TYR A 127 -3.40 -13.62 -38.76
CA TYR A 127 -2.91 -12.63 -37.80
C TYR A 127 -2.91 -13.14 -36.38
N LYS A 128 -3.77 -14.15 -36.07
CA LYS A 128 -3.74 -14.74 -34.75
C LYS A 128 -2.68 -15.77 -34.56
N GLY A 129 -2.10 -16.26 -35.61
CA GLY A 129 -1.09 -17.26 -35.60
C GLY A 129 -1.72 -18.66 -35.63
N GLN A 130 -3.00 -18.75 -35.89
CA GLN A 130 -3.71 -20.04 -36.00
C GLN A 130 -3.49 -20.69 -37.35
N ILE A 131 -3.37 -19.89 -38.39
CA ILE A 131 -3.09 -20.35 -39.73
C ILE A 131 -1.66 -19.95 -40.05
N THR A 132 -0.74 -20.90 -40.28
CA THR A 132 0.67 -20.60 -40.33
C THR A 132 1.39 -20.93 -41.70
N ASN A 133 0.66 -21.54 -42.61
CA ASN A 133 1.21 -21.92 -43.93
C ASN A 133 0.29 -21.51 -44.98
N TRP A 134 0.80 -20.92 -46.08
CA TRP A 134 0.02 -20.46 -47.19
C TRP A 134 -0.84 -21.53 -47.85
N LYS A 135 -0.42 -22.78 -47.74
CA LYS A 135 -1.18 -23.90 -48.34
C LYS A 135 -2.56 -24.00 -47.73
N GLN A 136 -2.66 -23.61 -46.47
CA GLN A 136 -3.95 -23.58 -45.78
C GLN A 136 -5.00 -22.63 -46.38
N VAL A 137 -4.53 -21.59 -47.12
CA VAL A 137 -5.48 -20.63 -47.69
C VAL A 137 -5.34 -20.53 -49.20
N GLY A 138 -4.93 -21.66 -49.79
CA GLY A 138 -4.93 -21.87 -51.24
C GLY A 138 -3.66 -21.45 -51.95
N GLY A 139 -2.61 -21.22 -51.17
CA GLY A 139 -1.27 -20.89 -51.66
C GLY A 139 -0.25 -22.00 -51.73
N ASN A 140 1.02 -21.60 -51.83
CA ASN A 140 2.15 -22.51 -51.78
C ASN A 140 2.35 -23.08 -50.40
N ASP A 141 3.05 -24.20 -50.36
CA ASP A 141 3.58 -24.70 -49.12
C ASP A 141 4.77 -23.90 -48.57
N GLN A 142 4.45 -22.96 -47.71
CA GLN A 142 5.45 -22.04 -47.21
C GLN A 142 4.86 -21.33 -45.99
N LYS A 143 5.67 -21.25 -44.95
CA LYS A 143 5.37 -20.62 -43.70
C LYS A 143 5.08 -19.14 -43.96
N ILE A 144 3.98 -18.71 -43.38
CA ILE A 144 3.58 -17.26 -43.46
C ILE A 144 4.45 -16.34 -42.60
N ALA A 145 4.93 -15.23 -43.17
CA ALA A 145 5.55 -14.17 -42.29
C ALA A 145 4.46 -13.05 -42.20
N VAL A 146 3.92 -12.87 -41.04
CA VAL A 146 2.87 -11.86 -40.79
C VAL A 146 3.58 -10.61 -40.49
N VAL A 147 3.22 -9.52 -41.17
CA VAL A 147 3.80 -8.19 -40.99
C VAL A 147 2.70 -7.20 -40.55
N THR A 148 3.06 -6.36 -39.56
CA THR A 148 2.23 -5.42 -38.98
C THR A 148 2.95 -4.05 -38.85
N ARG A 149 2.36 -3.07 -38.28
CA ARG A 149 2.94 -1.76 -38.06
C ARG A 149 3.25 -1.60 -36.55
N GLU A 150 3.91 -0.49 -36.25
CA GLU A 150 4.24 -0.14 -34.91
C GLU A 150 2.99 0.02 -34.04
N ALA A 151 3.22 -0.02 -32.73
CA ALA A 151 2.21 -0.02 -31.74
C ALA A 151 1.36 1.22 -31.75
N SER A 152 2.01 2.33 -32.06
CA SER A 152 1.37 3.67 -32.09
C SER A 152 0.67 3.95 -33.43
N SER A 153 0.76 3.07 -34.38
CA SER A 153 0.14 3.32 -35.71
C SER A 153 -1.33 3.30 -35.76
N GLY A 154 -1.89 4.42 -36.28
CA GLY A 154 -3.30 4.48 -36.58
C GLY A 154 -3.83 3.44 -37.54
N THR A 155 -3.02 3.13 -38.55
CA THR A 155 -3.39 2.17 -39.53
C THR A 155 -3.52 0.79 -38.88
N ARG A 156 -2.57 0.52 -38.04
CA ARG A 156 -2.61 -0.78 -37.24
C ARG A 156 -3.85 -0.85 -36.38
N TYR A 157 -4.19 0.24 -35.69
CA TYR A 157 -5.32 0.23 -34.79
C TYR A 157 -6.59 -0.05 -35.58
N SER A 158 -6.78 0.62 -36.71
CA SER A 158 -7.97 0.40 -37.57
C SER A 158 -7.96 -0.99 -38.15
N PHE A 159 -6.83 -1.51 -38.56
CA PHE A 159 -6.81 -2.89 -39.15
C PHE A 159 -7.28 -3.91 -38.06
N GLU A 160 -6.73 -3.73 -36.90
CA GLU A 160 -7.10 -4.61 -35.79
C GLU A 160 -8.50 -4.44 -35.33
N SER A 161 -8.99 -3.22 -35.34
CA SER A 161 -10.39 -3.02 -34.99
C SER A 161 -11.35 -3.63 -36.03
N LEU A 162 -11.04 -3.45 -37.29
CA LEU A 162 -11.85 -3.99 -38.37
C LEU A 162 -11.86 -5.55 -38.35
N GLY A 164 -11.29 -7.57 -35.68
CA GLY A 164 -11.59 -8.15 -34.38
C GLY A 164 -10.35 -8.73 -33.71
N LEU A 165 -9.22 -8.16 -34.02
CA LEU A 165 -7.92 -8.59 -33.54
C LEU A 165 -7.44 -7.84 -32.29
N THR A 166 -8.32 -7.34 -31.47
CA THR A 166 -7.95 -6.89 -30.18
C THR A 166 -8.72 -7.76 -29.17
N LYS A 167 -8.27 -7.65 -27.94
CA LYS A 167 -8.96 -8.37 -26.84
C LYS A 167 -9.08 -7.44 -25.67
N THR A 168 -10.15 -7.61 -24.91
CA THR A 168 -10.36 -6.83 -23.73
C THR A 168 -9.53 -7.34 -22.57
N VAL A 169 -8.79 -6.44 -21.93
CA VAL A 169 -7.96 -6.77 -20.78
C VAL A 169 -8.34 -5.71 -19.75
N LYS A 170 -9.09 -6.12 -18.72
CA LYS A 170 -9.64 -5.18 -17.76
C LYS A 170 -10.38 -4.07 -18.48
N ASP A 171 -9.81 -2.86 -18.48
CA ASP A 171 -10.57 -1.72 -18.98
C ASP A 171 -10.10 -1.22 -20.34
N ARG A 172 -9.26 -1.96 -21.04
CA ARG A 172 -8.80 -1.50 -22.40
C ARG A 172 -8.76 -2.61 -23.41
N GLU A 173 -8.56 -2.28 -24.69
CA GLU A 173 -8.35 -3.22 -25.76
C GLU A 173 -6.85 -3.34 -25.85
N VAL A 174 -6.34 -4.54 -26.03
CA VAL A 174 -4.98 -4.83 -26.25
C VAL A 174 -4.86 -5.57 -27.58
N SER A 175 -3.78 -5.36 -28.32
CA SER A 175 -3.62 -6.10 -29.55
C SER A 175 -3.59 -7.63 -29.30
N ASP A 176 -4.29 -8.36 -30.18
CA ASP A 176 -4.38 -9.83 -30.03
C ASP A 176 -3.68 -10.52 -31.22
N VAL A 177 -2.88 -9.77 -31.95
CA VAL A 177 -2.06 -10.30 -33.03
C VAL A 177 -0.92 -11.05 -32.39
N ALA A 178 -0.67 -12.16 -32.98
CA ALA A 178 0.40 -13.02 -32.46
C ALA A 178 1.72 -12.28 -32.39
N PRO A 179 2.45 -12.34 -31.31
CA PRO A 179 3.61 -11.46 -31.18
C PRO A 179 4.80 -11.97 -32.02
N THR A 180 4.66 -13.07 -32.73
CA THR A 180 5.59 -13.43 -33.81
C THR A 180 5.46 -12.55 -35.09
N ALA A 181 4.44 -11.71 -35.14
CA ALA A 181 4.34 -10.77 -36.28
C ALA A 181 5.54 -9.84 -36.31
N LEU A 182 5.95 -9.44 -37.51
CA LEU A 182 7.10 -8.52 -37.65
C LEU A 182 6.57 -7.13 -37.81
N VAL A 183 7.24 -6.21 -37.19
CA VAL A 183 6.81 -4.82 -37.22
C VAL A 183 7.69 -4.03 -38.18
N VAL A 184 7.01 -3.24 -38.99
CA VAL A 184 7.63 -2.18 -39.82
C VAL A 184 6.95 -0.85 -39.50
N ASN A 185 7.60 0.24 -39.94
CA ASN A 185 7.26 1.56 -39.43
C ASN A 185 6.74 2.57 -40.49
N SER A 186 6.35 2.08 -41.64
CA SER A 186 5.70 2.90 -42.68
C SER A 186 5.12 2.05 -43.74
N ASN A 187 4.21 2.63 -44.57
CA ASN A 187 3.75 2.00 -45.76
C ASN A 187 4.86 1.63 -46.69
N SER A 188 5.87 2.55 -46.81
CA SER A 188 6.93 2.32 -47.71
C SER A 188 7.74 1.06 -47.37
N LYS A 191 5.71 -2.17 -48.01
CA LYS A 191 5.83 -2.61 -49.36
C LYS A 191 7.21 -3.18 -49.71
N THR A 192 8.28 -2.55 -49.27
CA THR A 192 9.61 -3.09 -49.55
C THR A 192 9.75 -4.48 -48.93
N LEU A 193 9.30 -4.64 -47.70
CA LEU A 193 9.35 -5.96 -47.06
C LEU A 193 8.61 -7.00 -47.79
N VAL A 194 7.35 -6.71 -48.16
CA VAL A 194 6.52 -7.62 -48.91
C VAL A 194 7.17 -7.95 -50.25
N ASN A 195 7.62 -6.91 -50.99
CA ASN A 195 8.28 -7.03 -52.29
C ASN A 195 9.47 -7.96 -52.35
N HIS A 196 10.12 -8.08 -51.22
CA HIS A 196 11.34 -8.87 -51.09
C HIS A 196 11.21 -10.22 -50.39
N ASN A 197 9.97 -10.56 -49.99
CA ASN A 197 9.72 -11.80 -49.26
C ASN A 197 8.48 -12.43 -49.75
N THR A 198 8.63 -13.49 -50.53
CA THR A 198 7.54 -14.31 -51.08
C THR A 198 6.50 -14.77 -50.02
N GLN A 199 6.99 -14.96 -48.78
CA GLN A 199 6.18 -15.47 -47.68
C GLN A 199 5.33 -14.42 -46.97
N ALA A 200 5.54 -13.11 -47.22
CA ALA A 200 4.98 -12.12 -46.35
C ALA A 200 3.58 -11.66 -46.76
N VAL A 201 2.82 -11.28 -45.74
CA VAL A 201 1.56 -10.57 -45.87
C VAL A 201 1.55 -9.43 -44.99
N GLY A 202 0.93 -8.37 -45.51
CA GLY A 202 0.82 -7.17 -44.74
C GLY A 202 -0.37 -6.33 -45.18
N PHE A 203 -0.46 -5.15 -44.60
CA PHE A 203 -1.57 -4.16 -44.87
C PHE A 203 -0.92 -2.79 -45.04
N ILE A 204 -1.51 -1.99 -45.89
CA ILE A 204 -1.07 -0.61 -46.19
C ILE A 204 -2.31 0.22 -46.51
N SER A 205 -2.18 1.52 -46.33
CA SER A 205 -3.22 2.43 -46.82
C SER A 205 -3.47 2.21 -48.33
N ILE A 206 -4.75 2.22 -48.74
CA ILE A 206 -5.09 1.83 -50.07
C ILE A 206 -4.46 2.74 -51.13
N GLY A 207 -4.26 4.00 -50.76
CA GLY A 207 -3.58 4.97 -51.62
C GLY A 207 -2.13 4.71 -51.87
N SER A 208 -1.48 3.95 -50.96
CA SER A 208 -0.06 3.63 -51.10
C SER A 208 0.18 2.46 -51.99
N VAL A 209 -0.85 1.71 -52.42
CA VAL A 209 -0.65 0.62 -53.33
C VAL A 209 0.11 0.98 -54.57
N ASP A 210 1.13 0.23 -54.89
CA ASP A 210 1.81 0.40 -56.19
C ASP A 210 2.20 -0.92 -56.76
N LYS A 211 2.89 -0.94 -57.88
CA LYS A 211 3.16 -2.21 -58.54
C LYS A 211 4.20 -3.09 -57.90
N SER A 212 4.77 -2.59 -56.79
CA SER A 212 5.84 -3.42 -56.14
C SER A 212 5.23 -4.59 -55.32
N VAL A 213 3.95 -4.52 -55.08
CA VAL A 213 3.20 -5.50 -54.25
C VAL A 213 1.89 -5.86 -54.97
N LYS A 214 1.29 -6.97 -54.55
CA LYS A 214 -0.01 -7.39 -55.11
C LYS A 214 -1.08 -7.15 -54.01
N ALA A 215 -2.01 -6.26 -54.24
CA ALA A 215 -3.12 -6.05 -53.39
C ALA A 215 -4.16 -7.08 -53.71
N ILE A 216 -4.67 -7.80 -52.73
CA ILE A 216 -5.62 -8.88 -52.99
C ILE A 216 -7.03 -8.51 -52.59
N GLN A 217 -8.00 -9.31 -53.01
CA GLN A 217 -9.37 -9.10 -52.58
C GLN A 217 -9.55 -9.45 -51.11
N PHE A 218 -10.56 -8.86 -50.52
CA PHE A 218 -11.08 -9.21 -49.21
C PHE A 218 -12.54 -9.59 -49.37
N GLU A 219 -12.87 -10.83 -48.97
CA GLU A 219 -14.22 -11.41 -49.19
C GLU A 219 -14.65 -11.21 -50.63
N LYS A 220 -13.72 -11.49 -51.55
CA LYS A 220 -13.94 -11.46 -52.99
C LYS A 220 -14.23 -10.06 -53.58
N ALA A 221 -14.06 -9.00 -52.80
CA ALA A 221 -14.25 -7.65 -53.29
C ALA A 221 -12.89 -7.06 -53.58
N ASP A 222 -12.77 -6.38 -54.73
CA ASP A 222 -11.50 -5.75 -55.08
C ASP A 222 -11.33 -4.48 -54.24
N PRO A 223 -10.08 -4.17 -53.90
CA PRO A 223 -9.76 -2.95 -53.16
C PRO A 223 -9.71 -1.70 -54.00
N THR A 224 -10.89 -1.16 -54.22
CA THR A 224 -11.15 0.02 -55.08
C THR A 224 -11.90 1.08 -54.36
N SER A 225 -11.73 2.31 -54.89
CA SER A 225 -12.45 3.47 -54.40
C SER A 225 -13.95 3.27 -54.48
N ASP A 226 -14.42 2.88 -55.67
CA ASP A 226 -15.83 2.53 -55.82
C ASP A 226 -16.40 1.50 -54.89
N ASN A 227 -15.64 0.42 -54.63
CA ASN A 227 -16.13 -0.63 -53.70
C ASN A 227 -16.13 -0.17 -52.23
N ILE A 228 -15.27 0.81 -51.90
CA ILE A 228 -15.25 1.31 -50.59
C ILE A 228 -16.50 2.20 -50.39
N ALA A 229 -16.82 2.96 -51.42
CA ALA A 229 -17.82 4.04 -51.40
C ALA A 229 -19.19 3.41 -51.31
N LYS A 230 -19.30 2.19 -51.84
CA LYS A 230 -20.51 1.34 -51.82
C LYS A 230 -20.51 0.29 -50.69
N HIS A 231 -19.44 0.28 -49.91
CA HIS A 231 -19.30 -0.69 -48.83
C HIS A 231 -19.29 -2.15 -49.29
N THR A 232 -18.92 -2.44 -50.52
CA THR A 232 -18.75 -3.84 -50.89
C THR A 232 -17.37 -4.32 -50.44
N TYR A 233 -16.40 -3.41 -50.42
CA TYR A 233 -15.10 -3.73 -49.80
C TYR A 233 -15.09 -3.30 -48.33
N GLN A 234 -14.87 -4.25 -47.43
CA GLN A 234 -15.13 -4.05 -46.04
C GLN A 234 -13.99 -3.26 -45.29
N LEU A 235 -12.71 -3.23 -45.80
CA LEU A 235 -11.63 -2.79 -45.03
C LEU A 235 -11.42 -1.28 -45.21
N SER A 236 -12.31 -0.55 -44.58
CA SER A 236 -12.24 0.88 -44.65
C SER A 236 -12.70 1.44 -43.31
N ARG A 237 -12.32 2.66 -43.06
CA ARG A 237 -12.70 3.28 -41.81
C ARG A 237 -13.21 4.68 -42.15
N PRO A 238 -14.13 5.18 -41.34
CA PRO A 238 -14.66 6.51 -41.54
C PRO A 238 -13.78 7.61 -40.98
N PHE A 239 -13.72 8.79 -41.61
CA PHE A 239 -13.20 9.97 -40.97
C PHE A 239 -14.45 10.77 -40.59
N LEU A 240 -14.82 10.82 -39.32
CA LEU A 240 -15.97 11.55 -38.82
C LEU A 240 -15.60 12.84 -38.23
N ILE A 241 -16.50 13.79 -38.38
CA ILE A 241 -16.44 15.12 -37.82
C ILE A 241 -17.66 15.26 -36.87
N LEU A 242 -17.35 15.63 -35.63
CA LEU A 242 -18.30 15.74 -34.52
C LEU A 242 -18.34 17.19 -34.07
N HIS A 243 -19.56 17.69 -33.77
CA HIS A 243 -19.72 19.08 -33.29
C HIS A 243 -21.14 19.23 -32.77
N TYR A 244 -21.40 20.27 -32.01
CA TYR A 244 -22.77 20.50 -31.44
C TYR A 244 -23.55 21.42 -32.36
N SER A 245 -24.23 20.86 -33.35
CA SER A 245 -24.74 21.67 -34.49
C SER A 245 -25.56 22.88 -33.99
N ASP A 246 -26.33 22.61 -32.93
CA ASP A 246 -27.21 23.59 -32.33
C ASP A 246 -26.39 24.63 -31.54
N ASN A 247 -25.70 24.17 -30.49
CA ASN A 247 -25.08 25.06 -29.53
C ASN A 247 -23.70 25.56 -30.02
N ALA A 248 -23.43 25.52 -31.33
CA ALA A 248 -22.14 26.02 -31.85
C ALA A 248 -22.19 27.50 -32.31
N ASP A 249 -21.06 28.18 -32.09
CA ASP A 249 -20.90 29.57 -32.53
C ASP A 249 -20.77 29.65 -34.05
N GLU A 250 -20.86 30.86 -34.60
CA GLU A 250 -20.85 31.03 -36.05
C GLU A 250 -19.54 30.65 -36.75
N GLN A 251 -18.38 30.93 -36.13
CA GLN A 251 -17.10 30.61 -36.79
C GLN A 251 -17.04 29.06 -36.98
N THR A 252 -17.39 28.29 -35.95
CA THR A 252 -17.55 26.83 -36.05
C THR A 252 -18.52 26.44 -37.21
N LYS A 253 -19.71 27.03 -37.29
CA LYS A 253 -20.64 26.67 -38.36
C LYS A 253 -20.07 26.97 -39.76
N GLU A 254 -19.38 28.08 -39.91
CA GLU A 254 -18.72 28.41 -41.13
C GLU A 254 -17.58 27.41 -41.53
N PHE A 255 -16.81 26.96 -40.57
CA PHE A 255 -15.79 25.95 -40.91
C PHE A 255 -16.46 24.59 -41.28
N ILE A 256 -17.46 24.21 -40.55
CA ILE A 256 -18.23 22.99 -40.87
C ILE A 256 -18.83 23.04 -42.29
N ALA A 257 -19.48 24.15 -42.63
CA ALA A 257 -19.85 24.34 -44.03
C ALA A 257 -18.79 24.17 -45.11
N PHE A 258 -17.66 24.78 -44.88
CA PHE A 258 -16.52 24.60 -45.76
C PHE A 258 -16.11 23.10 -45.92
N LEU A 259 -16.21 22.32 -44.81
CA LEU A 259 -15.81 20.93 -44.84
C LEU A 259 -16.74 20.13 -45.71
N LYS A 260 -17.93 20.67 -45.95
CA LYS A 260 -18.95 20.07 -46.76
C LYS A 260 -19.01 20.58 -48.21
N SER A 261 -18.15 21.54 -48.48
CA SER A 261 -18.08 22.24 -49.75
C SER A 261 -17.27 21.46 -50.83
N GLU A 262 -17.53 21.76 -52.09
CA GLU A 262 -16.80 21.12 -53.13
C GLU A 262 -15.33 21.35 -53.07
N SER A 263 -14.90 22.57 -52.68
CA SER A 263 -13.50 22.94 -52.61
C SER A 263 -12.72 22.02 -51.62
N ALA A 264 -13.42 21.73 -50.55
CA ALA A 264 -12.87 20.81 -49.56
C ALA A 264 -12.88 19.35 -50.08
N LYS A 265 -13.99 18.93 -50.63
CA LYS A 265 -14.09 17.55 -51.20
C LYS A 265 -13.05 17.19 -52.32
N LYS A 266 -12.79 18.23 -53.17
CA LYS A 266 -11.85 18.13 -54.27
C LYS A 266 -10.46 17.75 -53.59
N LEU A 267 -10.18 18.51 -52.52
CA LEU A 267 -8.89 18.31 -51.82
C LEU A 267 -8.86 16.95 -51.17
N ILE A 268 -9.95 16.59 -50.53
CA ILE A 268 -10.07 15.24 -49.88
C ILE A 268 -9.81 14.09 -50.86
N VAL A 269 -10.48 14.11 -52.03
CA VAL A 269 -10.38 13.15 -53.09
C VAL A 269 -8.95 13.08 -53.67
N GLU A 270 -8.39 14.24 -53.89
CA GLU A 270 -7.11 14.27 -54.50
C GLU A 270 -6.05 13.67 -53.66
N TYR A 271 -6.22 13.73 -52.34
CA TYR A 271 -5.27 13.02 -51.43
C TYR A 271 -5.52 11.52 -51.22
N GLY A 272 -6.44 10.97 -51.94
CA GLY A 272 -6.71 9.52 -51.94
C GLY A 272 -7.75 9.10 -50.95
N TYR A 273 -8.57 10.03 -50.39
CA TYR A 273 -9.63 9.58 -49.53
C TYR A 273 -10.90 9.47 -50.36
N ILE A 274 -11.90 8.83 -49.85
CA ILE A 274 -13.07 8.36 -50.66
C ILE A 274 -14.36 8.99 -50.19
N PRO A 276 -18.18 9.22 -49.42
CA PRO A 276 -19.29 8.30 -49.12
C PRO A 276 -20.32 8.14 -50.29
N GLU B 29 -6.05 3.24 -15.23
CA GLU B 29 -5.02 3.61 -16.28
C GLU B 29 -4.25 4.88 -15.85
N ILE B 30 -2.91 4.89 -15.93
CA ILE B 30 -2.14 6.15 -15.87
C ILE B 30 -1.80 6.59 -17.28
N THR B 31 -2.13 7.83 -17.66
CA THR B 31 -2.01 8.30 -19.03
C THR B 31 -0.82 9.27 -18.98
N ILE B 32 0.25 8.95 -19.72
CA ILE B 32 1.39 9.92 -19.83
C ILE B 32 1.55 10.31 -21.29
N SER B 33 1.48 11.62 -21.56
CA SER B 33 1.32 12.18 -22.85
C SER B 33 2.28 13.30 -23.10
N GLY B 34 2.84 13.32 -24.29
CA GLY B 34 3.67 14.43 -24.67
C GLY B 34 4.66 14.12 -25.73
N SER B 35 5.82 14.79 -25.64
CA SER B 35 6.82 14.69 -26.63
C SER B 35 7.08 13.29 -27.17
N THR B 36 7.12 13.15 -28.49
CA THR B 36 7.44 11.90 -29.14
C THR B 36 8.87 11.42 -28.92
N SER B 37 9.76 12.38 -28.68
CA SER B 37 11.16 11.99 -28.40
C SER B 37 11.23 11.36 -27.06
N VAL B 38 10.42 11.83 -26.11
CA VAL B 38 10.42 11.18 -24.83
C VAL B 38 9.63 9.88 -24.85
N ALA B 39 8.55 9.87 -25.64
CA ALA B 39 7.67 8.70 -25.71
C ALA B 39 8.41 7.51 -26.19
N ARG B 40 9.45 7.72 -27.01
CA ARG B 40 10.21 6.63 -27.55
C ARG B 40 10.86 5.84 -26.48
N ILE B 41 11.51 6.48 -25.48
CA ILE B 41 12.07 5.79 -24.32
C ILE B 41 10.99 5.43 -23.27
N ASP B 43 8.09 4.33 -23.82
CA ASP B 43 7.45 2.99 -24.17
C ASP B 43 8.19 1.85 -23.50
N VAL B 44 9.52 1.92 -23.51
CA VAL B 44 10.35 0.91 -22.88
C VAL B 44 10.16 0.90 -21.34
N LEU B 45 10.13 2.07 -20.70
CA LEU B 45 10.02 2.15 -19.26
C LEU B 45 8.66 1.65 -18.83
N ALA B 46 7.64 2.00 -19.60
CA ALA B 46 6.31 1.68 -19.22
C ALA B 46 6.11 0.14 -19.40
N GLU B 47 6.63 -0.43 -20.48
CA GLU B 47 6.49 -1.88 -20.65
C GLU B 47 7.15 -2.61 -19.44
N LYS B 48 8.33 -2.17 -19.00
CA LYS B 48 8.96 -2.75 -17.79
C LYS B 48 8.03 -2.63 -16.60
N TYR B 49 7.60 -1.41 -16.30
CA TYR B 49 6.77 -1.14 -15.17
C TYR B 49 5.49 -1.98 -15.21
N ASN B 50 4.76 -1.91 -16.31
CA ASN B 50 3.50 -2.64 -16.51
C ASN B 50 3.68 -4.12 -16.16
N GLN B 51 4.84 -4.67 -16.49
CA GLN B 51 5.10 -6.05 -16.15
C GLN B 51 5.18 -6.31 -14.62
N GLN B 52 5.91 -5.48 -13.89
CA GLN B 52 6.06 -5.61 -12.43
C GLN B 52 4.86 -5.04 -11.58
N HIS B 53 3.88 -4.43 -12.24
CA HIS B 53 2.72 -3.86 -11.53
C HIS B 53 1.46 -4.14 -12.34
N PRO B 54 1.06 -5.41 -12.37
CA PRO B 54 -0.24 -5.81 -12.97
C PRO B 54 -1.50 -5.08 -12.49
N GLU B 55 -1.44 -4.46 -11.32
CA GLU B 55 -2.66 -3.82 -10.79
C GLU B 55 -3.09 -2.62 -11.65
N THR B 56 -2.13 -2.04 -12.38
CA THR B 56 -2.36 -0.83 -13.13
C THR B 56 -1.88 -0.98 -14.59
N TYR B 57 -2.08 0.08 -15.39
CA TYR B 57 -1.52 0.08 -16.74
C TYR B 57 -1.09 1.50 -17.07
N VAL B 58 0.17 1.64 -17.50
CA VAL B 58 0.64 2.94 -18.02
C VAL B 58 0.52 3.00 -19.51
N ALA B 59 -0.20 3.97 -19.98
CA ALA B 59 -0.41 4.20 -21.37
C ALA B 59 0.39 5.46 -21.80
N VAL B 60 1.17 5.30 -22.82
CA VAL B 60 2.07 6.34 -23.33
C VAL B 60 1.57 6.86 -24.63
N GLN B 61 1.38 8.19 -24.75
CA GLN B 61 0.84 8.86 -25.91
C GLN B 61 1.90 9.84 -26.42
N GLY B 62 2.45 9.61 -27.62
CA GLY B 62 3.34 10.58 -28.20
C GLY B 62 2.58 11.58 -29.07
N VAL B 63 2.38 12.75 -28.53
CA VAL B 63 1.56 13.81 -29.20
C VAL B 63 2.25 15.14 -29.33
N GLY B 64 3.52 15.23 -28.84
CA GLY B 64 4.18 16.52 -28.74
C GLY B 64 4.10 17.19 -27.41
N SER B 65 5.17 17.93 -27.07
CA SER B 65 5.29 18.60 -25.76
C SER B 65 4.13 19.52 -25.50
N THR B 66 3.81 20.35 -26.49
CA THR B 66 2.77 21.35 -26.31
C THR B 66 1.41 20.70 -25.99
N ALA B 67 1.06 19.72 -26.80
CA ALA B 67 -0.19 19.00 -26.61
C ALA B 67 -0.16 18.27 -25.30
N GLY B 68 0.96 17.71 -24.89
CA GLY B 68 1.03 16.97 -23.67
C GLY B 68 0.79 17.84 -22.40
N ILE B 69 1.32 19.06 -22.45
CA ILE B 69 1.09 20.02 -21.40
C ILE B 69 -0.43 20.37 -21.35
N SER B 70 -1.02 20.54 -22.53
CA SER B 70 -2.43 20.93 -22.64
C SER B 70 -3.32 19.82 -22.14
N LEU B 71 -2.99 18.57 -22.49
CA LEU B 71 -3.81 17.42 -22.09
C LEU B 71 -3.73 17.23 -20.58
N LEU B 72 -2.56 17.51 -20.01
CA LEU B 72 -2.41 17.55 -18.56
C LEU B 72 -3.27 18.60 -17.91
N LYS B 73 -3.24 19.80 -18.40
CA LYS B 73 -4.01 20.89 -17.74
C LYS B 73 -5.52 20.71 -17.88
N LYS B 74 -5.93 20.05 -18.97
CA LYS B 74 -7.36 19.83 -19.24
C LYS B 74 -7.86 18.53 -18.61
N GLY B 75 -7.01 17.78 -17.90
CA GLY B 75 -7.39 16.56 -17.20
C GLY B 75 -7.53 15.29 -18.04
N VAL B 76 -6.96 15.34 -19.24
CA VAL B 76 -6.99 14.23 -20.16
C VAL B 76 -5.77 13.26 -19.96
N ALA B 77 -4.62 13.80 -19.50
CA ALA B 77 -3.45 13.01 -19.20
C ALA B 77 -3.19 13.24 -17.75
N ASP B 78 -2.61 12.28 -17.11
CA ASP B 78 -2.20 12.32 -15.71
C ASP B 78 -0.76 12.90 -15.54
N ILE B 79 0.07 12.68 -16.58
CA ILE B 79 1.49 13.09 -16.55
C ILE B 79 1.81 13.61 -17.94
N ALA B 80 2.54 14.73 -18.06
CA ALA B 80 3.07 15.24 -19.33
C ALA B 80 4.56 14.91 -19.44
N THR B 82 7.84 16.42 -21.81
CA THR B 82 8.29 17.36 -22.82
C THR B 82 9.80 17.17 -23.13
N SER B 83 10.24 17.79 -24.18
CA SER B 83 11.63 17.76 -24.63
C SER B 83 12.12 19.20 -24.77
N ARG B 84 11.55 19.99 -23.94
CA ARG B 84 11.87 21.41 -23.85
C ARG B 84 11.43 21.97 -22.53
N TYR B 85 11.99 23.12 -22.09
CA TYR B 85 11.42 23.79 -20.93
C TYR B 85 10.07 24.48 -21.16
N LEU B 86 9.32 24.57 -20.11
CA LEU B 86 7.98 25.21 -20.16
C LEU B 86 8.15 26.66 -20.36
N THR B 87 7.29 27.27 -21.19
CA THR B 87 7.29 28.74 -21.24
C THR B 87 6.61 29.35 -20.02
N GLU B 88 6.67 30.68 -19.92
CA GLU B 88 6.09 31.31 -18.73
C GLU B 88 4.54 31.11 -18.56
N SER B 89 3.77 31.14 -19.66
CA SER B 89 2.31 30.84 -19.60
C SER B 89 2.01 29.42 -19.17
N GLU B 90 2.89 28.49 -19.54
CA GLU B 90 2.67 27.07 -19.18
C GLU B 90 2.99 26.74 -17.74
N ALA B 91 3.99 27.44 -17.15
CA ALA B 91 4.40 27.10 -15.76
C ALA B 91 3.28 27.31 -14.74
N GLN B 92 3.15 26.43 -13.77
CA GLN B 92 2.27 26.59 -12.64
C GLN B 92 2.93 26.19 -11.34
N ASN B 93 2.60 26.94 -10.30
CA ASN B 93 3.00 26.61 -8.95
C ASN B 93 2.67 25.25 -8.45
N THR B 94 1.52 24.68 -8.89
CA THR B 94 1.08 23.37 -8.51
C THR B 94 1.66 22.25 -9.44
N LEU B 95 2.36 22.61 -10.51
CA LEU B 95 3.03 21.51 -11.37
C LEU B 95 4.35 21.15 -10.75
N HIS B 96 4.58 19.89 -10.53
CA HIS B 96 5.86 19.31 -10.20
C HIS B 96 6.57 18.96 -11.58
N THR B 97 7.86 19.27 -11.63
CA THR B 97 8.71 18.95 -12.79
C THR B 97 9.90 18.23 -12.26
N PHE B 98 10.32 17.14 -12.90
CA PHE B 98 11.64 16.63 -12.75
C PHE B 98 12.20 16.29 -14.12
N THR B 99 13.52 16.16 -14.18
CA THR B 99 14.22 15.80 -15.40
C THR B 99 14.52 14.34 -15.44
N LEU B 100 13.85 13.61 -16.38
CA LEU B 100 14.13 12.23 -16.65
C LEU B 100 15.53 11.87 -17.15
N ALA B 101 16.00 12.74 -18.01
CA ALA B 101 17.23 12.61 -18.73
C ALA B 101 17.49 13.82 -19.53
N PHE B 102 18.70 13.87 -20.10
CA PHE B 102 19.07 14.82 -21.12
C PHE B 102 19.41 14.16 -22.44
N ASP B 103 19.23 14.90 -23.54
CA ASP B 103 19.70 14.42 -24.85
C ASP B 103 20.39 15.54 -25.54
N GLY B 104 21.24 15.14 -26.47
CA GLY B 104 21.99 16.11 -27.24
C GLY B 104 21.54 16.08 -28.71
N LEU B 105 21.47 17.24 -29.34
CA LEU B 105 21.25 17.34 -30.83
C LEU B 105 22.58 17.63 -31.51
N ALA B 106 23.04 16.75 -32.38
CA ALA B 106 24.25 16.91 -33.17
C ALA B 106 23.89 17.68 -34.43
N ILE B 107 24.77 18.60 -34.88
CA ILE B 107 24.73 19.10 -36.19
C ILE B 107 25.60 18.25 -37.11
N VAL B 108 25.00 17.81 -38.26
CA VAL B 108 25.70 16.90 -39.14
C VAL B 108 25.83 17.49 -40.52
N VAL B 109 26.99 17.19 -41.16
CA VAL B 109 27.30 17.59 -42.50
C VAL B 109 27.83 16.36 -43.22
N ASN B 110 27.99 16.57 -44.54
CA ASN B 110 28.61 15.52 -45.34
C ASN B 110 30.09 15.38 -44.99
N GLN B 111 30.52 14.17 -45.06
CA GLN B 111 31.90 13.84 -44.72
C GLN B 111 32.96 14.69 -45.43
N ALA B 112 32.66 15.18 -46.63
CA ALA B 112 33.61 15.94 -47.40
C ALA B 112 33.61 17.42 -47.00
N ASN B 113 32.70 17.82 -46.08
CA ASN B 113 32.60 19.22 -45.76
C ASN B 113 33.72 19.60 -44.79
N PRO B 114 34.56 20.58 -45.16
CA PRO B 114 35.72 20.83 -44.29
C PRO B 114 35.33 21.58 -42.99
N VAL B 115 34.12 22.14 -42.87
CA VAL B 115 33.68 22.81 -41.63
C VAL B 115 33.70 21.85 -40.44
N THR B 116 34.22 22.33 -39.30
CA THR B 116 34.39 21.47 -38.11
C THR B 116 33.58 22.00 -36.89
N ASN B 117 33.08 23.20 -37.07
CA ASN B 117 32.41 24.02 -36.06
C ASN B 117 31.50 25.02 -36.65
N LEU B 118 30.43 25.23 -35.93
CA LEU B 118 29.59 26.42 -36.12
C LEU B 118 29.22 27.13 -34.85
N THR B 119 29.08 28.48 -34.89
CA THR B 119 28.63 29.19 -33.70
C THR B 119 27.12 29.27 -33.73
N ARG B 120 26.44 29.73 -32.66
CA ARG B 120 25.04 30.00 -32.69
C ARG B 120 24.66 30.99 -33.77
N GLU B 121 25.40 32.10 -33.88
CA GLU B 121 25.04 33.08 -34.90
C GLU B 121 25.04 32.47 -36.32
N GLN B 122 26.06 31.70 -36.61
CA GLN B 122 26.20 31.07 -37.90
C GLN B 122 25.10 30.04 -38.16
N LEU B 123 24.89 29.11 -37.22
CA LEU B 123 23.76 28.15 -37.43
C LEU B 123 22.41 28.76 -37.50
N TYR B 124 22.14 29.78 -36.71
CA TYR B 124 20.85 30.50 -36.76
C TYR B 124 20.66 31.18 -38.16
N GLY B 125 21.72 31.78 -38.64
CA GLY B 125 21.78 32.49 -39.93
C GLY B 125 21.54 31.51 -41.07
N ILE B 126 22.14 30.34 -40.95
CA ILE B 126 21.89 29.24 -41.94
C ILE B 126 20.44 28.81 -41.90
N TYR B 127 19.84 28.48 -40.75
CA TYR B 127 18.48 27.91 -40.66
C TYR B 127 17.41 28.95 -40.94
N LYS B 128 17.75 30.24 -40.76
CA LYS B 128 16.91 31.33 -41.17
C LYS B 128 16.97 31.62 -42.68
N GLY B 129 17.96 31.15 -43.37
CA GLY B 129 18.06 31.37 -44.77
C GLY B 129 18.89 32.62 -45.12
N GLN B 130 19.41 33.34 -44.11
CA GLN B 130 20.27 34.51 -44.23
C GLN B 130 21.65 34.19 -44.77
N ILE B 131 22.30 33.12 -44.32
CA ILE B 131 23.59 32.73 -44.73
C ILE B 131 23.39 31.59 -45.74
N THR B 132 23.78 31.78 -46.99
CA THR B 132 23.33 30.86 -48.05
C THR B 132 24.42 30.01 -48.63
N ASN B 133 25.66 30.30 -48.34
CA ASN B 133 26.81 29.66 -48.86
C ASN B 133 27.81 29.23 -47.83
N TRP B 134 28.24 28.00 -47.91
CA TRP B 134 29.30 27.44 -47.04
C TRP B 134 30.53 28.39 -46.91
N LYS B 135 30.86 29.15 -47.98
CA LYS B 135 32.06 30.01 -47.91
C LYS B 135 31.88 31.03 -46.75
N GLN B 136 30.66 31.41 -46.42
CA GLN B 136 30.42 32.44 -45.44
C GLN B 136 30.71 32.01 -44.00
N VAL B 137 30.78 30.70 -43.80
CA VAL B 137 31.24 30.11 -42.56
C VAL B 137 32.49 29.25 -42.65
N GLY B 138 33.42 29.55 -43.57
CA GLY B 138 34.71 28.88 -43.64
C GLY B 138 34.83 27.63 -44.48
N GLY B 139 33.77 27.30 -45.22
CA GLY B 139 33.81 26.05 -45.99
C GLY B 139 34.01 26.37 -47.47
N ASN B 140 33.53 25.48 -48.29
CA ASN B 140 33.73 25.58 -49.74
C ASN B 140 32.73 26.51 -50.33
N ASP B 141 33.03 27.02 -51.51
CA ASP B 141 32.13 27.86 -52.17
C ASP B 141 30.98 27.05 -52.85
N GLN B 142 29.87 26.98 -52.13
CA GLN B 142 28.70 26.12 -52.49
C GLN B 142 27.45 26.49 -51.72
N LYS B 143 26.31 26.58 -52.39
CA LYS B 143 25.03 26.96 -51.77
C LYS B 143 24.65 25.88 -50.77
N ILE B 144 24.23 26.30 -49.61
CA ILE B 144 23.85 25.34 -48.54
C ILE B 144 22.41 24.77 -48.85
N ALA B 145 22.23 23.45 -48.61
CA ALA B 145 20.89 22.88 -48.50
C ALA B 145 20.59 22.66 -47.01
N VAL B 146 19.60 23.37 -46.52
CA VAL B 146 19.14 23.34 -45.11
C VAL B 146 18.18 22.17 -44.94
N VAL B 147 18.49 21.20 -44.13
CA VAL B 147 17.56 20.08 -43.95
C VAL B 147 16.98 20.11 -42.51
N THR B 148 15.71 19.82 -42.43
CA THR B 148 15.00 19.76 -41.15
C THR B 148 14.12 18.55 -41.10
N ARG B 149 13.34 18.37 -40.02
CA ARG B 149 12.42 17.30 -39.85
C ARG B 149 10.99 17.74 -40.07
N GLU B 150 10.11 16.76 -40.11
CA GLU B 150 8.71 16.96 -40.28
C GLU B 150 8.14 17.81 -39.18
N ALA B 151 6.97 18.33 -39.45
CA ALA B 151 6.29 19.28 -38.57
C ALA B 151 6.00 18.76 -37.13
N SER B 152 5.80 17.49 -37.02
CA SER B 152 5.49 16.77 -35.74
C SER B 152 6.71 16.26 -35.01
N SER B 153 7.91 16.51 -35.56
CA SER B 153 9.10 15.89 -34.96
C SER B 153 9.49 16.61 -33.68
N GLY B 154 9.70 15.84 -32.64
CA GLY B 154 10.20 16.31 -31.32
C GLY B 154 11.60 16.86 -31.48
N THR B 155 12.43 16.19 -32.30
CA THR B 155 13.77 16.68 -32.58
C THR B 155 13.69 18.14 -33.08
N ARG B 156 12.81 18.37 -34.04
CA ARG B 156 12.71 19.65 -34.63
C ARG B 156 12.15 20.67 -33.65
N TYR B 157 11.12 20.30 -32.90
CA TYR B 157 10.58 21.24 -31.87
C TYR B 157 11.72 21.64 -30.90
N SER B 158 12.54 20.65 -30.45
CA SER B 158 13.64 20.96 -29.51
C SER B 158 14.66 21.84 -30.11
N PHE B 159 15.09 21.50 -31.32
CA PHE B 159 16.04 22.32 -32.09
C PHE B 159 15.61 23.73 -32.26
N GLU B 160 14.37 23.93 -32.69
CA GLU B 160 13.92 25.31 -32.96
C GLU B 160 13.82 26.09 -31.61
N SER B 161 13.46 25.39 -30.55
CA SER B 161 13.43 26.05 -29.22
C SER B 161 14.83 26.50 -28.77
N LEU B 162 15.77 25.57 -28.84
CA LEU B 162 17.16 25.88 -28.45
C LEU B 162 17.78 27.00 -29.26
N GLY B 164 16.09 29.47 -30.98
CA GLY B 164 15.28 30.65 -31.17
C GLY B 164 14.71 30.80 -32.56
N LEU B 165 14.45 29.64 -33.17
CA LEU B 165 13.90 29.64 -34.54
C LEU B 165 12.38 29.63 -34.61
N THR B 166 11.70 30.13 -33.58
CA THR B 166 10.24 30.31 -33.65
C THR B 166 9.90 31.78 -33.41
N LYS B 167 8.65 32.14 -33.71
CA LYS B 167 8.00 33.38 -33.28
C LYS B 167 6.84 33.05 -32.34
N ARG B 172 1.30 30.62 -28.46
CA ARG B 172 1.58 29.80 -29.64
C ARG B 172 2.93 30.17 -30.31
N GLU B 173 3.87 29.20 -30.36
CA GLU B 173 5.13 29.36 -31.10
C GLU B 173 4.99 28.76 -32.49
N VAL B 174 5.44 29.48 -33.51
CA VAL B 174 5.33 29.04 -34.90
C VAL B 174 6.75 28.92 -35.50
N SER B 175 7.07 27.84 -36.24
CA SER B 175 8.40 27.73 -36.92
C SER B 175 8.78 28.93 -37.78
N ASP B 176 9.96 29.49 -37.59
CA ASP B 176 10.56 30.56 -38.34
C ASP B 176 11.84 30.21 -39.23
N VAL B 177 12.00 28.92 -39.50
CA VAL B 177 13.06 28.39 -40.36
C VAL B 177 12.76 28.76 -41.82
N ALA B 178 13.78 29.08 -42.57
CA ALA B 178 13.73 29.35 -44.04
C ALA B 178 12.70 28.47 -44.76
N PRO B 179 11.72 29.00 -45.50
CA PRO B 179 10.78 28.10 -46.16
C PRO B 179 11.49 27.34 -47.27
N THR B 180 12.73 27.66 -47.63
CA THR B 180 13.47 26.76 -48.55
C THR B 180 14.14 25.51 -47.93
N ALA B 181 14.08 25.39 -46.61
CA ALA B 181 14.52 24.16 -45.89
C ALA B 181 13.82 22.91 -46.48
N LEU B 182 14.58 21.86 -46.55
CA LEU B 182 14.08 20.57 -47.00
C LEU B 182 13.68 19.72 -45.84
N VAL B 183 12.54 19.09 -45.95
CA VAL B 183 12.06 18.24 -44.89
C VAL B 183 12.32 16.79 -45.19
N VAL B 184 12.90 16.06 -44.21
CA VAL B 184 12.93 14.63 -44.13
C VAL B 184 12.21 14.17 -42.86
N ASN B 185 11.84 12.90 -42.85
CA ASN B 185 10.92 12.37 -41.87
C ASN B 185 11.42 11.30 -40.96
N SER B 186 12.79 11.21 -40.84
CA SER B 186 13.39 10.21 -39.95
C SER B 186 14.83 10.52 -39.84
N ASN B 187 15.44 10.07 -38.75
CA ASN B 187 16.89 10.10 -38.61
C ASN B 187 17.55 9.39 -39.75
N SER B 188 17.04 8.23 -40.13
CA SER B 188 17.62 7.39 -41.19
C SER B 188 17.71 8.17 -42.48
N LYS B 191 20.22 11.20 -42.35
CA LYS B 191 21.56 10.75 -42.58
C LYS B 191 21.77 10.39 -44.08
N THR B 192 20.81 9.67 -44.69
CA THR B 192 21.00 9.34 -46.06
C THR B 192 21.00 10.56 -46.93
N LEU B 193 20.20 11.55 -46.65
CA LEU B 193 20.25 12.79 -47.47
C LEU B 193 21.56 13.57 -47.33
N VAL B 194 22.04 13.70 -46.08
CA VAL B 194 23.29 14.35 -45.83
C VAL B 194 24.44 13.54 -46.48
N ASN B 195 24.46 12.23 -46.31
CA ASN B 195 25.47 11.36 -46.91
C ASN B 195 25.53 11.55 -48.38
N HIS B 196 24.39 11.81 -49.03
CA HIS B 196 24.42 11.90 -50.50
C HIS B 196 24.55 13.33 -51.09
N ASN B 197 24.62 14.36 -50.27
CA ASN B 197 24.57 15.73 -50.73
C ASN B 197 25.68 16.52 -50.01
N THR B 198 26.78 16.78 -50.76
CA THR B 198 27.87 17.48 -50.16
C THR B 198 27.45 18.78 -49.59
N GLN B 199 26.44 19.43 -50.08
CA GLN B 199 25.97 20.77 -49.63
C GLN B 199 25.11 20.83 -48.33
N ALA B 200 24.66 19.66 -47.85
CA ALA B 200 23.63 19.65 -46.88
C ALA B 200 24.10 19.78 -45.44
N VAL B 201 23.25 20.38 -44.64
CA VAL B 201 23.42 20.41 -43.17
C VAL B 201 22.11 19.93 -42.54
N GLY B 202 22.18 19.20 -41.47
CA GLY B 202 21.02 18.81 -40.65
C GLY B 202 21.28 18.63 -39.20
N PHE B 203 20.35 18.11 -38.45
CA PHE B 203 20.48 17.91 -37.03
C PHE B 203 19.81 16.55 -36.73
N ILE B 204 20.26 15.98 -35.68
CA ILE B 204 19.91 14.62 -35.30
C ILE B 204 20.29 14.41 -33.83
N SER B 205 19.46 13.61 -33.09
CA SER B 205 19.81 13.19 -31.76
C SER B 205 21.09 12.42 -31.74
N ILE B 206 21.96 12.73 -30.80
CA ILE B 206 23.24 12.21 -30.90
C ILE B 206 23.38 10.70 -30.94
N GLY B 207 22.55 10.02 -30.20
CA GLY B 207 22.60 8.56 -30.19
C GLY B 207 22.37 7.93 -31.55
N SER B 208 21.84 8.72 -32.48
CA SER B 208 21.51 8.20 -33.78
C SER B 208 22.53 8.63 -34.82
N VAL B 209 23.60 9.34 -34.45
CA VAL B 209 24.77 9.57 -35.31
C VAL B 209 25.51 8.30 -35.67
N ASP B 210 25.87 8.12 -36.94
CA ASP B 210 26.74 7.03 -37.35
C ASP B 210 27.77 7.58 -38.35
N LYS B 211 28.62 6.74 -38.90
CA LYS B 211 29.72 7.21 -39.74
C LYS B 211 29.33 7.62 -41.13
N SER B 212 28.02 7.53 -41.45
CA SER B 212 27.59 8.01 -42.79
C SER B 212 27.57 9.53 -42.90
N VAL B 213 27.60 10.20 -41.74
CA VAL B 213 27.65 11.67 -41.70
C VAL B 213 28.70 12.11 -40.74
N LYS B 214 29.03 13.36 -40.77
CA LYS B 214 30.05 13.99 -39.88
C LYS B 214 29.40 14.97 -38.94
N ALA B 215 29.47 14.64 -37.67
CA ALA B 215 29.01 15.51 -36.62
C ALA B 215 30.13 16.58 -36.40
N ILE B 216 29.73 17.83 -36.35
CA ILE B 216 30.63 18.89 -36.05
C ILE B 216 30.42 19.47 -34.65
N GLN B 217 31.35 20.33 -34.24
CA GLN B 217 31.15 21.06 -33.03
C GLN B 217 30.16 22.18 -33.13
N PHE B 218 29.47 22.50 -32.01
CA PHE B 218 28.65 23.68 -31.87
C PHE B 218 29.32 24.55 -30.77
N GLU B 219 29.68 25.76 -31.16
CA GLU B 219 30.43 26.68 -30.25
C GLU B 219 31.58 25.97 -29.60
N LYS B 220 32.35 25.26 -30.43
CA LYS B 220 33.57 24.60 -30.06
C LYS B 220 33.46 23.42 -29.11
N ALA B 221 32.22 22.91 -28.91
CA ALA B 221 32.04 21.73 -28.13
C ALA B 221 31.46 20.59 -28.93
N ASP B 222 31.96 19.41 -28.65
CA ASP B 222 31.33 18.23 -29.18
C ASP B 222 30.19 17.70 -28.32
N PRO B 223 29.21 16.98 -28.94
CA PRO B 223 28.09 16.44 -28.21
C PRO B 223 28.36 15.19 -27.38
N THR B 224 29.38 15.19 -26.57
CA THR B 224 29.68 14.06 -25.77
C THR B 224 28.74 14.02 -24.55
N SER B 225 28.64 12.87 -23.90
CA SER B 225 27.89 12.69 -22.69
C SER B 225 28.32 13.67 -21.60
N ASP B 226 29.63 13.83 -21.49
CA ASP B 226 30.16 14.62 -20.42
C ASP B 226 29.80 16.07 -20.73
N ASN B 227 29.90 16.49 -21.98
CA ASN B 227 29.64 17.88 -22.31
C ASN B 227 28.18 18.19 -22.13
N ILE B 228 27.33 17.17 -22.42
CA ILE B 228 25.88 17.34 -22.14
C ILE B 228 25.56 17.42 -20.67
N ALA B 229 26.04 16.45 -19.92
CA ALA B 229 25.80 16.37 -18.49
C ALA B 229 26.24 17.62 -17.75
N LYS B 230 27.40 18.14 -18.14
CA LYS B 230 28.05 19.29 -17.50
C LYS B 230 27.51 20.67 -17.95
N HIS B 231 26.62 20.64 -18.94
CA HIS B 231 25.95 21.80 -19.50
C HIS B 231 26.95 22.69 -20.28
N THR B 232 27.99 22.11 -20.88
CA THR B 232 28.89 22.78 -21.84
C THR B 232 28.34 22.81 -23.28
N TYR B 233 27.71 21.69 -23.64
CA TYR B 233 27.16 21.53 -25.01
C TYR B 233 25.80 22.16 -25.05
N GLN B 234 25.67 23.15 -25.90
CA GLN B 234 24.64 24.13 -25.89
C GLN B 234 23.41 23.63 -26.68
N LEU B 235 23.53 22.51 -27.34
CA LEU B 235 22.26 21.97 -28.02
C LEU B 235 21.81 20.73 -27.29
N SER B 236 21.72 20.85 -25.97
CA SER B 236 21.21 19.82 -25.10
C SER B 236 19.80 20.15 -24.80
N ARG B 237 18.94 19.12 -24.72
CA ARG B 237 17.55 19.26 -24.40
C ARG B 237 17.24 18.43 -23.21
N PRO B 238 16.34 18.91 -22.38
CA PRO B 238 15.88 18.12 -21.25
C PRO B 238 14.77 17.17 -21.73
N PHE B 239 14.63 16.07 -21.08
CA PHE B 239 13.35 15.29 -21.09
C PHE B 239 12.67 15.52 -19.73
N LEU B 240 11.58 16.29 -19.69
CA LEU B 240 10.91 16.66 -18.43
C LEU B 240 9.66 15.77 -18.26
N ILE B 241 9.37 15.50 -17.01
CA ILE B 241 8.11 14.86 -16.55
C ILE B 241 7.38 15.77 -15.65
N LEU B 242 6.14 16.08 -15.98
CA LEU B 242 5.29 17.02 -15.15
C LEU B 242 4.03 16.36 -14.67
N HIS B 243 3.63 16.68 -13.47
CA HIS B 243 2.34 16.23 -12.98
C HIS B 243 1.90 17.08 -11.79
N TYR B 244 0.63 16.97 -11.44
CA TYR B 244 0.08 17.76 -10.28
C TYR B 244 0.31 16.95 -9.04
N SER B 245 1.41 17.28 -8.35
CA SER B 245 1.90 16.60 -7.18
C SER B 245 0.88 16.73 -6.00
N ASP B 246 0.30 17.91 -5.79
CA ASP B 246 -0.74 18.04 -4.73
C ASP B 246 -1.88 17.09 -5.19
N ASN B 247 -2.49 16.33 -4.31
CA ASN B 247 -3.51 15.36 -4.71
C ASN B 247 -3.10 14.52 -5.99
N ALA B 248 -2.14 13.63 -5.78
CA ALA B 248 -1.75 12.67 -6.79
C ALA B 248 -2.16 11.34 -6.23
N ASP B 249 -3.01 10.63 -6.96
CA ASP B 249 -3.32 9.19 -6.79
C ASP B 249 -2.08 8.45 -6.30
N GLU B 250 -2.23 7.34 -5.60
CA GLU B 250 -1.03 6.60 -5.12
C GLU B 250 -0.39 5.81 -6.27
N GLN B 251 -1.19 5.52 -7.29
CA GLN B 251 -0.73 4.80 -8.46
C GLN B 251 0.28 5.68 -9.22
N THR B 252 -0.09 6.95 -9.38
CA THR B 252 0.74 7.97 -10.06
C THR B 252 2.10 8.12 -9.31
N LYS B 253 2.08 8.13 -7.97
CA LYS B 253 3.31 8.28 -7.19
C LYS B 253 4.21 7.11 -7.36
N GLU B 254 3.65 5.93 -7.35
CA GLU B 254 4.48 4.77 -7.43
C GLU B 254 5.23 4.77 -8.80
N PHE B 255 4.52 5.17 -9.85
CA PHE B 255 5.09 5.26 -11.21
C PHE B 255 6.14 6.36 -11.33
N ILE B 256 5.82 7.55 -10.83
CA ILE B 256 6.75 8.68 -10.80
C ILE B 256 8.01 8.19 -10.10
N ALA B 257 7.86 7.46 -8.99
CA ALA B 257 9.01 6.96 -8.24
C ALA B 257 9.87 6.03 -9.02
N PHE B 258 9.21 5.15 -9.75
CA PHE B 258 9.92 4.30 -10.68
C PHE B 258 10.76 5.09 -11.76
N LEU B 259 10.19 6.14 -12.34
CA LEU B 259 10.88 6.89 -13.36
C LEU B 259 12.21 7.51 -12.83
N LYS B 260 12.26 7.72 -11.51
CA LYS B 260 13.47 8.23 -10.82
C LYS B 260 14.42 7.10 -10.29
N SER B 261 14.03 5.84 -10.40
CA SER B 261 14.79 4.72 -9.85
C SER B 261 16.03 4.39 -10.60
N GLU B 262 16.90 3.59 -9.99
CA GLU B 262 18.12 3.12 -10.69
C GLU B 262 17.80 2.19 -11.83
N SER B 263 16.74 1.42 -11.72
CA SER B 263 16.38 0.52 -12.84
C SER B 263 15.95 1.33 -14.08
N ALA B 264 15.16 2.38 -13.86
CA ALA B 264 14.80 3.28 -15.00
C ALA B 264 16.03 3.96 -15.60
N LYS B 265 16.91 4.52 -14.74
CA LYS B 265 18.13 5.19 -15.15
C LYS B 265 19.05 4.28 -15.95
N LYS B 266 19.12 3.02 -15.60
CA LYS B 266 19.93 2.07 -16.32
C LYS B 266 19.44 1.94 -17.75
N LEU B 267 18.13 1.88 -17.91
CA LEU B 267 17.61 1.73 -19.24
C LEU B 267 17.79 2.96 -20.09
N ILE B 268 17.47 4.09 -19.50
CA ILE B 268 17.58 5.38 -20.18
C ILE B 268 18.99 5.52 -20.77
N VAL B 269 19.98 5.19 -19.98
CA VAL B 269 21.37 5.34 -20.41
C VAL B 269 21.73 4.27 -21.44
N GLU B 270 21.23 3.03 -21.28
CA GLU B 270 21.42 1.94 -22.31
C GLU B 270 20.92 2.38 -23.67
N TYR B 271 19.81 3.12 -23.64
CA TYR B 271 19.19 3.63 -24.86
C TYR B 271 19.79 4.93 -25.46
N GLY B 272 20.81 5.47 -24.81
CA GLY B 272 21.57 6.56 -25.41
C GLY B 272 21.38 7.96 -24.81
N TYR B 273 20.55 8.04 -23.79
CA TYR B 273 20.31 9.30 -23.12
C TYR B 273 21.25 9.49 -21.94
N ILE B 274 21.24 10.73 -21.47
CA ILE B 274 22.25 11.23 -20.52
C ILE B 274 21.70 11.56 -19.17
N PRO B 276 21.97 13.56 -15.53
CA PRO B 276 22.49 14.80 -14.96
C PRO B 276 23.99 14.93 -14.53
N SER C 28 -35.30 4.64 -18.08
CA SER C 28 -34.33 5.57 -17.41
C SER C 28 -35.03 6.95 -17.26
N GLU C 29 -34.24 7.98 -16.91
CA GLU C 29 -34.71 9.34 -16.56
C GLU C 29 -34.87 10.25 -17.79
N ILE C 30 -36.07 10.81 -17.96
CA ILE C 30 -36.44 11.75 -19.05
C ILE C 30 -36.51 13.05 -18.24
N THR C 31 -35.72 14.03 -18.60
CA THR C 31 -35.70 15.33 -17.93
C THR C 31 -36.45 16.39 -18.75
N ILE C 32 -37.46 16.99 -18.11
CA ILE C 32 -38.21 18.09 -18.74
C ILE C 32 -37.96 19.28 -17.86
N SER C 33 -37.44 20.31 -18.43
CA SER C 33 -36.97 21.48 -17.63
C SER C 33 -37.46 22.80 -18.25
N GLY C 34 -37.72 23.80 -17.36
CA GLY C 34 -38.16 25.08 -17.88
C GLY C 34 -39.07 25.88 -16.97
N SER C 35 -39.98 26.58 -17.58
CA SER C 35 -40.92 27.47 -16.88
C SER C 35 -41.53 26.87 -15.67
N THR C 36 -41.49 27.63 -14.55
CA THR C 36 -42.07 27.12 -13.30
C THR C 36 -43.60 27.12 -13.32
N SER C 37 -44.24 28.01 -14.15
CA SER C 37 -45.68 27.88 -14.36
C SER C 37 -46.13 26.61 -15.06
N VAL C 38 -45.37 26.22 -16.07
CA VAL C 38 -45.66 24.97 -16.75
C VAL C 38 -45.35 23.82 -15.82
N ALA C 39 -44.25 23.94 -15.10
CA ALA C 39 -43.92 22.85 -14.15
C ALA C 39 -45.06 22.47 -13.22
N ARG C 40 -45.80 23.45 -12.73
CA ARG C 40 -46.94 23.20 -11.84
C ARG C 40 -47.91 22.13 -12.38
N ILE C 41 -48.31 22.25 -13.63
CA ILE C 41 -49.21 21.27 -14.22
C ILE C 41 -48.45 20.04 -14.73
N ASP C 43 -45.99 18.61 -13.25
CA ASP C 43 -45.94 17.68 -12.10
C ASP C 43 -47.10 16.68 -12.06
N VAL C 44 -48.26 17.16 -12.36
CA VAL C 44 -49.48 16.34 -12.28
C VAL C 44 -49.46 15.33 -13.45
N LEU C 45 -49.21 15.85 -14.64
CA LEU C 45 -49.05 15.03 -15.84
C LEU C 45 -47.98 13.94 -15.66
N ALA C 46 -46.81 14.32 -15.24
CA ALA C 46 -45.70 13.37 -15.06
C ALA C 46 -46.02 12.32 -13.98
N GLU C 47 -46.72 12.71 -12.94
CA GLU C 47 -46.95 11.74 -11.82
C GLU C 47 -47.88 10.63 -12.37
N LYS C 48 -48.85 11.02 -13.18
CA LYS C 48 -49.76 10.09 -13.87
C LYS C 48 -48.96 9.16 -14.81
N TYR C 49 -48.12 9.71 -15.66
CA TYR C 49 -47.34 8.92 -16.60
C TYR C 49 -46.42 7.95 -15.87
N ASN C 50 -45.67 8.48 -14.91
CA ASN C 50 -44.81 7.67 -14.07
C ASN C 50 -45.52 6.51 -13.38
N GLN C 51 -46.79 6.71 -13.01
CA GLN C 51 -47.57 5.66 -12.32
C GLN C 51 -47.81 4.51 -13.30
N GLN C 52 -48.14 4.90 -14.53
CA GLN C 52 -48.47 3.99 -15.60
C GLN C 52 -47.21 3.48 -16.37
N HIS C 53 -45.99 3.98 -16.09
CA HIS C 53 -44.78 3.54 -16.82
C HIS C 53 -43.58 3.25 -15.92
N PRO C 54 -43.52 2.07 -15.32
CA PRO C 54 -42.36 1.70 -14.48
C PRO C 54 -40.99 1.59 -15.23
N GLU C 55 -40.97 1.51 -16.55
CA GLU C 55 -39.68 1.47 -17.30
C GLU C 55 -38.94 2.84 -17.33
N THR C 56 -39.68 3.93 -17.14
CA THR C 56 -39.11 5.27 -17.25
C THR C 56 -39.47 6.08 -16.00
N TYR C 57 -38.79 7.19 -15.80
CA TYR C 57 -39.13 8.21 -14.80
C TYR C 57 -38.97 9.54 -15.48
N VAL C 58 -40.06 10.33 -15.54
CA VAL C 58 -40.00 11.78 -15.89
C VAL C 58 -39.70 12.69 -14.67
N ALA C 59 -38.58 13.41 -14.75
CA ALA C 59 -38.11 14.38 -13.76
C ALA C 59 -38.44 15.81 -14.31
N VAL C 60 -39.16 16.59 -13.51
CA VAL C 60 -39.73 17.90 -13.88
C VAL C 60 -38.95 18.94 -13.12
N GLN C 61 -38.35 19.89 -13.83
CA GLN C 61 -37.48 20.86 -13.20
C GLN C 61 -38.00 22.27 -13.56
N GLY C 62 -38.49 22.98 -12.53
CA GLY C 62 -38.89 24.34 -12.68
C GLY C 62 -37.82 25.33 -12.50
N VAL C 63 -37.18 25.75 -13.59
CA VAL C 63 -36.01 26.66 -13.54
C VAL C 63 -36.13 27.92 -14.37
N GLY C 64 -37.32 28.14 -14.95
CA GLY C 64 -37.56 29.26 -15.86
C GLY C 64 -37.35 28.89 -17.30
N SER C 65 -38.12 29.53 -18.18
CA SER C 65 -38.10 29.16 -19.61
C SER C 65 -36.69 29.29 -20.23
N THR C 66 -36.02 30.38 -19.96
CA THR C 66 -34.72 30.69 -20.58
C THR C 66 -33.70 29.61 -20.17
N ALA C 67 -33.66 29.25 -18.88
CA ALA C 67 -32.83 28.13 -18.44
C ALA C 67 -33.18 26.80 -19.05
N GLY C 68 -34.46 26.52 -19.19
CA GLY C 68 -34.94 25.30 -19.78
C GLY C 68 -34.44 25.15 -21.26
N ILE C 69 -34.62 26.20 -22.07
CA ILE C 69 -34.10 26.22 -23.40
C ILE C 69 -32.58 25.94 -23.43
N SER C 70 -31.81 26.59 -22.54
CA SER C 70 -30.38 26.50 -22.50
C SER C 70 -29.97 25.07 -22.03
N LEU C 71 -30.65 24.50 -21.05
CA LEU C 71 -30.39 23.10 -20.68
C LEU C 71 -30.73 22.10 -21.80
N LEU C 72 -31.81 22.35 -22.53
CA LEU C 72 -32.15 21.50 -23.65
C LEU C 72 -30.98 21.54 -24.66
N LYS C 73 -30.49 22.74 -24.91
CA LYS C 73 -29.55 22.93 -26.05
C LYS C 73 -28.23 22.38 -25.63
N LYS C 74 -28.03 22.26 -24.32
CA LYS C 74 -26.69 21.85 -23.85
C LYS C 74 -26.67 20.39 -23.51
N GLY C 75 -27.76 19.67 -23.82
CA GLY C 75 -27.81 18.24 -23.57
C GLY C 75 -28.11 17.84 -22.14
N VAL C 76 -28.45 18.81 -21.29
CA VAL C 76 -28.80 18.51 -19.93
C VAL C 76 -30.25 18.09 -19.77
N ALA C 77 -31.20 18.78 -20.43
CA ALA C 77 -32.56 18.32 -20.51
C ALA C 77 -32.91 17.70 -21.86
N ASP C 78 -33.88 16.78 -21.80
CA ASP C 78 -34.44 16.07 -22.92
C ASP C 78 -35.53 16.88 -23.54
N ILE C 79 -36.18 17.72 -22.71
CA ILE C 79 -37.42 18.41 -23.22
C ILE C 79 -37.44 19.70 -22.46
N ALA C 80 -37.72 20.77 -23.14
CA ALA C 80 -37.88 22.09 -22.50
C ALA C 80 -39.34 22.55 -22.47
N THR C 82 -41.68 26.11 -21.83
CA THR C 82 -41.61 27.54 -21.72
C THR C 82 -43.05 28.06 -21.57
N SER C 83 -43.07 29.29 -21.06
CA SER C 83 -44.31 30.05 -20.93
C SER C 83 -44.26 31.29 -21.76
N ARG C 84 -43.61 31.13 -22.92
CA ARG C 84 -43.37 32.21 -23.85
C ARG C 84 -42.85 31.65 -25.15
N TYR C 85 -43.08 32.39 -26.24
CA TYR C 85 -42.59 32.00 -27.54
C TYR C 85 -41.09 32.22 -27.63
N LEU C 86 -40.46 31.45 -28.49
CA LEU C 86 -39.01 31.55 -28.67
C LEU C 86 -38.70 32.79 -29.49
N THR C 87 -37.64 33.46 -29.10
CA THR C 87 -37.01 34.54 -29.88
C THR C 87 -36.37 34.00 -31.17
N GLU C 88 -36.10 34.90 -32.11
CA GLU C 88 -35.38 34.55 -33.37
C GLU C 88 -34.11 33.76 -33.07
N SER C 89 -33.32 34.20 -32.11
CA SER C 89 -32.03 33.59 -31.81
C SER C 89 -32.13 32.18 -31.18
N GLU C 90 -33.08 31.98 -30.26
CA GLU C 90 -33.42 30.66 -29.74
C GLU C 90 -33.98 29.66 -30.77
N ALA C 91 -34.64 30.14 -31.82
CA ALA C 91 -35.31 29.26 -32.79
C ALA C 91 -34.32 28.39 -33.60
N GLN C 92 -34.76 27.21 -34.02
CA GLN C 92 -33.94 26.24 -34.76
C GLN C 92 -34.87 25.37 -35.56
N ASN C 93 -34.53 25.02 -36.83
CA ASN C 93 -35.50 24.24 -37.66
C ASN C 93 -35.62 22.83 -37.09
N THR C 94 -34.56 22.36 -36.42
CA THR C 94 -34.55 21.04 -35.74
C THR C 94 -35.26 20.90 -34.36
N LEU C 95 -35.61 22.01 -33.74
CA LEU C 95 -36.44 21.94 -32.47
C LEU C 95 -37.90 21.72 -32.82
N HIS C 96 -38.55 20.64 -32.38
CA HIS C 96 -40.00 20.52 -32.59
C HIS C 96 -40.63 21.32 -31.44
N THR C 97 -41.60 22.19 -31.75
CA THR C 97 -42.37 22.90 -30.67
C THR C 97 -43.83 22.64 -30.86
N PHE C 98 -44.55 22.34 -29.78
CA PHE C 98 -46.00 22.35 -29.86
C PHE C 98 -46.55 23.13 -28.64
N THR C 99 -47.79 23.60 -28.75
CA THR C 99 -48.44 24.27 -27.65
C THR C 99 -49.29 23.29 -26.83
N LEU C 100 -48.91 23.16 -25.56
CA LEU C 100 -49.62 22.28 -24.66
C LEU C 100 -50.91 22.92 -24.16
N ALA C 101 -50.81 24.23 -23.92
CA ALA C 101 -51.91 25.00 -23.28
C ALA C 101 -51.63 26.48 -23.34
N PHE C 102 -52.64 27.24 -22.90
CA PHE C 102 -52.46 28.66 -22.66
C PHE C 102 -52.83 28.96 -21.16
N ASP C 103 -52.28 30.03 -20.60
CA ASP C 103 -52.83 30.63 -19.41
C ASP C 103 -52.92 32.10 -19.64
N GLY C 104 -53.28 32.86 -18.63
CA GLY C 104 -53.28 34.31 -18.80
C GLY C 104 -53.16 35.04 -17.47
N LEU C 105 -53.01 36.33 -17.61
CA LEU C 105 -52.73 37.27 -16.53
C LEU C 105 -53.85 38.25 -16.42
N ALA C 106 -54.22 38.59 -15.22
CA ALA C 106 -55.16 39.62 -14.87
C ALA C 106 -54.46 40.75 -14.20
N ILE C 107 -54.70 42.00 -14.61
CA ILE C 107 -54.31 43.17 -13.87
C ILE C 107 -55.34 43.44 -12.78
N VAL C 108 -54.87 43.58 -11.57
CA VAL C 108 -55.69 43.79 -10.40
C VAL C 108 -55.46 45.09 -9.66
N VAL C 109 -56.53 45.62 -9.15
CA VAL C 109 -56.53 46.80 -8.32
C VAL C 109 -57.32 46.50 -7.03
N ASN C 110 -57.25 47.47 -6.11
CA ASN C 110 -58.08 47.44 -4.96
C ASN C 110 -59.54 47.69 -5.26
N GLN C 111 -60.40 47.01 -4.54
CA GLN C 111 -61.87 47.09 -4.80
C GLN C 111 -62.36 48.49 -4.67
N ALA C 112 -61.67 49.35 -3.90
CA ALA C 112 -62.08 50.76 -3.82
C ALA C 112 -61.73 51.59 -5.06
N ASN C 113 -60.86 51.08 -5.93
CA ASN C 113 -60.39 51.85 -7.08
C ASN C 113 -61.49 51.79 -8.18
N PRO C 114 -62.01 52.92 -8.61
CA PRO C 114 -63.10 52.90 -9.57
C PRO C 114 -62.75 52.46 -10.98
N VAL C 115 -61.46 52.36 -11.29
CA VAL C 115 -60.95 51.97 -12.65
C VAL C 115 -61.44 50.61 -12.96
N THR C 116 -62.01 50.42 -14.18
CA THR C 116 -62.51 49.11 -14.64
C THR C 116 -61.78 48.50 -15.85
N ASN C 117 -60.87 49.24 -16.35
CA ASN C 117 -60.18 49.02 -17.62
C ASN C 117 -59.00 49.86 -17.75
N LEU C 118 -57.96 49.33 -18.37
CA LEU C 118 -56.77 50.00 -18.80
C LEU C 118 -56.44 49.73 -20.26
N THR C 119 -56.19 50.82 -21.00
CA THR C 119 -55.74 50.61 -22.36
C THR C 119 -54.33 50.20 -22.27
N ARG C 120 -53.85 49.60 -23.32
CA ARG C 120 -52.44 49.31 -23.41
C ARG C 120 -51.42 50.50 -23.07
N GLU C 121 -51.69 51.71 -23.60
CA GLU C 121 -50.87 52.84 -23.28
C GLU C 121 -50.94 53.20 -21.78
N GLN C 122 -52.15 53.14 -21.16
CA GLN C 122 -52.40 53.41 -19.70
C GLN C 122 -51.58 52.46 -18.86
N LEU C 123 -51.75 51.18 -19.16
CA LEU C 123 -50.95 50.16 -18.41
C LEU C 123 -49.50 50.22 -18.57
N TYR C 124 -49.09 50.46 -19.79
CA TYR C 124 -47.71 50.61 -19.93
C TYR C 124 -47.09 51.88 -19.23
N GLY C 125 -47.82 53.01 -19.37
CA GLY C 125 -47.47 54.24 -18.70
C GLY C 125 -47.34 54.07 -17.17
N ILE C 126 -48.27 53.31 -16.65
CA ILE C 126 -48.22 53.03 -15.17
C ILE C 126 -46.96 52.25 -14.83
N TYR C 127 -46.76 51.06 -15.41
CA TYR C 127 -45.64 50.26 -15.12
C TYR C 127 -44.27 50.76 -15.42
N LYS C 128 -44.18 51.65 -16.42
CA LYS C 128 -42.98 52.34 -16.70
C LYS C 128 -42.64 53.36 -15.61
N GLY C 129 -43.60 53.84 -14.88
CA GLY C 129 -43.37 54.90 -13.90
C GLY C 129 -43.72 56.29 -14.47
N GLN C 130 -44.34 56.42 -15.66
CA GLN C 130 -44.79 57.71 -16.23
C GLN C 130 -46.12 58.31 -15.81
N ILE C 131 -47.12 57.47 -15.52
CA ILE C 131 -48.41 57.86 -15.05
C ILE C 131 -48.33 57.46 -13.58
N THR C 132 -48.33 58.46 -12.70
CA THR C 132 -48.07 58.29 -11.25
C THR C 132 -49.28 58.50 -10.41
N ASN C 133 -50.42 58.97 -10.93
CA ASN C 133 -51.64 59.15 -10.19
C ASN C 133 -52.83 58.54 -10.90
N TRP C 134 -53.69 57.89 -10.15
CA TRP C 134 -54.84 57.28 -10.65
C TRP C 134 -55.85 58.25 -11.37
N LYS C 135 -55.80 59.56 -11.05
CA LYS C 135 -56.70 60.50 -11.70
C LYS C 135 -56.39 60.65 -13.15
N GLN C 136 -55.16 60.42 -13.51
CA GLN C 136 -54.80 60.44 -14.88
C GLN C 136 -55.45 59.36 -15.78
N VAL C 137 -56.11 58.38 -15.17
CA VAL C 137 -56.71 57.29 -15.91
C VAL C 137 -58.11 57.09 -15.45
N GLY C 138 -58.74 58.16 -14.94
CA GLY C 138 -60.14 58.16 -14.53
C GLY C 138 -60.37 57.68 -13.15
N GLY C 139 -59.28 57.55 -12.38
CA GLY C 139 -59.40 57.12 -11.00
C GLY C 139 -59.55 58.27 -10.00
N ASN C 140 -59.33 57.89 -8.76
CA ASN C 140 -59.13 58.82 -7.69
C ASN C 140 -57.81 59.52 -7.72
N ASP C 141 -57.80 60.64 -6.96
CA ASP C 141 -56.59 61.45 -6.99
C ASP C 141 -55.63 60.91 -5.90
N GLN C 142 -54.64 60.14 -6.33
CA GLN C 142 -53.91 59.20 -5.42
C GLN C 142 -52.74 58.66 -6.13
N LYS C 143 -51.58 58.79 -5.54
CA LYS C 143 -50.34 58.28 -6.09
C LYS C 143 -50.33 56.73 -6.27
N ILE C 144 -49.91 56.29 -7.48
CA ILE C 144 -49.92 54.82 -7.74
C ILE C 144 -48.76 54.11 -7.10
N ALA C 145 -49.05 52.97 -6.40
CA ALA C 145 -48.03 52.03 -6.04
C ALA C 145 -48.03 50.84 -7.04
N VAL C 146 -46.94 50.70 -7.70
CA VAL C 146 -46.70 49.69 -8.76
C VAL C 146 -46.08 48.44 -8.15
N VAL C 147 -46.77 47.32 -8.29
CA VAL C 147 -46.35 46.10 -7.69
C VAL C 147 -46.05 45.02 -8.72
N THR C 148 -44.93 44.44 -8.57
CA THR C 148 -44.48 43.36 -9.45
C THR C 148 -44.06 42.17 -8.64
N ARG C 149 -43.61 41.14 -9.34
CA ARG C 149 -43.08 40.00 -8.76
C ARG C 149 -41.52 40.02 -8.68
N GLU C 150 -41.04 38.98 -8.06
CA GLU C 150 -39.61 38.67 -7.89
C GLU C 150 -38.93 38.48 -9.22
N ALA C 151 -37.65 38.81 -9.24
CA ALA C 151 -36.90 38.89 -10.54
C ALA C 151 -36.88 37.55 -11.34
N SER C 152 -37.04 36.44 -10.69
CA SER C 152 -37.12 35.15 -11.38
C SER C 152 -38.53 34.68 -11.68
N SER C 153 -39.51 35.58 -11.59
CA SER C 153 -40.88 35.16 -11.88
C SER C 153 -41.17 35.14 -13.37
N GLY C 154 -41.60 33.98 -13.89
CA GLY C 154 -42.02 33.84 -15.27
C GLY C 154 -43.29 34.60 -15.62
N THR C 155 -44.12 34.76 -14.61
CA THR C 155 -45.26 35.62 -14.71
C THR C 155 -44.79 37.09 -14.98
N ARG C 156 -43.82 37.54 -14.19
CA ARG C 156 -43.30 38.88 -14.46
C ARG C 156 -42.62 39.01 -15.91
N TYR C 157 -41.82 38.03 -16.25
CA TYR C 157 -41.09 37.99 -17.57
C TYR C 157 -42.15 38.06 -18.75
N SER C 158 -43.21 37.32 -18.59
CA SER C 158 -44.35 37.41 -19.52
C SER C 158 -45.03 38.72 -19.63
N PHE C 159 -45.42 39.24 -18.43
CA PHE C 159 -46.01 40.48 -18.32
C PHE C 159 -45.17 41.51 -19.09
N GLU C 160 -43.92 41.62 -18.76
CA GLU C 160 -43.05 42.70 -19.28
C GLU C 160 -42.84 42.55 -20.81
N SER C 161 -42.82 41.32 -21.25
CA SER C 161 -42.88 41.02 -22.70
C SER C 161 -44.12 41.46 -23.48
N LEU C 162 -45.30 41.18 -22.93
CA LEU C 162 -46.51 41.53 -23.55
C LEU C 162 -46.60 43.03 -23.61
N GLY C 164 -44.02 45.36 -23.38
CA GLY C 164 -42.86 45.99 -24.00
C GLY C 164 -42.12 46.75 -22.98
N LEU C 165 -42.16 46.21 -21.76
CA LEU C 165 -41.54 46.83 -20.62
C LEU C 165 -40.17 46.27 -20.35
N THR C 166 -39.30 46.17 -21.36
CA THR C 166 -37.91 45.76 -21.14
C THR C 166 -37.03 46.72 -21.93
N LYS C 167 -35.77 46.67 -21.63
CA LYS C 167 -34.75 47.52 -22.26
C LYS C 167 -33.54 46.68 -22.45
N THR C 168 -32.63 47.11 -23.34
CA THR C 168 -31.35 46.38 -23.42
C THR C 168 -30.24 47.03 -22.69
N VAL C 169 -29.33 46.18 -22.23
CA VAL C 169 -28.08 46.58 -21.62
C VAL C 169 -27.00 45.65 -22.24
N LYS C 170 -26.05 46.23 -22.97
CA LYS C 170 -25.16 45.45 -23.85
C LYS C 170 -26.00 44.52 -24.62
N ASP C 171 -25.64 43.24 -24.60
CA ASP C 171 -26.35 42.19 -25.30
C ASP C 171 -27.36 41.44 -24.45
N ARG C 172 -27.73 42.06 -23.33
CA ARG C 172 -28.72 41.47 -22.47
C ARG C 172 -30.01 42.28 -22.42
N GLU C 173 -31.07 41.63 -22.00
CA GLU C 173 -32.39 42.26 -21.86
C GLU C 173 -32.70 42.26 -20.36
N VAL C 174 -33.14 43.43 -19.89
CA VAL C 174 -33.48 43.60 -18.44
C VAL C 174 -34.83 44.26 -18.31
N SER C 175 -35.45 44.22 -17.11
CA SER C 175 -36.63 44.95 -16.86
C SER C 175 -36.56 46.44 -16.99
N ASP C 176 -37.59 47.06 -17.58
CA ASP C 176 -37.69 48.54 -17.57
C ASP C 176 -38.79 49.07 -16.66
N VAL C 177 -39.25 48.18 -15.75
CA VAL C 177 -40.28 48.55 -14.76
C VAL C 177 -39.80 49.73 -13.93
N ALA C 178 -40.71 50.62 -13.61
CA ALA C 178 -40.45 51.74 -12.69
C ALA C 178 -39.46 51.37 -11.60
N PRO C 179 -38.44 52.22 -11.47
CA PRO C 179 -37.40 51.99 -10.47
C PRO C 179 -37.96 51.96 -9.02
N THR C 180 -39.15 52.49 -8.83
CA THR C 180 -39.71 52.58 -7.46
C THR C 180 -40.79 51.44 -7.26
N ALA C 181 -40.89 50.50 -8.21
CA ALA C 181 -41.85 49.41 -8.07
C ALA C 181 -41.53 48.59 -6.77
N LEU C 182 -42.58 48.00 -6.21
CA LEU C 182 -42.47 47.15 -5.07
C LEU C 182 -42.61 45.64 -5.54
N VAL C 183 -41.75 44.80 -4.96
CA VAL C 183 -41.67 43.39 -5.25
C VAL C 183 -42.43 42.59 -4.16
N VAL C 184 -43.31 41.69 -4.61
CA VAL C 184 -43.78 40.61 -3.71
C VAL C 184 -43.35 39.28 -4.33
N ASN C 185 -43.46 38.20 -3.55
CA ASN C 185 -42.82 36.91 -3.99
C ASN C 185 -43.74 35.78 -4.27
N SER C 186 -45.02 36.08 -4.37
CA SER C 186 -45.99 35.08 -4.76
C SER C 186 -47.18 35.73 -5.25
N ASN C 187 -47.89 34.98 -6.01
CA ASN C 187 -49.19 35.35 -6.32
C ASN C 187 -50.15 35.67 -5.19
N SER C 188 -50.10 34.82 -4.14
CA SER C 188 -50.92 35.10 -3.07
C SER C 188 -50.63 36.41 -2.32
N LYS C 191 -51.99 39.40 -4.24
CA LYS C 191 -53.34 39.67 -3.86
C LYS C 191 -53.49 40.32 -2.52
N THR C 192 -52.81 39.82 -1.46
CA THR C 192 -53.01 40.41 -0.23
C THR C 192 -52.53 41.86 -0.14
N LEU C 193 -51.44 42.15 -0.83
CA LEU C 193 -50.91 43.53 -0.93
C LEU C 193 -51.86 44.50 -1.62
N VAL C 194 -52.41 44.00 -2.72
CA VAL C 194 -53.44 44.83 -3.36
C VAL C 194 -54.62 45.01 -2.51
N ASN C 195 -55.07 43.95 -1.85
CA ASN C 195 -56.29 43.97 -1.02
C ASN C 195 -56.22 45.01 0.10
N HIS C 196 -54.99 45.24 0.63
CA HIS C 196 -54.77 46.14 1.72
C HIS C 196 -54.37 47.58 1.34
N ASN C 197 -54.16 47.87 0.04
CA ASN C 197 -53.65 49.15 -0.39
C ASN C 197 -54.43 49.71 -1.52
N THR C 198 -55.19 50.75 -1.21
CA THR C 198 -56.10 51.32 -2.18
C THR C 198 -55.37 51.81 -3.40
N GLN C 199 -54.12 52.21 -3.27
CA GLN C 199 -53.26 52.80 -4.32
C GLN C 199 -52.61 51.80 -5.26
N ALA C 200 -52.69 50.53 -4.91
CA ALA C 200 -51.86 49.53 -5.56
C ALA C 200 -52.40 49.05 -6.90
N VAL C 201 -51.45 48.75 -7.79
CA VAL C 201 -51.77 47.95 -9.00
C VAL C 201 -50.86 46.75 -9.06
N GLY C 202 -51.43 45.60 -9.40
CA GLY C 202 -50.66 44.36 -9.56
C GLY C 202 -51.04 43.48 -10.71
N PHE C 203 -50.46 42.31 -10.88
CA PHE C 203 -50.88 41.37 -11.90
C PHE C 203 -50.75 39.97 -11.24
N ILE C 204 -51.70 39.08 -11.56
CA ILE C 204 -51.82 37.74 -11.05
C ILE C 204 -52.29 36.83 -12.17
N SER C 205 -52.10 35.55 -11.96
CA SER C 205 -52.69 34.56 -12.86
C SER C 205 -54.19 34.58 -12.80
N ILE C 206 -54.83 34.42 -13.97
CA ILE C 206 -56.24 34.47 -14.00
C ILE C 206 -56.91 33.50 -13.04
N GLY C 207 -56.35 32.34 -12.99
CA GLY C 207 -56.84 31.26 -12.14
C GLY C 207 -56.86 31.66 -10.65
N SER C 208 -56.08 32.67 -10.26
CA SER C 208 -56.05 33.13 -8.89
C SER C 208 -57.00 34.23 -8.50
N VAL C 209 -57.68 34.83 -9.47
CA VAL C 209 -58.54 35.92 -9.21
C VAL C 209 -59.65 35.47 -8.20
N ASP C 210 -59.91 36.26 -7.19
CA ASP C 210 -61.04 36.00 -6.27
C ASP C 210 -61.51 37.33 -5.78
N LYS C 211 -62.44 37.37 -4.88
CA LYS C 211 -63.03 38.63 -4.45
C LYS C 211 -62.17 39.50 -3.55
N SER C 212 -60.99 39.06 -3.22
CA SER C 212 -60.10 39.93 -2.52
C SER C 212 -59.50 41.09 -3.34
N VAL C 213 -59.55 40.97 -4.65
CA VAL C 213 -58.99 41.97 -5.55
C VAL C 213 -60.05 42.22 -6.65
N LYS C 214 -59.86 43.34 -7.29
CA LYS C 214 -60.70 43.69 -8.51
C LYS C 214 -59.84 43.52 -9.75
N ALA C 215 -60.23 42.52 -10.55
CA ALA C 215 -59.64 42.26 -11.84
C ALA C 215 -60.31 43.21 -12.86
N ILE C 216 -59.48 43.89 -13.55
CA ILE C 216 -59.93 44.89 -14.56
C ILE C 216 -59.71 44.39 -16.01
N GLN C 217 -60.42 45.06 -16.90
CA GLN C 217 -60.19 44.82 -18.29
C GLN C 217 -58.89 45.32 -18.79
N PHE C 218 -58.33 44.72 -19.89
CA PHE C 218 -57.27 45.16 -20.66
C PHE C 218 -57.78 45.39 -22.09
N GLU C 219 -57.70 46.62 -22.52
CA GLU C 219 -58.30 47.02 -23.87
C GLU C 219 -59.73 46.61 -23.97
N LYS C 220 -60.53 46.82 -22.91
CA LYS C 220 -61.96 46.52 -22.84
C LYS C 220 -62.41 45.11 -22.77
N ALA C 221 -61.37 44.15 -22.74
CA ALA C 221 -61.71 42.77 -22.60
C ALA C 221 -61.51 42.14 -21.20
N ASP C 222 -62.48 41.43 -20.74
CA ASP C 222 -62.38 40.85 -19.42
C ASP C 222 -61.29 39.80 -19.39
N PRO C 223 -60.56 39.75 -18.25
CA PRO C 223 -59.46 38.81 -18.07
C PRO C 223 -59.98 37.47 -17.61
N THR C 224 -60.59 36.77 -18.55
CA THR C 224 -61.03 35.41 -18.33
C THR C 224 -60.46 34.34 -19.22
N SER C 225 -60.49 33.11 -18.77
CA SER C 225 -60.05 31.94 -19.55
C SER C 225 -60.89 31.80 -20.83
N ASP C 226 -62.15 32.16 -20.72
CA ASP C 226 -63.05 32.00 -21.86
C ASP C 226 -62.68 33.02 -22.94
N ASN C 227 -62.27 34.24 -22.53
CA ASN C 227 -61.79 35.22 -23.50
C ASN C 227 -60.47 34.90 -24.11
N ILE C 228 -59.63 34.15 -23.40
CA ILE C 228 -58.42 33.70 -24.04
C ILE C 228 -58.75 32.60 -25.06
N ALA C 229 -59.65 31.70 -24.71
CA ALA C 229 -60.10 30.65 -25.61
C ALA C 229 -60.63 31.25 -26.91
N LYS C 230 -61.38 32.35 -26.78
CA LYS C 230 -62.08 33.05 -27.92
C LYS C 230 -61.10 34.02 -28.66
N HIS C 231 -59.91 34.27 -28.08
CA HIS C 231 -58.89 35.12 -28.67
C HIS C 231 -59.38 36.57 -28.67
N THR C 232 -60.05 37.00 -27.61
CA THR C 232 -60.40 38.42 -27.43
C THR C 232 -59.62 39.17 -26.36
N TYR C 233 -58.86 38.43 -25.52
CA TYR C 233 -58.17 39.09 -24.41
C TYR C 233 -56.68 38.88 -24.60
N GLN C 234 -55.89 39.95 -24.55
CA GLN C 234 -54.52 40.00 -25.00
C GLN C 234 -53.43 39.46 -24.05
N LEU C 235 -53.71 39.42 -22.76
CA LEU C 235 -52.62 39.09 -21.81
C LEU C 235 -52.62 37.59 -21.54
N SER C 236 -52.29 36.82 -22.55
CA SER C 236 -52.24 35.37 -22.45
C SER C 236 -50.81 34.94 -22.72
N ARG C 237 -50.55 33.70 -22.38
CA ARG C 237 -49.19 33.11 -22.51
C ARG C 237 -49.37 31.70 -23.00
N PRO C 238 -48.55 31.28 -23.96
CA PRO C 238 -48.50 29.90 -24.35
C PRO C 238 -47.64 29.07 -23.37
N PHE C 239 -47.99 27.84 -23.23
CA PHE C 239 -47.15 26.81 -22.56
C PHE C 239 -46.63 26.00 -23.77
N LEU C 240 -45.34 26.08 -24.06
CA LEU C 240 -44.74 25.43 -25.21
C LEU C 240 -43.89 24.28 -24.71
N ILE C 241 -43.87 23.20 -25.48
CA ILE C 241 -43.03 22.04 -25.15
C ILE C 241 -42.07 21.86 -26.34
N LEU C 242 -40.79 21.73 -26.04
CA LEU C 242 -39.75 21.73 -27.07
C LEU C 242 -38.95 20.47 -26.89
N HIS C 243 -38.65 19.84 -28.05
CA HIS C 243 -37.63 18.80 -28.05
C HIS C 243 -37.04 18.63 -29.47
N TYR C 244 -35.93 17.93 -29.53
CA TYR C 244 -35.29 17.66 -30.84
C TYR C 244 -35.87 16.44 -31.41
N SER C 245 -36.75 16.61 -32.42
CA SER C 245 -37.58 15.52 -32.97
C SER C 245 -36.69 14.46 -33.66
N ASP C 246 -35.61 14.97 -34.24
CA ASP C 246 -34.77 14.23 -35.18
C ASP C 246 -33.99 13.14 -34.46
N ASN C 247 -33.31 13.49 -33.37
CA ASN C 247 -32.53 12.51 -32.61
C ASN C 247 -33.25 12.25 -31.28
N ALA C 248 -34.23 11.34 -31.35
CA ALA C 248 -35.21 11.18 -30.28
C ALA C 248 -35.42 9.73 -30.00
N ASP C 249 -35.04 9.29 -28.80
CA ASP C 249 -35.24 7.87 -28.44
C ASP C 249 -36.64 7.60 -27.89
N GLU C 250 -37.01 6.32 -27.85
CA GLU C 250 -38.41 5.90 -27.78
C GLU C 250 -39.10 6.27 -26.46
N GLN C 251 -38.32 6.56 -25.43
CA GLN C 251 -38.89 6.92 -24.13
C GLN C 251 -39.48 8.33 -24.21
N THR C 252 -38.66 9.24 -24.72
CA THR C 252 -39.04 10.63 -24.90
C THR C 252 -40.22 10.74 -25.82
N LYS C 253 -40.19 9.97 -26.90
CA LYS C 253 -41.25 10.04 -27.94
C LYS C 253 -42.58 9.60 -27.32
N GLU C 254 -42.53 8.58 -26.49
CA GLU C 254 -43.71 8.04 -25.80
C GLU C 254 -44.35 9.12 -24.88
N PHE C 255 -43.50 9.87 -24.22
CA PHE C 255 -43.95 10.87 -23.24
C PHE C 255 -44.59 12.05 -23.97
N ILE C 256 -43.95 12.48 -25.07
CA ILE C 256 -44.45 13.57 -25.89
C ILE C 256 -45.80 13.18 -26.47
N ALA C 257 -45.95 11.91 -26.84
CA ALA C 257 -47.26 11.47 -27.32
C ALA C 257 -48.30 11.53 -26.22
N PHE C 258 -47.92 11.15 -25.01
CA PHE C 258 -48.81 11.22 -23.85
C PHE C 258 -49.25 12.69 -23.65
N LEU C 259 -48.34 13.62 -23.84
CA LEU C 259 -48.66 15.06 -23.58
C LEU C 259 -49.68 15.61 -24.61
N LYS C 260 -49.75 14.93 -25.74
CA LYS C 260 -50.65 15.34 -26.82
C LYS C 260 -51.93 14.49 -26.74
N SER C 261 -51.99 13.59 -25.76
CA SER C 261 -53.11 12.64 -25.60
C SER C 261 -54.36 13.24 -24.95
N GLU C 262 -55.50 12.61 -25.21
CA GLU C 262 -56.79 13.04 -24.70
C GLU C 262 -56.80 13.05 -23.16
N SER C 263 -56.18 12.03 -22.55
CA SER C 263 -56.11 11.97 -21.07
C SER C 263 -55.29 13.12 -20.43
N ALA C 264 -54.18 13.48 -21.08
CA ALA C 264 -53.42 14.63 -20.62
C ALA C 264 -54.28 15.91 -20.75
N LYS C 265 -54.97 16.09 -21.88
CA LYS C 265 -55.69 17.34 -22.14
C LYS C 265 -56.86 17.49 -21.11
N LYS C 266 -57.50 16.39 -20.78
CA LYS C 266 -58.56 16.43 -19.74
C LYS C 266 -58.05 17.00 -18.42
N LEU C 267 -56.83 16.60 -18.04
CA LEU C 267 -56.21 17.07 -16.80
C LEU C 267 -55.81 18.49 -16.91
N ILE C 268 -55.22 18.90 -18.04
CA ILE C 268 -54.89 20.28 -18.31
C ILE C 268 -56.11 21.19 -18.13
N VAL C 269 -57.27 20.78 -18.65
CA VAL C 269 -58.46 21.63 -18.62
C VAL C 269 -58.99 21.69 -17.19
N GLU C 270 -59.08 20.51 -16.58
CA GLU C 270 -59.45 20.41 -15.16
C GLU C 270 -58.73 21.32 -14.20
N TYR C 271 -57.44 21.55 -14.43
CA TYR C 271 -56.62 22.34 -13.52
C TYR C 271 -56.61 23.82 -13.86
N GLY C 272 -57.36 24.23 -14.88
CA GLY C 272 -57.66 25.62 -15.14
C GLY C 272 -56.95 26.26 -16.31
N TYR C 273 -56.36 25.46 -17.19
CA TYR C 273 -55.66 25.96 -18.37
C TYR C 273 -56.52 25.80 -19.62
N ILE C 274 -56.11 26.47 -20.68
CA ILE C 274 -56.91 26.64 -21.85
C ILE C 274 -56.29 25.78 -22.97
N PRO C 276 -55.15 24.76 -26.74
CA PRO C 276 -54.77 25.46 -27.97
C PRO C 276 -55.66 25.21 -29.22
N SER D 28 -17.76 37.47 -22.99
CA SER D 28 -17.10 37.89 -21.73
C SER D 28 -18.08 37.82 -20.55
N GLU D 29 -19.03 36.87 -20.58
CA GLU D 29 -19.79 36.54 -19.35
C GLU D 29 -18.98 35.52 -18.51
N ILE D 30 -18.99 35.68 -17.18
CA ILE D 30 -18.56 34.64 -16.24
C ILE D 30 -19.86 33.90 -15.87
N THR D 31 -19.92 32.63 -16.15
CA THR D 31 -21.16 31.86 -15.93
C THR D 31 -20.98 30.97 -14.69
N ILE D 32 -21.76 31.20 -13.63
CA ILE D 32 -21.71 30.30 -12.50
C ILE D 32 -23.05 29.69 -12.36
N SER D 33 -23.02 28.37 -12.25
CA SER D 33 -24.20 27.56 -12.52
C SER D 33 -24.34 26.57 -11.42
N GLY D 34 -25.58 26.35 -11.02
CA GLY D 34 -25.91 25.22 -10.21
C GLY D 34 -26.89 25.50 -9.09
N SER D 35 -26.56 25.06 -7.89
CA SER D 35 -27.49 25.03 -6.77
C SER D 35 -28.32 26.35 -6.62
N THR D 36 -29.63 26.11 -6.51
CA THR D 36 -30.60 27.20 -6.25
C THR D 36 -30.45 27.62 -4.82
N SER D 37 -30.06 26.72 -3.96
CA SER D 37 -29.80 27.12 -2.56
C SER D 37 -28.67 28.19 -2.49
N VAL D 38 -27.51 27.94 -3.11
CA VAL D 38 -26.43 28.89 -3.18
C VAL D 38 -26.76 30.14 -4.00
N ALA D 39 -27.57 29.97 -5.03
CA ALA D 39 -27.87 31.11 -5.93
C ALA D 39 -28.43 32.33 -5.16
N ARG D 40 -29.10 32.04 -4.07
CA ARG D 40 -29.82 33.07 -3.27
C ARG D 40 -28.77 34.02 -2.74
N ILE D 41 -27.67 33.50 -2.19
CA ILE D 41 -26.60 34.38 -1.77
C ILE D 41 -25.68 34.79 -2.85
N ASP D 43 -26.58 35.64 -5.89
CA ASP D 43 -27.16 36.74 -6.63
C ASP D 43 -26.62 38.04 -6.02
N VAL D 44 -26.49 38.06 -4.70
CA VAL D 44 -26.02 39.27 -4.00
C VAL D 44 -24.57 39.48 -4.18
N LEU D 45 -23.78 38.41 -4.02
CA LEU D 45 -22.38 38.55 -4.31
C LEU D 45 -22.09 38.95 -5.76
N ALA D 46 -22.85 38.41 -6.73
CA ALA D 46 -22.62 38.77 -8.15
C ALA D 46 -23.09 40.20 -8.42
N GLU D 47 -24.13 40.63 -7.75
CA GLU D 47 -24.62 42.02 -7.90
C GLU D 47 -23.44 42.93 -7.50
N LYS D 48 -22.82 42.69 -6.34
CA LYS D 48 -21.71 43.52 -5.86
C LYS D 48 -20.48 43.54 -6.80
N TYR D 49 -20.00 42.38 -7.18
CA TYR D 49 -18.90 42.30 -8.11
C TYR D 49 -19.25 42.94 -9.44
N ASN D 50 -20.50 42.87 -9.87
CA ASN D 50 -20.86 43.38 -11.21
C ASN D 50 -20.80 44.92 -11.22
N GLN D 51 -21.12 45.51 -10.08
CA GLN D 51 -21.05 46.96 -9.82
C GLN D 51 -19.57 47.43 -9.78
N GLN D 52 -18.64 46.57 -9.39
CA GLN D 52 -17.19 46.94 -9.37
C GLN D 52 -16.39 46.45 -10.61
N HIS D 53 -16.97 45.62 -11.45
CA HIS D 53 -16.23 45.13 -12.59
C HIS D 53 -17.19 45.24 -13.79
N PRO D 54 -17.43 46.48 -14.23
CA PRO D 54 -18.32 46.75 -15.36
C PRO D 54 -17.80 46.21 -16.68
N GLU D 55 -16.52 45.92 -16.76
CA GLU D 55 -15.93 45.28 -17.94
C GLU D 55 -16.58 43.92 -18.22
N THR D 56 -16.96 43.22 -17.16
CA THR D 56 -17.49 41.87 -17.28
C THR D 56 -18.93 41.77 -16.72
N TYR D 57 -19.45 40.56 -16.65
CA TYR D 57 -20.77 40.31 -16.07
C TYR D 57 -20.86 38.85 -15.59
N VAL D 58 -21.18 38.67 -14.32
CA VAL D 58 -21.34 37.36 -13.72
C VAL D 58 -22.78 37.01 -13.85
N ALA D 59 -23.06 35.96 -14.64
CA ALA D 59 -24.40 35.40 -14.81
C ALA D 59 -24.53 34.26 -13.79
N VAL D 60 -25.54 34.31 -12.96
CA VAL D 60 -25.84 33.23 -11.96
C VAL D 60 -26.96 32.43 -12.48
N GLN D 61 -26.71 31.16 -12.67
CA GLN D 61 -27.76 30.28 -13.23
C GLN D 61 -28.20 29.24 -12.17
N GLY D 62 -29.41 29.42 -11.64
CA GLY D 62 -29.95 28.48 -10.65
C GLY D 62 -30.66 27.27 -11.32
N VAL D 63 -29.95 26.15 -11.54
CA VAL D 63 -30.44 25.01 -12.20
C VAL D 63 -30.29 23.74 -11.38
N GLY D 64 -29.86 23.87 -10.10
CA GLY D 64 -29.64 22.76 -9.24
C GLY D 64 -28.20 22.27 -9.26
N SER D 65 -27.76 21.69 -8.14
CA SER D 65 -26.40 21.21 -7.97
C SER D 65 -25.94 20.26 -9.07
N THR D 66 -26.73 19.25 -9.36
CA THR D 66 -26.38 18.23 -10.32
C THR D 66 -26.19 18.83 -11.71
N ALA D 67 -27.20 19.60 -12.22
CA ALA D 67 -26.97 20.31 -13.47
C ALA D 67 -25.80 21.22 -13.48
N GLY D 68 -25.45 21.87 -12.37
CA GLY D 68 -24.37 22.87 -12.38
C GLY D 68 -23.06 22.06 -12.63
N ILE D 69 -22.91 20.94 -11.93
CA ILE D 69 -21.67 20.14 -12.11
C ILE D 69 -21.59 19.76 -13.57
N SER D 70 -22.68 19.33 -14.16
CA SER D 70 -22.71 18.89 -15.56
C SER D 70 -22.30 20.02 -16.47
N LEU D 71 -22.84 21.23 -16.24
CA LEU D 71 -22.49 22.30 -17.15
C LEU D 71 -21.02 22.69 -17.04
N LEU D 72 -20.48 22.71 -15.84
CA LEU D 72 -19.06 22.99 -15.66
C LEU D 72 -18.16 21.94 -16.44
N LYS D 73 -18.51 20.68 -16.30
CA LYS D 73 -17.73 19.59 -16.95
C LYS D 73 -17.88 19.63 -18.45
N LYS D 74 -18.96 20.22 -18.94
CA LYS D 74 -19.21 20.33 -20.35
C LYS D 74 -18.60 21.58 -20.86
N GLY D 75 -18.01 22.37 -19.97
CA GLY D 75 -17.40 23.64 -20.33
C GLY D 75 -18.31 24.81 -20.70
N VAL D 76 -19.60 24.66 -20.38
CA VAL D 76 -20.50 25.75 -20.57
C VAL D 76 -20.44 26.74 -19.38
N ALA D 77 -20.33 26.23 -18.18
CA ALA D 77 -20.27 27.10 -17.00
C ALA D 77 -18.79 27.27 -16.71
N ASP D 78 -18.41 28.43 -16.16
CA ASP D 78 -17.05 28.59 -15.69
C ASP D 78 -16.83 28.13 -14.29
N ILE D 79 -17.91 28.13 -13.47
CA ILE D 79 -17.83 27.83 -12.06
C ILE D 79 -19.21 27.15 -11.73
N ALA D 80 -19.18 26.15 -10.89
CA ALA D 80 -20.36 25.50 -10.38
C ALA D 80 -20.52 25.72 -8.88
N THR D 82 -22.68 24.01 -5.58
CA THR D 82 -23.45 22.91 -5.07
C THR D 82 -23.85 23.17 -3.59
N SER D 83 -24.97 22.57 -3.22
CA SER D 83 -25.42 22.58 -1.82
C SER D 83 -25.21 21.23 -1.18
N ARG D 84 -24.23 20.45 -1.65
CA ARG D 84 -24.03 19.06 -1.17
C ARG D 84 -22.57 18.73 -1.54
N TYR D 85 -21.98 17.73 -0.87
CA TYR D 85 -20.72 17.18 -1.33
C TYR D 85 -20.87 16.41 -2.63
N LEU D 86 -19.73 16.28 -3.30
CA LEU D 86 -19.67 15.54 -4.53
C LEU D 86 -19.51 14.06 -4.20
N THR D 87 -20.06 13.23 -5.08
CA THR D 87 -19.85 11.78 -4.98
C THR D 87 -18.51 11.42 -5.55
N GLU D 88 -18.07 10.18 -5.25
CA GLU D 88 -16.76 9.73 -5.75
C GLU D 88 -16.75 9.88 -7.25
N SER D 89 -17.87 9.52 -7.87
CA SER D 89 -18.07 9.51 -9.32
C SER D 89 -18.06 10.88 -9.99
N GLU D 90 -18.51 11.90 -9.25
CA GLU D 90 -18.46 13.27 -9.69
C GLU D 90 -17.06 13.92 -9.59
N ALA D 91 -16.25 13.43 -8.63
CA ALA D 91 -14.92 14.03 -8.42
C ALA D 91 -14.06 13.85 -9.70
N GLN D 92 -13.28 14.86 -9.99
CA GLN D 92 -12.32 14.87 -11.08
C GLN D 92 -10.99 15.35 -10.52
N ASN D 93 -9.91 14.79 -11.02
CA ASN D 93 -8.62 15.12 -10.44
C ASN D 93 -8.25 16.63 -10.54
N THR D 94 -8.62 17.32 -11.63
CA THR D 94 -8.25 18.71 -11.87
C THR D 94 -9.38 19.66 -11.44
N LEU D 95 -10.41 19.09 -10.86
CA LEU D 95 -11.56 19.93 -10.42
C LEU D 95 -11.27 20.44 -9.04
N HIS D 96 -11.24 21.76 -8.83
CA HIS D 96 -11.00 22.21 -7.48
C HIS D 96 -12.34 22.59 -6.77
N THR D 97 -12.40 22.36 -5.46
CA THR D 97 -13.57 22.69 -4.63
C THR D 97 -13.17 23.49 -3.44
N PHE D 98 -13.97 24.52 -3.08
CA PHE D 98 -13.84 25.06 -1.71
C PHE D 98 -15.22 25.26 -1.16
N THR D 99 -15.27 25.41 0.14
CA THR D 99 -16.53 25.57 0.85
C THR D 99 -16.71 27.04 1.12
N LEU D 100 -17.72 27.66 0.45
CA LEU D 100 -18.06 29.07 0.62
C LEU D 100 -18.67 29.34 2.01
N ALA D 101 -19.48 28.40 2.45
CA ALA D 101 -20.28 28.57 3.68
C ALA D 101 -21.01 27.32 4.01
N PHE D 102 -21.53 27.24 5.23
CA PHE D 102 -22.48 26.20 5.61
C PHE D 102 -23.83 26.87 5.81
N ASP D 103 -24.83 26.08 5.61
CA ASP D 103 -26.22 26.48 5.85
C ASP D 103 -26.82 25.46 6.76
N GLY D 104 -27.53 25.92 7.78
CA GLY D 104 -28.10 25.02 8.74
C GLY D 104 -29.62 24.90 8.70
N LEU D 105 -30.13 23.80 9.18
CA LEU D 105 -31.54 23.56 9.29
C LEU D 105 -31.84 23.39 10.77
N ALA D 106 -32.94 23.99 11.22
CA ALA D 106 -33.44 23.87 12.59
C ALA D 106 -34.66 22.97 12.58
N ILE D 107 -34.82 22.07 13.54
CA ILE D 107 -36.01 21.27 13.71
C ILE D 107 -36.85 22.09 14.68
N VAL D 108 -38.09 22.37 14.34
CA VAL D 108 -38.92 23.19 15.17
C VAL D 108 -40.20 22.49 15.53
N VAL D 109 -40.62 22.81 16.75
CA VAL D 109 -41.84 22.42 17.35
C VAL D 109 -42.61 23.61 17.88
N ASN D 110 -43.86 23.42 18.23
CA ASN D 110 -44.61 24.50 18.86
C ASN D 110 -44.05 24.88 20.23
N GLN D 111 -44.09 26.12 20.69
CA GLN D 111 -43.55 26.52 21.96
C GLN D 111 -44.09 25.76 23.17
N ALA D 112 -45.27 25.19 23.06
CA ALA D 112 -45.92 24.42 24.16
C ALA D 112 -45.37 23.01 24.29
N ASN D 113 -44.75 22.51 23.23
CA ASN D 113 -44.17 21.13 23.20
C ASN D 113 -42.93 21.09 24.15
N PRO D 114 -43.05 20.23 25.17
CA PRO D 114 -42.00 20.05 26.17
C PRO D 114 -40.72 19.33 25.67
N VAL D 115 -40.73 18.75 24.49
CA VAL D 115 -39.54 18.07 23.90
C VAL D 115 -38.46 19.09 23.67
N THR D 116 -37.19 18.76 24.06
CA THR D 116 -36.10 19.69 23.82
C THR D 116 -35.01 19.13 22.88
N ASN D 117 -35.18 17.89 22.48
CA ASN D 117 -34.23 17.12 21.69
C ASN D 117 -34.80 15.97 21.03
N LEU D 118 -34.17 15.63 19.88
CA LEU D 118 -34.52 14.41 19.20
C LEU D 118 -33.24 13.79 18.79
N THR D 119 -33.14 12.46 18.96
CA THR D 119 -32.09 11.69 18.33
C THR D 119 -32.33 11.57 16.82
N ARG D 120 -31.27 11.13 16.14
CA ARG D 120 -31.41 10.78 14.73
C ARG D 120 -32.42 9.73 14.52
N GLU D 121 -32.37 8.65 15.30
CA GLU D 121 -33.39 7.64 15.12
C GLU D 121 -34.85 8.12 15.31
N GLN D 122 -35.05 9.00 16.30
CA GLN D 122 -36.38 9.46 16.64
C GLN D 122 -36.90 10.37 15.49
N LEU D 123 -36.02 11.23 15.01
CA LEU D 123 -36.44 12.19 13.94
C LEU D 123 -36.74 11.40 12.67
N TYR D 124 -35.90 10.39 12.36
CA TYR D 124 -36.15 9.51 11.26
C TYR D 124 -37.45 8.80 11.33
N GLY D 125 -37.71 8.20 12.50
CA GLY D 125 -38.91 7.39 12.70
C GLY D 125 -40.18 8.27 12.60
N ILE D 126 -40.10 9.45 13.14
CA ILE D 126 -41.16 10.48 13.05
C ILE D 126 -41.40 10.81 11.56
N TYR D 127 -40.35 11.19 10.85
CA TYR D 127 -40.56 11.54 9.43
C TYR D 127 -40.95 10.38 8.51
N LYS D 128 -40.54 9.12 8.80
CA LYS D 128 -41.12 7.95 8.14
C LYS D 128 -42.51 7.63 8.46
N GLY D 129 -43.04 8.07 9.59
CA GLY D 129 -44.41 7.71 9.91
C GLY D 129 -44.45 6.51 10.85
N GLN D 130 -43.30 6.06 11.30
CA GLN D 130 -43.25 4.94 12.26
C GLN D 130 -43.53 5.41 13.70
N ILE D 131 -43.00 6.52 14.13
CA ILE D 131 -43.21 7.04 15.47
C ILE D 131 -44.40 8.03 15.30
N THR D 132 -45.52 7.85 15.98
CA THR D 132 -46.76 8.57 15.63
C THR D 132 -47.27 9.49 16.72
N ASN D 133 -46.74 9.33 17.90
CA ASN D 133 -47.17 9.98 19.10
C ASN D 133 -46.03 10.58 19.82
N TRP D 134 -46.19 11.81 20.26
CA TRP D 134 -45.21 12.52 20.98
C TRP D 134 -44.72 11.74 22.28
N LYS D 135 -45.63 10.99 22.84
CA LYS D 135 -45.30 10.21 24.08
C LYS D 135 -44.18 9.22 23.79
N GLN D 136 -44.01 8.78 22.53
CA GLN D 136 -42.94 7.83 22.17
C GLN D 136 -41.58 8.43 22.30
N VAL D 137 -41.49 9.76 22.34
CA VAL D 137 -40.26 10.48 22.40
C VAL D 137 -40.19 11.35 23.59
N GLY D 138 -41.02 11.05 24.59
CA GLY D 138 -40.92 11.81 25.85
C GLY D 138 -41.77 13.07 25.98
N GLY D 139 -42.69 13.27 25.06
CA GLY D 139 -43.62 14.38 25.16
C GLY D 139 -45.03 13.99 25.56
N ASN D 140 -45.92 14.92 25.32
CA ASN D 140 -47.35 14.71 25.55
C ASN D 140 -48.00 13.53 24.74
N ASP D 141 -49.08 12.96 25.29
CA ASP D 141 -49.92 12.02 24.57
C ASP D 141 -50.75 12.72 23.48
N GLN D 142 -50.17 12.79 22.32
CA GLN D 142 -50.76 13.54 21.21
C GLN D 142 -50.16 13.08 19.93
N LYS D 143 -50.97 12.85 18.90
CA LYS D 143 -50.49 12.31 17.65
C LYS D 143 -49.64 13.41 17.03
N ILE D 144 -48.57 13.03 16.39
CA ILE D 144 -47.71 14.02 15.68
C ILE D 144 -48.27 14.39 14.34
N ALA D 145 -48.20 15.71 14.00
CA ALA D 145 -48.33 16.14 12.61
C ALA D 145 -46.92 16.44 12.11
N VAL D 146 -46.52 15.71 11.09
CA VAL D 146 -45.25 15.83 10.39
C VAL D 146 -45.45 16.81 9.23
N VAL D 147 -44.63 17.84 9.26
CA VAL D 147 -44.72 18.89 8.20
C VAL D 147 -43.41 18.94 7.36
N THR D 148 -43.56 19.04 6.05
CA THR D 148 -42.46 19.10 5.11
C THR D 148 -42.74 20.17 4.09
N ARG D 149 -41.81 20.32 3.19
CA ARG D 149 -41.86 21.34 2.15
C ARG D 149 -42.33 20.77 0.87
N GLU D 150 -42.58 21.63 -0.11
CA GLU D 150 -42.92 21.20 -1.43
C GLU D 150 -41.86 20.35 -2.08
N ALA D 151 -42.33 19.51 -3.01
CA ALA D 151 -41.45 18.54 -3.65
C ALA D 151 -40.19 19.14 -4.23
N SER D 152 -40.30 20.32 -4.79
CA SER D 152 -39.14 20.96 -5.43
C SER D 152 -38.22 21.77 -4.47
N SER D 153 -38.44 21.67 -3.16
CA SER D 153 -37.73 22.48 -2.24
C SER D 153 -36.31 21.93 -1.99
N GLY D 154 -35.30 22.80 -2.16
CA GLY D 154 -33.91 22.36 -1.97
C GLY D 154 -33.72 22.06 -0.46
N THR D 155 -34.43 22.79 0.39
CA THR D 155 -34.31 22.61 1.83
C THR D 155 -34.81 21.21 2.20
N ARG D 156 -35.90 20.80 1.59
CA ARG D 156 -36.46 19.44 1.81
C ARG D 156 -35.45 18.37 1.31
N TYR D 157 -34.93 18.58 0.11
CA TYR D 157 -33.98 17.60 -0.50
C TYR D 157 -32.79 17.42 0.44
N SER D 158 -32.31 18.50 0.97
CA SER D 158 -31.18 18.35 1.85
C SER D 158 -31.51 17.67 3.16
N PHE D 159 -32.60 18.08 3.75
CA PHE D 159 -33.07 17.46 4.96
C PHE D 159 -33.20 15.94 4.78
N GLU D 160 -33.85 15.50 3.70
CA GLU D 160 -34.13 14.10 3.42
C GLU D 160 -32.76 13.38 3.20
N SER D 161 -31.80 14.08 2.61
CA SER D 161 -30.48 13.46 2.36
C SER D 161 -29.72 13.27 3.68
N LEU D 162 -29.81 14.26 4.53
CA LEU D 162 -29.08 14.29 5.81
C LEU D 162 -29.62 13.19 6.70
N GLY D 164 -31.35 10.43 5.63
CA GLY D 164 -31.56 9.18 4.99
C GLY D 164 -32.99 8.80 4.69
N LEU D 165 -33.81 9.83 4.46
CA LEU D 165 -35.21 9.66 4.22
C LEU D 165 -35.51 9.52 2.75
N THR D 166 -34.73 8.73 2.05
CA THR D 166 -35.08 8.36 0.72
C THR D 166 -35.10 6.85 0.65
N LYS D 167 -35.64 6.41 -0.47
CA LYS D 167 -35.78 4.98 -0.82
C LYS D 167 -35.48 4.82 -2.28
N THR D 168 -35.07 3.62 -2.67
CA THR D 168 -34.66 3.35 -4.04
C THR D 168 -35.85 2.79 -4.84
N VAL D 169 -36.18 3.43 -5.94
CA VAL D 169 -37.27 2.96 -6.76
C VAL D 169 -36.80 3.02 -8.23
N LYS D 170 -36.50 1.85 -8.80
CA LYS D 170 -35.89 1.77 -10.15
C LYS D 170 -34.63 2.62 -10.30
N ASP D 171 -33.69 2.42 -9.38
CA ASP D 171 -32.34 3.00 -9.47
C ASP D 171 -32.25 4.51 -9.42
N ARG D 172 -33.24 5.08 -8.72
CA ARG D 172 -33.31 6.48 -8.37
C ARG D 172 -33.83 6.54 -6.94
N GLU D 173 -33.31 7.47 -6.14
CA GLU D 173 -33.82 7.79 -4.82
C GLU D 173 -35.07 8.62 -4.98
N VAL D 174 -36.01 8.37 -4.11
CA VAL D 174 -37.26 9.07 -4.10
C VAL D 174 -37.50 9.35 -2.64
N SER D 175 -38.41 10.27 -2.35
CA SER D 175 -38.64 10.63 -0.95
C SER D 175 -39.37 9.43 -0.23
N ASP D 176 -38.94 9.14 0.98
CA ASP D 176 -39.48 8.16 1.86
C ASP D 176 -40.13 8.75 3.08
N VAL D 177 -40.49 10.04 3.01
CA VAL D 177 -41.33 10.59 4.08
C VAL D 177 -42.71 9.96 4.11
N ALA D 178 -43.29 9.92 5.30
CA ALA D 178 -44.63 9.45 5.54
C ALA D 178 -45.56 9.99 4.48
N PRO D 179 -46.37 9.16 3.84
CA PRO D 179 -47.41 9.62 2.90
C PRO D 179 -48.47 10.61 3.49
N THR D 180 -48.65 10.53 4.80
CA THR D 180 -49.51 11.44 5.56
C THR D 180 -48.80 12.73 6.02
N ALA D 181 -47.58 12.99 5.59
CA ALA D 181 -46.92 14.28 5.98
C ALA D 181 -47.72 15.44 5.30
N LEU D 182 -47.73 16.57 5.93
CA LEU D 182 -48.38 17.77 5.42
C LEU D 182 -47.30 18.60 4.75
N VAL D 183 -47.62 19.01 3.52
CA VAL D 183 -46.73 19.87 2.76
C VAL D 183 -47.18 21.37 2.87
N VAL D 184 -46.23 22.23 3.18
CA VAL D 184 -46.34 23.73 3.08
C VAL D 184 -45.32 24.19 2.05
N ASN D 185 -45.58 25.35 1.45
CA ASN D 185 -44.83 25.77 0.25
C ASN D 185 -43.86 26.85 0.43
N SER D 186 -43.48 27.09 1.69
CA SER D 186 -42.45 28.02 2.00
C SER D 186 -41.98 27.88 3.35
N ASN D 187 -40.79 28.42 3.61
CA ASN D 187 -40.30 28.53 4.95
C ASN D 187 -41.12 29.33 5.96
N SER D 188 -41.73 30.43 5.52
CA SER D 188 -42.54 31.19 6.37
C SER D 188 -43.86 30.47 6.69
N LYS D 191 -43.19 27.94 9.42
CA LYS D 191 -43.18 28.59 10.71
C LYS D 191 -44.61 28.76 11.22
N THR D 192 -45.46 29.39 10.38
CA THR D 192 -46.79 29.68 10.82
C THR D 192 -47.58 28.45 11.19
N LEU D 193 -47.38 27.40 10.40
CA LEU D 193 -48.09 26.12 10.71
C LEU D 193 -47.67 25.56 12.03
N VAL D 194 -46.40 25.54 12.27
CA VAL D 194 -45.95 25.01 13.54
C VAL D 194 -46.43 25.91 14.75
N ASN D 195 -46.34 27.22 14.58
CA ASN D 195 -46.88 28.17 15.50
C ASN D 195 -48.31 27.93 15.94
N HIS D 196 -49.14 27.50 14.96
CA HIS D 196 -50.57 27.34 15.15
C HIS D 196 -51.00 25.95 15.65
N ASN D 197 -50.04 25.01 15.73
CA ASN D 197 -50.42 23.61 15.92
C ASN D 197 -49.47 22.97 16.94
N THR D 198 -50.03 22.73 18.11
CA THR D 198 -49.23 22.11 19.17
C THR D 198 -48.64 20.80 18.84
N GLN D 199 -49.27 20.04 17.95
CA GLN D 199 -48.82 18.69 17.56
C GLN D 199 -47.70 18.66 16.54
N ALA D 200 -47.34 19.81 15.96
CA ALA D 200 -46.55 19.83 14.73
C ALA D 200 -45.05 19.82 14.97
N VAL D 201 -44.36 19.22 13.99
CA VAL D 201 -42.91 19.26 13.88
C VAL D 201 -42.59 19.65 12.43
N GLY D 202 -41.61 20.50 12.29
CA GLY D 202 -41.08 20.84 10.96
C GLY D 202 -39.63 21.15 10.92
N PHE D 203 -39.15 21.63 9.78
CA PHE D 203 -37.77 22.07 9.63
C PHE D 203 -37.78 23.43 8.87
N ILE D 204 -36.86 24.29 9.29
CA ILE D 204 -36.69 25.60 8.71
C ILE D 204 -35.22 25.96 8.62
N SER D 205 -34.92 26.97 7.81
CA SER D 205 -33.57 27.49 7.73
C SER D 205 -33.20 28.11 9.06
N ILE D 206 -31.98 27.83 9.56
CA ILE D 206 -31.61 28.31 10.88
C ILE D 206 -31.76 29.82 11.10
N GLY D 207 -31.46 30.63 10.09
CA GLY D 207 -31.61 32.07 10.11
C GLY D 207 -33.05 32.58 10.32
N SER D 208 -34.02 31.72 10.01
CA SER D 208 -35.42 32.13 10.08
C SER D 208 -36.02 31.85 11.47
N VAL D 209 -35.26 31.26 12.37
CA VAL D 209 -35.77 31.00 13.73
C VAL D 209 -36.13 32.27 14.46
N ASP D 210 -37.31 32.29 15.10
CA ASP D 210 -37.76 33.43 15.87
C ASP D 210 -38.67 32.91 16.92
N LYS D 211 -39.25 33.80 17.71
CA LYS D 211 -40.09 33.35 18.84
C LYS D 211 -41.41 32.75 18.48
N SER D 212 -41.76 32.66 17.19
CA SER D 212 -43.01 32.03 16.76
C SER D 212 -42.91 30.46 16.87
N VAL D 213 -41.69 29.96 16.98
CA VAL D 213 -41.40 28.57 16.93
C VAL D 213 -40.31 28.26 17.99
N LYS D 214 -40.22 26.97 18.32
CA LYS D 214 -39.15 26.48 19.23
C LYS D 214 -38.22 25.55 18.56
N ALA D 215 -36.99 26.00 18.38
CA ALA D 215 -35.99 25.14 17.80
C ALA D 215 -35.48 24.22 18.86
N ILE D 216 -35.27 22.99 18.50
CA ILE D 216 -34.84 21.94 19.48
C ILE D 216 -33.45 21.46 19.10
N GLN D 217 -32.85 20.77 20.05
CA GLN D 217 -31.63 20.07 19.76
C GLN D 217 -31.79 18.89 18.86
N PHE D 218 -30.67 18.57 18.16
CA PHE D 218 -30.59 17.34 17.42
C PHE D 218 -29.35 16.58 17.99
N GLU D 219 -29.53 15.32 18.34
CA GLU D 219 -28.53 14.46 19.05
C GLU D 219 -27.88 15.27 20.11
N LYS D 220 -28.68 15.93 20.95
CA LYS D 220 -28.19 16.81 22.02
C LYS D 220 -27.36 18.04 21.72
N ALA D 221 -27.23 18.43 20.43
CA ALA D 221 -26.58 19.65 20.10
C ALA D 221 -27.56 20.77 19.77
N ASP D 222 -27.29 21.99 20.25
CA ASP D 222 -28.08 23.17 19.95
C ASP D 222 -27.81 23.67 18.54
N PRO D 223 -28.84 24.14 17.86
CA PRO D 223 -28.63 24.65 16.53
C PRO D 223 -28.05 26.08 16.55
N THR D 224 -26.70 26.14 16.64
CA THR D 224 -25.96 27.36 16.66
C THR D 224 -24.94 27.35 15.53
N SER D 225 -24.49 28.53 15.15
CA SER D 225 -23.43 28.71 14.17
C SER D 225 -22.18 27.99 14.59
N ASP D 226 -21.77 28.24 15.81
CA ASP D 226 -20.59 27.56 16.32
C ASP D 226 -20.70 26.04 16.19
N ASN D 227 -21.81 25.46 16.62
CA ASN D 227 -21.97 24.04 16.55
C ASN D 227 -22.01 23.52 15.11
N ILE D 228 -22.43 24.35 14.17
CA ILE D 228 -22.42 23.91 12.82
C ILE D 228 -21.01 23.84 12.26
N ALA D 229 -20.22 24.88 12.51
CA ALA D 229 -18.85 24.96 11.98
C ALA D 229 -18.01 23.84 12.58
N LYS D 230 -18.26 23.51 13.85
CA LYS D 230 -17.46 22.50 14.52
C LYS D 230 -17.98 21.15 14.18
N HIS D 231 -19.15 21.10 13.53
CA HIS D 231 -19.84 19.87 13.15
C HIS D 231 -20.35 19.03 14.34
N THR D 232 -20.55 19.65 15.50
CA THR D 232 -21.30 19.01 16.56
C THR D 232 -22.80 18.97 16.27
N TYR D 233 -23.31 20.02 15.62
CA TYR D 233 -24.73 20.03 15.15
C TYR D 233 -24.76 19.55 13.71
N GLN D 234 -25.36 18.40 13.46
CA GLN D 234 -25.19 17.67 12.17
C GLN D 234 -26.10 18.12 11.04
N LEU D 235 -27.17 18.86 11.36
CA LEU D 235 -28.13 19.29 10.32
C LEU D 235 -27.69 20.55 9.56
N SER D 236 -26.66 20.37 8.73
CA SER D 236 -26.09 21.43 7.94
C SER D 236 -25.70 20.80 6.60
N ARG D 237 -25.55 21.74 5.69
CA ARG D 237 -25.07 21.43 4.35
C ARG D 237 -24.08 22.48 3.88
N PRO D 238 -23.12 22.04 3.04
CA PRO D 238 -22.11 22.89 2.47
C PRO D 238 -22.65 23.64 1.30
N PHE D 239 -22.15 24.83 1.16
CA PHE D 239 -22.22 25.53 -0.09
C PHE D 239 -20.82 25.44 -0.73
N LEU D 240 -20.68 24.65 -1.79
CA LEU D 240 -19.38 24.46 -2.44
C LEU D 240 -19.29 25.26 -3.73
N ILE D 241 -18.09 25.73 -3.96
CA ILE D 241 -17.73 26.31 -5.21
C ILE D 241 -16.68 25.45 -5.94
N LEU D 242 -17.02 25.10 -7.19
CA LEU D 242 -16.15 24.27 -8.08
C LEU D 242 -15.65 24.98 -9.29
N HIS D 243 -14.41 24.72 -9.69
CA HIS D 243 -13.88 25.35 -10.89
C HIS D 243 -12.57 24.64 -11.24
N TYR D 244 -12.09 24.92 -12.45
CA TYR D 244 -10.80 24.37 -12.93
C TYR D 244 -9.68 25.35 -12.88
N SER D 245 -9.02 25.55 -11.74
CA SER D 245 -7.95 26.56 -11.70
C SER D 245 -6.85 26.25 -12.76
N ASP D 246 -6.56 24.97 -12.94
CA ASP D 246 -5.47 24.54 -13.84
C ASP D 246 -5.78 24.80 -15.33
N ASN D 247 -7.07 24.94 -15.68
CA ASN D 247 -7.43 25.37 -17.03
C ASN D 247 -8.22 26.72 -17.07
N ALA D 248 -8.34 27.48 -15.97
CA ALA D 248 -9.28 28.63 -15.99
C ALA D 248 -8.72 29.92 -16.56
N ASP D 249 -9.60 30.70 -17.17
CA ASP D 249 -9.26 31.98 -17.78
C ASP D 249 -9.13 33.03 -16.69
N GLU D 250 -8.65 34.21 -17.03
CA GLU D 250 -8.27 35.17 -15.99
C GLU D 250 -9.46 35.76 -15.23
N GLN D 251 -10.51 36.19 -15.95
CA GLN D 251 -11.68 36.79 -15.27
C GLN D 251 -12.41 35.80 -14.27
N THR D 252 -12.41 34.51 -14.62
CA THR D 252 -12.92 33.45 -13.76
C THR D 252 -12.07 33.38 -12.49
N LYS D 253 -10.76 33.31 -12.63
CA LYS D 253 -9.88 33.31 -11.44
C LYS D 253 -10.11 34.52 -10.56
N GLU D 254 -10.40 35.64 -11.20
CA GLU D 254 -10.58 36.86 -10.46
C GLU D 254 -11.87 36.86 -9.66
N PHE D 255 -12.95 36.37 -10.26
CA PHE D 255 -14.19 36.21 -9.46
C PHE D 255 -14.00 35.20 -8.32
N ILE D 256 -13.28 34.10 -8.55
CA ILE D 256 -13.09 33.12 -7.51
C ILE D 256 -12.33 33.82 -6.38
N ALA D 257 -11.35 34.63 -6.72
CA ALA D 257 -10.61 35.35 -5.67
C ALA D 257 -11.52 36.25 -4.82
N PHE D 258 -12.49 36.94 -5.45
CA PHE D 258 -13.49 37.74 -4.71
C PHE D 258 -14.37 36.91 -3.79
N LEU D 259 -14.79 35.72 -4.25
CA LEU D 259 -15.56 34.86 -3.35
C LEU D 259 -14.81 34.46 -2.12
N LYS D 260 -13.49 34.50 -2.18
CA LYS D 260 -12.67 34.12 -0.99
C LYS D 260 -12.26 35.34 -0.13
N SER D 261 -12.52 36.54 -0.63
CA SER D 261 -12.22 37.81 0.05
C SER D 261 -13.02 38.07 1.31
N GLU D 262 -12.40 38.87 2.19
CA GLU D 262 -13.01 39.26 3.46
C GLU D 262 -14.38 39.95 3.24
N SER D 263 -14.52 40.78 2.21
CA SER D 263 -15.80 41.47 1.95
C SER D 263 -16.90 40.46 1.59
N ALA D 264 -16.61 39.57 0.66
CA ALA D 264 -17.52 38.44 0.40
C ALA D 264 -17.92 37.73 1.68
N LYS D 265 -16.95 37.36 2.53
CA LYS D 265 -17.29 36.58 3.71
C LYS D 265 -18.14 37.34 4.69
N LYS D 266 -17.91 38.65 4.82
CA LYS D 266 -18.68 39.49 5.74
C LYS D 266 -20.16 39.46 5.29
N LEU D 267 -20.35 39.73 4.01
CA LEU D 267 -21.68 39.62 3.39
C LEU D 267 -22.35 38.29 3.64
N ILE D 268 -21.58 37.19 3.56
CA ILE D 268 -22.13 35.84 3.66
C ILE D 268 -22.69 35.63 5.03
N VAL D 269 -21.93 36.07 6.05
CA VAL D 269 -22.38 35.91 7.45
C VAL D 269 -23.62 36.77 7.85
N GLU D 270 -23.67 38.01 7.37
CA GLU D 270 -24.85 38.90 7.53
C GLU D 270 -26.15 38.23 7.10
N TYR D 271 -26.06 37.46 5.99
CA TYR D 271 -27.27 36.95 5.33
C TYR D 271 -27.63 35.63 5.96
N GLY D 272 -26.86 35.23 7.00
CA GLY D 272 -27.17 34.15 7.93
C GLY D 272 -26.55 32.79 7.66
N TYR D 273 -25.47 32.80 6.84
CA TYR D 273 -24.74 31.59 6.53
C TYR D 273 -23.54 31.58 7.48
N ILE D 274 -22.98 30.41 7.65
CA ILE D 274 -21.93 30.14 8.62
C ILE D 274 -20.59 29.91 7.93
N PRO D 276 -16.77 28.39 7.53
CA PRO D 276 -15.96 27.27 7.98
C PRO D 276 -14.86 27.87 8.90
N GLU E 29 31.84 -7.18 18.86
CA GLU E 29 32.11 -8.45 18.12
C GLU E 29 30.87 -9.14 17.46
N ILE E 30 31.03 -9.57 16.20
CA ILE E 30 29.94 -10.05 15.32
C ILE E 30 30.21 -11.52 15.00
N THR E 31 29.34 -12.41 15.45
CA THR E 31 29.53 -13.82 15.16
C THR E 31 28.66 -14.30 14.01
N ILE E 32 29.31 -14.84 12.97
CA ILE E 32 28.60 -15.44 11.79
C ILE E 32 28.95 -16.91 11.68
N SER E 33 27.94 -17.79 11.77
CA SER E 33 28.10 -19.18 12.06
C SER E 33 27.36 -20.07 11.11
N GLY E 34 27.98 -21.20 10.74
CA GLY E 34 27.29 -22.23 10.00
C GLY E 34 28.19 -22.79 8.90
N SER E 35 27.60 -22.94 7.72
CA SER E 35 28.19 -23.66 6.56
C SER E 35 29.71 -23.48 6.39
N THR E 36 30.39 -24.62 6.28
CA THR E 36 31.86 -24.57 6.08
C THR E 36 32.16 -24.25 4.61
N SER E 37 31.21 -24.54 3.73
CA SER E 37 31.28 -24.15 2.33
C SER E 37 31.27 -22.62 2.23
N VAL E 38 30.29 -21.97 2.88
CA VAL E 38 30.22 -20.55 2.83
C VAL E 38 31.38 -19.90 3.56
N ALA E 39 31.88 -20.51 4.60
CA ALA E 39 32.91 -19.89 5.37
C ALA E 39 34.16 -19.78 4.57
N ARG E 40 34.35 -20.57 3.55
CA ARG E 40 35.58 -20.30 2.73
C ARG E 40 35.66 -18.90 2.18
N ILE E 41 34.57 -18.42 1.64
CA ILE E 41 34.54 -17.05 1.14
C ILE E 41 34.25 -16.06 2.21
N ASP E 43 35.46 -16.10 5.14
CA ASP E 43 36.74 -15.77 5.77
C ASP E 43 37.39 -14.53 5.08
N VAL E 44 37.29 -14.49 3.75
CA VAL E 44 37.85 -13.39 2.93
C VAL E 44 37.14 -12.06 3.08
N LEU E 45 35.80 -12.10 3.13
CA LEU E 45 34.97 -10.96 3.28
C LEU E 45 35.17 -10.37 4.67
N ALA E 46 35.19 -11.26 5.68
CA ALA E 46 35.39 -10.84 7.04
C ALA E 46 36.79 -10.23 7.25
N GLU E 47 37.81 -10.81 6.63
CA GLU E 47 39.19 -10.23 6.73
C GLU E 47 39.18 -8.81 6.22
N LYS E 48 38.50 -8.58 5.12
CA LYS E 48 38.46 -7.24 4.53
C LYS E 48 37.70 -6.27 5.45
N TYR E 49 36.51 -6.63 5.91
CA TYR E 49 35.73 -5.78 6.83
C TYR E 49 36.49 -5.50 8.13
N ASN E 50 37.14 -6.54 8.68
CA ASN E 50 37.90 -6.42 9.92
C ASN E 50 39.04 -5.37 9.86
N GLN E 51 39.77 -5.35 8.73
CA GLN E 51 40.76 -4.27 8.37
C GLN E 51 40.20 -2.85 8.26
N GLN E 52 39.04 -2.75 7.62
CA GLN E 52 38.30 -1.51 7.50
C GLN E 52 37.64 -1.13 8.83
N HIS E 53 37.50 -2.06 9.78
CA HIS E 53 36.70 -1.82 10.98
C HIS E 53 37.43 -2.37 12.18
N PRO E 54 38.60 -1.78 12.52
CA PRO E 54 39.47 -2.34 13.58
C PRO E 54 38.83 -2.20 14.96
N GLU E 55 37.79 -1.40 15.06
CA GLU E 55 37.04 -1.23 16.32
C GLU E 55 36.10 -2.42 16.63
N THR E 56 35.98 -3.38 15.73
CA THR E 56 35.03 -4.47 15.88
C THR E 56 35.75 -5.72 15.36
N TYR E 57 35.18 -6.93 15.48
CA TYR E 57 35.79 -8.12 14.85
C TYR E 57 34.67 -9.00 14.37
N VAL E 58 34.78 -9.51 13.16
CA VAL E 58 33.82 -10.46 12.67
C VAL E 58 34.45 -11.81 12.75
N ALA E 59 33.82 -12.60 13.59
CA ALA E 59 34.20 -13.99 13.82
C ALA E 59 33.41 -14.95 12.94
N VAL E 60 34.12 -15.76 12.17
CA VAL E 60 33.52 -16.74 11.27
C VAL E 60 33.67 -18.15 11.81
N GLN E 61 32.55 -18.86 12.01
CA GLN E 61 32.54 -20.12 12.71
C GLN E 61 32.01 -21.15 11.76
N GLY E 62 32.89 -22.00 11.23
CA GLY E 62 32.49 -23.04 10.34
C GLY E 62 32.13 -24.30 11.05
N VAL E 63 30.81 -24.46 11.26
CA VAL E 63 30.21 -25.56 11.99
C VAL E 63 29.10 -26.33 11.33
N GLY E 64 28.91 -26.08 10.04
CA GLY E 64 27.93 -26.76 9.31
C GLY E 64 26.62 -25.95 9.29
N SER E 65 25.82 -26.14 8.25
CA SER E 65 24.59 -25.35 8.05
C SER E 65 23.61 -25.49 9.21
N THR E 66 23.42 -26.74 9.67
CA THR E 66 22.43 -26.99 10.65
C THR E 66 22.75 -26.38 11.99
N ALA E 67 24.02 -26.50 12.40
CA ALA E 67 24.42 -25.90 13.67
C ALA E 67 24.41 -24.38 13.61
N GLY E 68 24.67 -23.79 12.46
CA GLY E 68 24.62 -22.39 12.25
C GLY E 68 23.19 -21.82 12.53
N ILE E 69 22.18 -22.47 11.98
CA ILE E 69 20.82 -22.05 12.18
C ILE E 69 20.52 -22.15 13.67
N SER E 70 20.86 -23.25 14.27
CA SER E 70 20.63 -23.46 15.73
C SER E 70 21.26 -22.35 16.59
N LEU E 71 22.50 -21.99 16.27
CA LEU E 71 23.22 -21.00 17.04
C LEU E 71 22.60 -19.65 16.91
N LEU E 72 22.11 -19.30 15.73
CA LEU E 72 21.41 -18.02 15.52
C LEU E 72 20.06 -18.00 16.29
N LYS E 73 19.30 -19.09 16.26
CA LYS E 73 18.04 -19.15 16.91
C LYS E 73 18.24 -19.07 18.42
N LYS E 74 19.37 -19.58 18.89
CA LYS E 74 19.74 -19.47 20.31
C LYS E 74 20.32 -18.13 20.76
N GLY E 75 20.44 -17.14 19.89
CA GLY E 75 21.01 -15.84 20.18
C GLY E 75 22.49 -15.81 20.37
N VAL E 76 23.22 -16.90 20.05
CA VAL E 76 24.66 -17.00 20.14
C VAL E 76 25.34 -16.45 18.90
N ALA E 77 24.80 -16.71 17.71
CA ALA E 77 25.37 -16.12 16.54
C ALA E 77 24.50 -14.96 16.13
N ASP E 78 25.12 -13.94 15.54
CA ASP E 78 24.40 -12.82 14.99
C ASP E 78 23.80 -13.10 13.58
N ILE E 79 24.48 -13.95 12.81
CA ILE E 79 24.16 -14.21 11.37
C ILE E 79 24.45 -15.61 11.20
N ALA E 80 23.63 -16.35 10.48
CA ALA E 80 23.94 -17.75 10.10
C ALA E 80 24.19 -17.85 8.60
N THR E 82 24.22 -20.76 5.40
CA THR E 82 23.90 -22.14 5.02
C THR E 82 24.32 -22.31 3.50
N SER E 83 24.52 -23.58 3.13
CA SER E 83 24.84 -23.98 1.78
C SER E 83 23.68 -24.78 1.21
N ARG E 84 22.50 -24.56 1.73
CA ARG E 84 21.28 -25.26 1.32
C ARG E 84 20.07 -24.42 1.72
N TYR E 85 18.92 -24.68 1.10
CA TYR E 85 17.72 -23.97 1.49
C TYR E 85 17.22 -24.50 2.82
N LEU E 86 16.35 -23.71 3.48
CA LEU E 86 15.81 -24.10 4.78
C LEU E 86 14.62 -24.97 4.55
N THR E 87 14.43 -25.91 5.46
CA THR E 87 13.22 -26.73 5.51
C THR E 87 12.07 -25.89 6.10
N GLU E 88 10.84 -26.41 5.95
CA GLU E 88 9.68 -25.78 6.59
C GLU E 88 9.83 -25.66 8.11
N SER E 89 10.32 -26.72 8.75
CA SER E 89 10.55 -26.75 10.19
C SER E 89 11.58 -25.70 10.59
N GLU E 90 12.51 -25.39 9.71
CA GLU E 90 13.50 -24.36 10.01
C GLU E 90 13.08 -22.86 9.81
N ALA E 91 12.09 -22.60 8.94
CA ALA E 91 11.67 -21.24 8.63
C ALA E 91 11.05 -20.68 9.92
N GLN E 92 11.25 -19.37 10.10
CA GLN E 92 10.65 -18.60 11.21
C GLN E 92 10.21 -17.30 10.59
N ASN E 93 9.06 -16.73 10.95
CA ASN E 93 8.64 -15.50 10.24
C ASN E 93 9.51 -14.21 10.37
N THR E 94 10.18 -14.00 11.52
CA THR E 94 11.10 -12.83 11.64
C THR E 94 12.54 -13.14 11.24
N LEU E 95 12.80 -14.35 10.80
CA LEU E 95 14.15 -14.65 10.28
C LEU E 95 14.07 -14.28 8.84
N HIS E 96 15.06 -13.58 8.37
CA HIS E 96 15.19 -13.13 7.01
C HIS E 96 16.41 -13.76 6.35
N THR E 97 16.21 -14.02 5.05
CA THR E 97 17.16 -14.90 4.28
C THR E 97 17.48 -14.12 3.04
N PHE E 98 18.75 -14.05 2.71
CA PHE E 98 19.13 -13.60 1.36
C PHE E 98 20.17 -14.53 0.71
N THR E 99 20.20 -14.59 -0.62
CA THR E 99 21.24 -15.32 -1.39
C THR E 99 22.45 -14.48 -1.65
N LEU E 100 23.59 -14.86 -1.03
CA LEU E 100 24.86 -14.20 -1.24
C LEU E 100 25.48 -14.58 -2.60
N ALA E 101 25.27 -15.82 -2.93
CA ALA E 101 25.85 -16.47 -4.12
C ALA E 101 25.31 -17.79 -4.38
N PHE E 102 25.60 -18.26 -5.59
CA PHE E 102 25.49 -19.70 -5.90
C PHE E 102 26.88 -20.34 -6.17
N ASP E 103 26.94 -21.62 -5.81
CA ASP E 103 28.14 -22.40 -6.04
C ASP E 103 27.74 -23.59 -6.90
N GLY E 104 28.57 -23.90 -7.93
CA GLY E 104 28.19 -24.95 -8.81
C GLY E 104 29.09 -26.19 -8.76
N LEU E 105 28.52 -27.32 -9.16
CA LEU E 105 29.18 -28.60 -9.23
C LEU E 105 29.25 -28.98 -10.73
N ALA E 106 30.41 -29.46 -11.18
CA ALA E 106 30.56 -30.04 -12.50
C ALA E 106 30.67 -31.52 -12.41
N ILE E 107 30.11 -32.25 -13.39
CA ILE E 107 30.25 -33.72 -13.45
C ILE E 107 31.42 -33.80 -14.45
N VAL E 108 32.43 -34.61 -14.11
CA VAL E 108 33.64 -34.73 -14.92
C VAL E 108 33.88 -36.18 -15.30
N VAL E 109 34.36 -36.34 -16.55
CA VAL E 109 34.87 -37.60 -17.04
C VAL E 109 36.26 -37.38 -17.61
N ASN E 110 36.89 -38.50 -17.98
CA ASN E 110 38.21 -38.46 -18.62
C ASN E 110 38.07 -37.83 -20.00
N GLN E 111 39.10 -37.08 -20.45
CA GLN E 111 39.16 -36.40 -21.73
C GLN E 111 38.82 -37.35 -22.88
N ALA E 112 39.17 -38.63 -22.77
CA ALA E 112 38.94 -39.59 -23.88
C ALA E 112 37.54 -40.15 -23.89
N ASN E 113 36.76 -39.94 -22.81
CA ASN E 113 35.36 -40.39 -22.78
C ASN E 113 34.47 -39.55 -23.75
N PRO E 114 33.87 -40.23 -24.74
CA PRO E 114 33.08 -39.45 -25.71
C PRO E 114 31.72 -38.94 -25.20
N VAL E 115 31.23 -39.35 -24.04
CA VAL E 115 29.97 -38.86 -23.47
C VAL E 115 30.08 -37.38 -23.29
N THR E 116 29.01 -36.64 -23.66
CA THR E 116 29.01 -35.23 -23.52
C THR E 116 27.88 -34.73 -22.59
N ASN E 117 27.07 -35.62 -22.11
CA ASN E 117 25.81 -35.30 -21.34
C ASN E 117 25.34 -36.44 -20.58
N LEU E 118 24.76 -36.21 -19.40
CA LEU E 118 24.04 -37.21 -18.68
C LEU E 118 22.77 -36.57 -18.24
N THR E 119 21.70 -37.33 -18.33
CA THR E 119 20.43 -36.90 -17.71
C THR E 119 20.43 -37.26 -16.23
N ARG E 120 19.39 -36.81 -15.52
CA ARG E 120 19.21 -37.15 -14.13
C ARG E 120 19.09 -38.61 -13.92
N GLU E 121 18.33 -39.30 -14.76
CA GLU E 121 18.04 -40.68 -14.50
C GLU E 121 19.38 -41.44 -14.66
N GLN E 122 20.19 -41.01 -15.62
CA GLN E 122 21.38 -41.73 -15.94
C GLN E 122 22.46 -41.50 -14.85
N LEU E 123 22.63 -40.24 -14.49
CA LEU E 123 23.62 -39.90 -13.39
C LEU E 123 23.19 -40.60 -12.10
N TYR E 124 21.92 -40.57 -11.74
CA TYR E 124 21.43 -41.33 -10.63
C TYR E 124 21.71 -42.76 -10.66
N GLY E 125 21.37 -43.39 -11.83
CA GLY E 125 21.57 -44.80 -11.99
C GLY E 125 23.08 -45.14 -11.87
N ILE E 126 23.90 -44.29 -12.41
CA ILE E 126 25.38 -44.50 -12.30
C ILE E 126 25.78 -44.46 -10.84
N TYR E 127 25.40 -43.41 -10.13
CA TYR E 127 25.75 -43.32 -8.70
C TYR E 127 25.16 -44.33 -7.75
N LYS E 128 23.99 -44.91 -8.10
CA LYS E 128 23.43 -46.01 -7.32
C LYS E 128 24.06 -47.36 -7.63
N GLY E 129 24.77 -47.45 -8.75
CA GLY E 129 25.46 -48.64 -9.17
C GLY E 129 24.52 -49.56 -10.03
N GLN E 130 23.41 -48.99 -10.46
CA GLN E 130 22.41 -49.67 -11.35
C GLN E 130 22.88 -49.76 -12.82
N ILE E 131 23.45 -48.67 -13.31
CA ILE E 131 24.05 -48.51 -14.62
C ILE E 131 25.53 -48.63 -14.43
N THR E 132 26.07 -49.68 -15.02
CA THR E 132 27.45 -50.15 -14.75
C THR E 132 28.45 -50.00 -15.88
N ASN E 133 28.01 -49.73 -17.10
CA ASN E 133 28.89 -49.73 -18.21
C ASN E 133 28.59 -48.48 -19.06
N TRP E 134 29.61 -47.78 -19.50
CA TRP E 134 29.44 -46.55 -20.25
C TRP E 134 28.57 -46.77 -21.55
N LYS E 135 28.54 -48.00 -22.07
CA LYS E 135 27.82 -48.14 -23.36
C LYS E 135 26.35 -47.97 -23.10
N GLN E 136 25.93 -48.16 -21.84
CA GLN E 136 24.51 -47.95 -21.52
C GLN E 136 24.08 -46.49 -21.63
N VAL E 137 24.99 -45.55 -21.55
CA VAL E 137 24.70 -44.14 -21.68
C VAL E 137 25.37 -43.51 -22.85
N GLY E 138 25.54 -44.25 -23.95
CA GLY E 138 26.03 -43.64 -25.19
C GLY E 138 27.56 -43.60 -25.39
N GLY E 139 28.28 -44.19 -24.45
CA GLY E 139 29.72 -44.28 -24.55
C GLY E 139 30.30 -45.64 -24.94
N ASN E 140 31.57 -45.84 -24.55
CA ASN E 140 32.34 -47.02 -24.86
C ASN E 140 31.93 -48.15 -24.03
N ASP E 141 32.15 -49.38 -24.52
CA ASP E 141 32.00 -50.58 -23.74
C ASP E 141 33.11 -50.70 -22.71
N GLN E 142 32.78 -50.30 -21.47
CA GLN E 142 33.80 -50.16 -20.40
C GLN E 142 33.03 -49.97 -19.11
N LYS E 143 33.37 -50.74 -18.07
CA LYS E 143 32.71 -50.64 -16.81
C LYS E 143 33.09 -49.32 -16.12
N ILE E 144 32.09 -48.71 -15.50
CA ILE E 144 32.26 -47.33 -14.94
C ILE E 144 32.88 -47.50 -13.53
N ALA E 145 33.82 -46.59 -13.21
CA ALA E 145 34.37 -46.39 -11.86
C ALA E 145 33.69 -45.08 -11.34
N VAL E 146 32.81 -45.24 -10.34
CA VAL E 146 32.09 -44.20 -9.67
C VAL E 146 32.96 -43.60 -8.60
N VAL E 147 33.27 -42.35 -8.69
CA VAL E 147 34.12 -41.69 -7.70
C VAL E 147 33.29 -40.65 -6.89
N THR E 148 33.52 -40.63 -5.59
CA THR E 148 32.90 -39.70 -4.69
C THR E 148 33.92 -39.15 -3.69
N ARG E 149 33.46 -38.27 -2.82
CA ARG E 149 34.33 -37.65 -1.84
C ARG E 149 34.15 -38.31 -0.47
N GLU E 150 34.98 -37.92 0.52
CA GLU E 150 34.96 -38.39 1.85
C GLU E 150 33.60 -38.11 2.54
N ALA E 151 33.25 -38.90 3.50
CA ALA E 151 31.92 -38.86 4.17
C ALA E 151 31.55 -37.45 4.70
N SER E 152 32.56 -36.68 5.09
CA SER E 152 32.33 -35.41 5.70
C SER E 152 32.34 -34.29 4.73
N SER E 153 32.46 -34.59 3.45
CA SER E 153 32.62 -33.59 2.47
C SER E 153 31.22 -32.88 2.22
N GLY E 154 31.24 -31.57 2.31
CA GLY E 154 30.06 -30.76 2.03
C GLY E 154 29.67 -30.81 0.59
N THR E 155 30.69 -30.94 -0.28
CA THR E 155 30.44 -31.08 -1.71
C THR E 155 29.68 -32.35 -1.95
N ARG E 156 30.11 -33.47 -1.35
CA ARG E 156 29.39 -34.71 -1.52
C ARG E 156 27.97 -34.56 -0.97
N TYR E 157 27.79 -33.87 0.17
CA TYR E 157 26.48 -33.77 0.80
C TYR E 157 25.52 -33.02 -0.15
N SER E 158 26.00 -31.97 -0.74
CA SER E 158 25.21 -31.21 -1.69
C SER E 158 24.92 -31.97 -2.98
N PHE E 159 25.95 -32.71 -3.46
CA PHE E 159 25.72 -33.57 -4.65
C PHE E 159 24.62 -34.56 -4.38
N GLU E 160 24.72 -35.28 -3.28
CA GLU E 160 23.76 -36.33 -2.98
C GLU E 160 22.34 -35.83 -2.74
N SER E 161 22.26 -34.64 -2.17
CA SER E 161 20.99 -33.98 -1.91
C SER E 161 20.36 -33.57 -3.28
N LEU E 162 21.14 -32.94 -4.14
CA LEU E 162 20.70 -32.56 -5.50
C LEU E 162 20.18 -33.78 -6.24
N GLY E 164 19.15 -36.86 -5.03
CA GLY E 164 18.27 -37.82 -4.39
C GLY E 164 19.01 -39.10 -4.07
N LEU E 165 20.35 -39.03 -3.88
CA LEU E 165 21.16 -40.20 -3.54
C LEU E 165 21.30 -40.45 -2.03
N THR E 166 20.19 -40.26 -1.29
CA THR E 166 20.12 -40.55 0.12
C THR E 166 18.92 -41.38 0.41
N LYS E 167 18.91 -41.99 1.60
CA LYS E 167 17.79 -42.74 2.21
C LYS E 167 17.50 -42.16 3.61
N THR E 168 16.23 -41.98 3.98
CA THR E 168 15.86 -41.39 5.24
C THR E 168 15.90 -42.50 6.34
N VAL E 169 16.73 -42.31 7.37
CA VAL E 169 16.76 -43.22 8.55
C VAL E 169 16.74 -42.36 9.80
N LYS E 170 15.68 -42.48 10.58
CA LYS E 170 15.56 -41.72 11.83
C LYS E 170 15.96 -40.21 11.75
N ASP E 171 15.22 -39.46 10.97
CA ASP E 171 15.45 -38.01 10.85
C ASP E 171 16.83 -37.64 10.27
N ARG E 172 17.48 -38.59 9.59
CA ARG E 172 18.78 -38.34 9.01
C ARG E 172 18.78 -38.88 7.54
N GLU E 173 19.31 -38.14 6.58
CA GLU E 173 19.54 -38.70 5.25
C GLU E 173 20.88 -39.35 5.24
N VAL E 174 20.87 -40.64 5.00
CA VAL E 174 22.07 -41.43 4.84
C VAL E 174 22.46 -41.56 3.38
N SER E 175 23.76 -41.54 3.07
CA SER E 175 24.27 -41.72 1.77
C SER E 175 23.75 -43.08 1.17
N ASP E 176 23.30 -43.01 -0.05
CA ASP E 176 22.79 -44.18 -0.77
C ASP E 176 23.54 -44.49 -2.03
N VAL E 177 24.80 -44.08 -2.12
CA VAL E 177 25.56 -44.37 -3.31
C VAL E 177 26.02 -45.82 -3.27
N ALA E 178 26.32 -46.30 -4.47
CA ALA E 178 26.86 -47.63 -4.75
C ALA E 178 27.87 -47.96 -3.70
N PRO E 179 27.78 -49.11 -3.08
CA PRO E 179 28.77 -49.51 -2.09
C PRO E 179 30.16 -49.71 -2.71
N THR E 180 30.26 -49.82 -4.03
CA THR E 180 31.57 -49.91 -4.71
C THR E 180 32.16 -48.61 -5.21
N ALA E 181 31.55 -47.45 -4.84
CA ALA E 181 32.11 -46.17 -5.27
C ALA E 181 33.46 -46.00 -4.54
N LEU E 182 34.30 -45.32 -5.21
CA LEU E 182 35.67 -45.01 -4.77
C LEU E 182 35.67 -43.64 -4.14
N VAL E 183 36.25 -43.53 -2.96
CA VAL E 183 36.37 -42.25 -2.27
C VAL E 183 37.77 -41.63 -2.51
N VAL E 184 37.81 -40.37 -2.87
CA VAL E 184 39.00 -39.54 -2.75
C VAL E 184 38.71 -38.42 -1.77
N ASN E 185 39.79 -37.86 -1.23
CA ASN E 185 39.69 -36.98 -0.06
C ASN E 185 39.88 -35.55 -0.29
N SER E 186 39.83 -35.17 -1.55
CA SER E 186 39.89 -33.83 -2.00
C SER E 186 39.42 -33.58 -3.40
N ASN E 187 39.08 -32.32 -3.63
CA ASN E 187 38.72 -31.92 -4.98
C ASN E 187 39.85 -32.14 -5.99
N SER E 188 41.06 -31.86 -5.54
CA SER E 188 42.22 -32.01 -6.40
C SER E 188 42.50 -33.46 -6.73
N LYS E 191 40.09 -34.66 -9.40
CA LYS E 191 40.52 -34.36 -10.71
C LYS E 191 41.62 -35.34 -11.20
N THR E 192 42.65 -35.54 -10.33
CA THR E 192 43.77 -36.42 -10.73
C THR E 192 43.29 -37.86 -11.05
N LEU E 193 42.40 -38.35 -10.26
CA LEU E 193 41.86 -39.70 -10.41
C LEU E 193 41.13 -39.82 -11.76
N VAL E 194 40.30 -38.85 -12.01
CA VAL E 194 39.59 -38.77 -13.31
C VAL E 194 40.54 -38.72 -14.49
N ASN E 195 41.56 -37.87 -14.36
CA ASN E 195 42.58 -37.63 -15.36
C ASN E 195 43.32 -38.92 -15.70
N HIS E 196 43.53 -39.78 -14.70
CA HIS E 196 44.37 -41.02 -14.86
C HIS E 196 43.50 -42.27 -15.25
N ASN E 197 42.17 -42.13 -15.32
CA ASN E 197 41.33 -43.30 -15.46
C ASN E 197 40.19 -43.07 -16.44
N THR E 198 40.39 -43.67 -17.60
CA THR E 198 39.40 -43.48 -18.67
C THR E 198 37.99 -43.90 -18.30
N GLN E 199 37.76 -44.79 -17.35
CA GLN E 199 36.46 -45.35 -16.97
C GLN E 199 35.74 -44.45 -15.91
N ALA E 200 36.45 -43.44 -15.36
CA ALA E 200 35.94 -42.72 -14.17
C ALA E 200 34.94 -41.61 -14.46
N VAL E 201 34.03 -41.48 -13.49
CA VAL E 201 33.22 -40.28 -13.44
C VAL E 201 33.28 -39.73 -12.00
N GLY E 202 33.26 -38.41 -11.87
CA GLY E 202 33.19 -37.77 -10.57
C GLY E 202 32.53 -36.40 -10.63
N PHE E 203 32.69 -35.63 -9.56
CA PHE E 203 32.12 -34.30 -9.45
C PHE E 203 33.14 -33.45 -8.70
N ILE E 204 33.17 -32.21 -9.14
CA ILE E 204 34.14 -31.20 -8.64
C ILE E 204 33.43 -29.81 -8.58
N SER E 205 34.08 -28.89 -7.86
CA SER E 205 33.61 -27.50 -7.86
C SER E 205 33.82 -26.96 -9.21
N ILE E 206 32.84 -26.20 -9.73
CA ILE E 206 32.93 -25.73 -11.09
C ILE E 206 34.12 -24.80 -11.37
N GLY E 207 34.58 -24.05 -10.36
CA GLY E 207 35.74 -23.20 -10.47
C GLY E 207 37.06 -23.95 -10.65
N SER E 208 37.01 -25.21 -10.32
CA SER E 208 38.20 -26.03 -10.45
C SER E 208 38.37 -26.80 -11.73
N VAL E 209 37.41 -26.69 -12.64
CA VAL E 209 37.52 -27.33 -13.96
C VAL E 209 38.75 -26.79 -14.66
N ASP E 210 39.58 -27.67 -15.21
CA ASP E 210 40.70 -27.28 -16.05
C ASP E 210 40.91 -28.41 -17.08
N LYS E 211 42.00 -28.38 -17.86
CA LYS E 211 42.14 -29.34 -18.99
C LYS E 211 42.52 -30.71 -18.58
N SER E 212 42.59 -30.95 -17.29
CA SER E 212 42.89 -32.30 -16.87
C SER E 212 41.71 -33.15 -16.85
N VAL E 213 40.50 -32.52 -16.94
CA VAL E 213 39.23 -33.28 -16.82
C VAL E 213 38.29 -32.67 -17.87
N LYS E 214 37.27 -33.47 -18.20
CA LYS E 214 36.26 -32.98 -19.15
C LYS E 214 34.90 -32.86 -18.41
N ALA E 215 34.39 -31.61 -18.32
CA ALA E 215 33.14 -31.34 -17.67
C ALA E 215 32.05 -31.60 -18.75
N ILE E 216 31.01 -32.24 -18.36
CA ILE E 216 29.94 -32.54 -19.27
C ILE E 216 28.64 -31.77 -18.92
N GLN E 217 27.66 -31.89 -19.84
CA GLN E 217 26.31 -31.42 -19.55
C GLN E 217 25.56 -32.24 -18.58
N PHE E 218 24.64 -31.54 -17.87
CA PHE E 218 23.65 -32.14 -17.09
C PHE E 218 22.28 -31.77 -17.63
N GLU E 219 21.48 -32.79 -17.97
CA GLU E 219 20.20 -32.57 -18.71
C GLU E 219 20.37 -31.55 -19.84
N LYS E 220 21.41 -31.72 -20.62
CA LYS E 220 21.71 -30.88 -21.77
C LYS E 220 22.09 -29.46 -21.52
N ALA E 221 22.35 -29.12 -20.28
CA ALA E 221 22.80 -27.80 -20.02
C ALA E 221 24.29 -27.82 -19.67
N ASP E 222 25.02 -26.87 -20.20
CA ASP E 222 26.43 -26.63 -19.85
C ASP E 222 26.54 -26.11 -18.44
N PRO E 223 27.58 -26.53 -17.75
CA PRO E 223 27.86 -26.02 -16.38
C PRO E 223 28.57 -24.66 -16.45
N THR E 224 27.80 -23.59 -16.68
CA THR E 224 28.33 -22.26 -16.73
C THR E 224 27.64 -21.39 -15.67
N SER E 225 28.29 -20.28 -15.32
CA SER E 225 27.75 -19.26 -14.42
C SER E 225 26.39 -18.76 -14.86
N ASP E 226 26.23 -18.51 -16.16
CA ASP E 226 24.97 -17.97 -16.62
C ASP E 226 23.88 -18.98 -16.52
N ASN E 227 24.11 -20.26 -16.82
CA ASN E 227 23.06 -21.20 -16.69
C ASN E 227 22.73 -21.51 -15.18
N ILE E 228 23.73 -21.34 -14.31
CA ILE E 228 23.40 -21.59 -12.93
C ILE E 228 22.46 -20.52 -12.41
N ALA E 229 22.80 -19.28 -12.73
CA ALA E 229 21.98 -18.19 -12.29
C ALA E 229 20.53 -18.24 -12.82
N LYS E 230 20.29 -18.77 -14.03
CA LYS E 230 18.94 -19.04 -14.56
C LYS E 230 18.30 -20.30 -14.17
N HIS E 231 19.04 -21.14 -13.42
CA HIS E 231 18.59 -22.46 -13.03
C HIS E 231 18.18 -23.38 -14.19
N THR E 232 18.85 -23.22 -15.32
CA THR E 232 18.76 -24.18 -16.41
C THR E 232 19.84 -25.29 -16.27
N TYR E 233 20.93 -25.01 -15.56
CA TYR E 233 21.89 -26.04 -15.11
C TYR E 233 21.57 -26.20 -13.63
N GLN E 234 21.16 -27.40 -13.29
CA GLN E 234 20.54 -27.65 -12.00
C GLN E 234 21.52 -27.93 -10.83
N LEU E 235 22.77 -28.26 -11.15
CA LEU E 235 23.68 -28.77 -10.10
C LEU E 235 24.41 -27.57 -9.48
N SER E 236 23.66 -26.86 -8.64
CA SER E 236 24.19 -25.75 -7.90
C SER E 236 23.60 -25.81 -6.49
N ARG E 237 24.20 -24.97 -5.64
CA ARG E 237 23.64 -24.71 -4.29
C ARG E 237 23.76 -23.28 -3.91
N PRO E 238 22.77 -22.85 -3.06
CA PRO E 238 22.79 -21.47 -2.59
C PRO E 238 23.72 -21.26 -1.45
N PHE E 239 24.34 -20.12 -1.35
CA PHE E 239 25.01 -19.68 -0.13
C PHE E 239 24.05 -18.63 0.49
N LEU E 240 23.35 -19.00 1.58
CA LEU E 240 22.32 -18.12 2.18
C LEU E 240 22.80 -17.53 3.42
N ILE E 241 22.40 -16.25 3.63
CA ILE E 241 22.74 -15.51 4.83
C ILE E 241 21.41 -15.27 5.57
N LEU E 242 21.44 -15.66 6.85
CA LEU E 242 20.23 -15.58 7.71
C LEU E 242 20.48 -14.60 8.84
N HIS E 243 19.51 -13.70 9.12
CA HIS E 243 19.61 -12.84 10.29
C HIS E 243 18.24 -12.30 10.65
N TYR E 244 18.16 -11.62 11.77
CA TYR E 244 16.86 -11.09 12.19
C TYR E 244 16.78 -9.61 11.83
N SER E 245 16.73 -9.29 10.56
CA SER E 245 17.01 -7.93 10.06
C SER E 245 16.86 -6.73 11.02
N ASP E 246 15.66 -6.17 11.20
CA ASP E 246 15.57 -5.02 12.11
C ASP E 246 15.91 -5.38 13.58
N ASN E 247 15.61 -6.62 14.06
CA ASN E 247 15.92 -6.99 15.49
C ASN E 247 17.40 -7.23 15.83
N ALA E 248 18.26 -7.00 14.87
CA ALA E 248 19.67 -7.15 15.12
C ALA E 248 20.25 -5.81 15.56
N ASP E 249 21.45 -5.88 16.07
CA ASP E 249 22.12 -4.70 16.54
C ASP E 249 22.72 -3.95 15.38
N GLU E 250 23.19 -2.74 15.67
CA GLU E 250 23.79 -1.92 14.65
C GLU E 250 24.96 -2.62 14.02
N GLN E 251 25.81 -3.31 14.77
CA GLN E 251 27.00 -3.81 14.10
C GLN E 251 26.70 -4.99 13.17
N THR E 252 25.69 -5.76 13.46
CA THR E 252 25.21 -6.81 12.56
C THR E 252 24.62 -6.24 11.29
N LYS E 253 23.76 -5.24 11.44
CA LYS E 253 23.18 -4.55 10.27
C LYS E 253 24.24 -3.93 9.36
N GLU E 254 25.27 -3.34 9.93
CA GLU E 254 26.40 -2.80 9.16
C GLU E 254 27.17 -3.91 8.41
N PHE E 255 27.35 -5.11 9.02
CA PHE E 255 28.09 -6.16 8.34
C PHE E 255 27.18 -6.73 7.22
N ILE E 256 25.88 -6.88 7.49
CA ILE E 256 24.92 -7.32 6.47
C ILE E 256 24.93 -6.43 5.26
N ALA E 257 24.95 -5.10 5.50
CA ALA E 257 25.05 -4.12 4.42
C ALA E 257 26.29 -4.33 3.62
N PHE E 258 27.43 -4.58 4.30
CA PHE E 258 28.67 -4.85 3.61
C PHE E 258 28.53 -6.07 2.69
N LEU E 259 27.88 -7.15 3.16
CA LEU E 259 27.65 -8.35 2.34
C LEU E 259 26.80 -8.09 1.11
N LYS E 260 25.93 -7.06 1.15
CA LYS E 260 25.08 -6.70 0.00
C LYS E 260 25.71 -5.65 -0.90
N SER E 261 26.91 -5.22 -0.55
CA SER E 261 27.59 -4.12 -1.24
C SER E 261 28.26 -4.56 -2.53
N GLU E 262 28.50 -3.57 -3.37
CA GLU E 262 29.23 -3.80 -4.61
C GLU E 262 30.60 -4.35 -4.27
N SER E 263 31.30 -3.80 -3.27
CA SER E 263 32.68 -4.31 -3.11
C SER E 263 32.65 -5.82 -2.74
N ALA E 264 31.67 -6.23 -1.90
CA ALA E 264 31.60 -7.64 -1.56
C ALA E 264 31.29 -8.55 -2.76
N LYS E 265 30.25 -8.25 -3.57
CA LYS E 265 29.92 -9.05 -4.73
C LYS E 265 31.12 -9.26 -5.74
N LYS E 266 31.89 -8.23 -5.96
CA LYS E 266 33.06 -8.26 -6.85
C LYS E 266 34.08 -9.30 -6.34
N LEU E 267 34.32 -9.30 -5.04
CA LEU E 267 35.22 -10.31 -4.47
C LEU E 267 34.59 -11.69 -4.66
N ILE E 268 33.29 -11.82 -4.36
CA ILE E 268 32.64 -13.07 -4.49
C ILE E 268 32.80 -13.67 -5.90
N VAL E 269 32.57 -12.88 -6.96
CA VAL E 269 32.66 -13.48 -8.29
C VAL E 269 34.13 -13.83 -8.66
N GLU E 270 35.00 -12.96 -8.24
CA GLU E 270 36.45 -13.13 -8.42
C GLU E 270 36.94 -14.45 -7.82
N TYR E 271 36.22 -15.03 -6.84
CA TYR E 271 36.64 -16.26 -6.26
C TYR E 271 35.92 -17.42 -6.83
N GLY E 272 35.06 -17.21 -7.82
CA GLY E 272 34.46 -18.31 -8.55
C GLY E 272 33.02 -18.59 -8.27
N TYR E 273 32.42 -17.74 -7.43
CA TYR E 273 31.04 -17.93 -7.07
C TYR E 273 30.24 -17.05 -8.04
N ILE E 274 28.96 -17.30 -8.07
CA ILE E 274 28.04 -16.78 -9.03
C ILE E 274 27.03 -15.88 -8.37
N PRO E 276 23.48 -14.18 -7.99
CA PRO E 276 22.08 -14.35 -8.41
C PRO E 276 21.66 -13.20 -9.42
N SER F 28 16.96 -39.99 19.00
CA SER F 28 17.85 -38.81 18.89
C SER F 28 19.29 -39.25 18.64
N GLU F 29 20.07 -38.32 18.19
CA GLU F 29 21.52 -38.54 17.97
C GLU F 29 22.37 -38.19 19.17
N ILE F 30 23.62 -38.68 19.16
CA ILE F 30 24.66 -38.26 20.12
C ILE F 30 25.57 -37.40 19.22
N THR F 31 25.71 -36.10 19.48
CA THR F 31 26.59 -35.24 18.69
C THR F 31 27.93 -35.04 19.39
N ILE F 32 29.01 -35.47 18.74
CA ILE F 32 30.36 -35.27 19.27
C ILE F 32 31.13 -34.42 18.35
N SER F 33 31.56 -33.26 18.82
CA SER F 33 32.11 -32.24 17.92
C SER F 33 33.46 -31.75 18.46
N GLY F 34 34.41 -31.51 17.51
CA GLY F 34 35.69 -30.91 17.89
C GLY F 34 36.79 -31.23 16.95
N SER F 35 37.94 -31.47 17.53
CA SER F 35 39.17 -31.59 16.77
C SER F 35 39.04 -32.54 15.60
N THR F 36 39.45 -32.11 14.42
CA THR F 36 39.54 -32.96 13.25
C THR F 36 40.51 -34.12 13.45
N SER F 37 41.54 -33.95 14.28
CA SER F 37 42.55 -34.96 14.47
C SER F 37 41.89 -36.11 15.25
N VAL F 38 41.00 -35.76 16.18
CA VAL F 38 40.30 -36.81 16.99
C VAL F 38 39.22 -37.41 16.13
N ALA F 39 38.68 -36.62 15.22
CA ALA F 39 37.54 -37.07 14.44
C ALA F 39 37.92 -38.24 13.56
N ARG F 40 39.19 -38.42 13.19
CA ARG F 40 39.55 -39.53 12.31
C ARG F 40 39.38 -40.92 13.03
N ILE F 41 39.87 -41.07 14.25
CA ILE F 41 39.62 -42.23 15.05
C ILE F 41 38.22 -42.22 15.58
N ASP F 43 35.60 -41.40 13.99
CA ASP F 43 34.75 -42.06 12.94
C ASP F 43 34.73 -43.58 13.05
N VAL F 44 35.90 -44.12 13.29
CA VAL F 44 36.02 -45.57 13.41
C VAL F 44 35.27 -46.09 14.60
N LEU F 45 35.40 -45.42 15.73
CA LEU F 45 34.73 -45.75 16.96
C LEU F 45 33.22 -45.61 16.85
N ALA F 46 32.80 -44.57 16.22
CA ALA F 46 31.36 -44.30 16.06
C ALA F 46 30.74 -45.34 15.14
N GLU F 47 31.45 -45.81 14.13
CA GLU F 47 30.90 -46.84 13.20
C GLU F 47 30.69 -48.15 13.97
N LYS F 48 31.64 -48.50 14.81
CA LYS F 48 31.43 -49.70 15.60
C LYS F 48 30.24 -49.54 16.52
N TYR F 49 30.17 -48.41 17.22
CA TYR F 49 29.13 -48.20 18.18
C TYR F 49 27.73 -48.14 17.42
N ASN F 50 27.70 -47.47 16.27
CA ASN F 50 26.45 -47.21 15.51
C ASN F 50 25.90 -48.55 15.03
N GLN F 51 26.78 -49.47 14.66
CA GLN F 51 26.37 -50.85 14.24
C GLN F 51 25.68 -51.56 15.39
N GLN F 52 26.17 -51.36 16.60
CA GLN F 52 25.71 -52.00 17.79
C GLN F 52 24.56 -51.36 18.47
N HIS F 53 24.25 -50.12 18.08
CA HIS F 53 23.28 -49.35 18.79
C HIS F 53 22.28 -48.69 17.80
N PRO F 54 21.36 -49.50 17.30
CA PRO F 54 20.40 -48.98 16.30
C PRO F 54 19.52 -47.92 16.83
N GLU F 55 19.38 -47.79 18.13
CA GLU F 55 18.43 -46.83 18.76
C GLU F 55 18.91 -45.34 18.75
N THR F 56 20.15 -45.21 18.37
CA THR F 56 20.79 -43.87 18.30
C THR F 56 21.75 -43.81 17.17
N TYR F 57 22.54 -42.73 17.10
CA TYR F 57 23.47 -42.53 16.00
C TYR F 57 24.46 -41.49 16.51
N VAL F 58 25.77 -41.83 16.49
CA VAL F 58 26.81 -40.91 16.91
C VAL F 58 27.17 -40.20 15.63
N ALA F 59 27.02 -38.88 15.69
CA ALA F 59 27.32 -37.92 14.61
C ALA F 59 28.59 -37.22 15.00
N VAL F 60 29.60 -37.41 14.18
CA VAL F 60 30.99 -36.99 14.56
C VAL F 60 31.25 -35.76 13.67
N GLN F 61 31.51 -34.59 14.28
CA GLN F 61 31.67 -33.30 13.57
C GLN F 61 33.09 -32.75 13.79
N GLY F 62 33.89 -32.71 12.72
CA GLY F 62 35.28 -32.24 12.81
C GLY F 62 35.33 -30.76 12.56
N VAL F 63 35.18 -29.98 13.59
CA VAL F 63 35.11 -28.53 13.51
C VAL F 63 36.23 -27.79 14.20
N GLY F 64 37.14 -28.53 14.87
CA GLY F 64 38.25 -27.95 15.67
C GLY F 64 37.91 -27.86 17.12
N SER F 65 38.90 -28.01 18.00
CA SER F 65 38.76 -28.09 19.42
C SER F 65 37.99 -26.87 19.97
N THR F 66 38.39 -25.68 19.54
CA THR F 66 37.76 -24.44 20.02
C THR F 66 36.24 -24.40 19.76
N ALA F 67 35.90 -24.71 18.52
CA ALA F 67 34.55 -24.75 18.05
C ALA F 67 33.75 -25.81 18.77
N GLY F 68 34.38 -26.95 19.08
CA GLY F 68 33.71 -28.08 19.71
C GLY F 68 33.36 -27.76 21.14
N ILE F 69 34.30 -27.17 21.87
CA ILE F 69 34.06 -26.69 23.22
C ILE F 69 32.91 -25.66 23.14
N SER F 70 32.87 -24.74 22.18
CA SER F 70 31.83 -23.75 22.08
C SER F 70 30.47 -24.45 21.92
N LEU F 71 30.42 -25.40 21.00
CA LEU F 71 29.14 -26.10 20.65
C LEU F 71 28.63 -26.92 21.84
N LEU F 72 29.48 -27.54 22.61
CA LEU F 72 29.16 -28.25 23.84
C LEU F 72 28.56 -27.22 24.83
N LYS F 73 29.22 -26.10 25.08
CA LYS F 73 28.75 -25.17 26.12
C LYS F 73 27.41 -24.55 25.72
N LYS F 74 27.24 -24.39 24.43
CA LYS F 74 26.03 -23.83 23.89
C LYS F 74 24.88 -24.85 23.68
N GLY F 75 25.10 -26.12 23.97
CA GLY F 75 24.02 -27.15 23.89
C GLY F 75 23.79 -27.76 22.53
N VAL F 76 24.66 -27.47 21.57
CA VAL F 76 24.57 -28.00 20.20
C VAL F 76 25.21 -29.35 20.10
N ALA F 77 26.33 -29.51 20.81
CA ALA F 77 26.92 -30.83 20.92
C ALA F 77 26.70 -31.40 22.28
N ASP F 78 26.68 -32.72 22.34
CA ASP F 78 26.63 -33.45 23.57
C ASP F 78 27.96 -33.75 24.19
N ILE F 79 28.98 -33.90 23.37
CA ILE F 79 30.31 -34.29 23.80
C ILE F 79 31.26 -33.42 22.90
N ALA F 80 32.32 -32.92 23.52
CA ALA F 80 33.37 -32.27 22.75
C ALA F 80 34.59 -33.15 22.68
N THR F 82 38.88 -32.70 21.89
CA THR F 82 40.02 -31.84 21.61
C THR F 82 41.25 -32.66 21.35
N SER F 83 42.24 -31.98 20.74
CA SER F 83 43.61 -32.50 20.62
C SER F 83 44.61 -31.56 21.24
N ARG F 84 44.16 -30.95 22.34
CA ARG F 84 44.98 -30.12 23.19
C ARG F 84 44.35 -30.02 24.53
N TYR F 85 45.12 -29.55 25.51
CA TYR F 85 44.54 -29.28 26.79
C TYR F 85 43.83 -28.00 26.78
N LEU F 86 42.88 -27.81 27.66
CA LEU F 86 42.00 -26.65 27.68
C LEU F 86 42.70 -25.41 28.30
N THR F 87 42.33 -24.19 27.90
CA THR F 87 42.85 -23.02 28.62
C THR F 87 42.20 -22.90 30.02
N GLU F 88 42.84 -22.08 30.84
CA GLU F 88 42.26 -21.57 32.09
C GLU F 88 40.79 -21.13 31.91
N SER F 89 40.55 -20.24 30.95
CA SER F 89 39.23 -19.66 30.67
C SER F 89 38.20 -20.60 30.03
N GLU F 90 38.64 -21.76 29.51
CA GLU F 90 37.79 -22.78 28.86
C GLU F 90 37.34 -23.78 29.93
N ALA F 91 38.11 -23.95 31.01
CA ALA F 91 37.78 -24.90 32.07
C ALA F 91 36.55 -24.45 32.90
N GLN F 92 35.72 -25.40 33.29
CA GLN F 92 34.49 -25.11 34.06
C GLN F 92 34.49 -26.20 35.13
N ASN F 93 34.00 -25.97 36.35
CA ASN F 93 34.04 -27.13 37.28
C ASN F 93 33.01 -28.25 36.96
N THR F 94 31.94 -27.91 36.20
CA THR F 94 30.93 -28.93 35.79
C THR F 94 31.36 -29.76 34.58
N LEU F 95 32.41 -29.30 33.91
CA LEU F 95 32.93 -30.03 32.73
C LEU F 95 33.71 -31.32 33.14
N HIS F 96 33.35 -32.49 32.65
CA HIS F 96 34.11 -33.67 32.89
C HIS F 96 35.08 -33.84 31.67
N THR F 97 36.35 -34.10 31.97
CA THR F 97 37.37 -34.46 30.95
C THR F 97 38.00 -35.77 31.18
N PHE F 98 38.23 -36.61 30.16
CA PHE F 98 39.10 -37.77 30.27
C PHE F 98 39.94 -37.86 29.00
N THR F 99 41.08 -38.53 29.11
CA THR F 99 41.95 -38.71 27.98
C THR F 99 41.64 -39.97 27.29
N LEU F 100 41.27 -39.86 26.03
CA LEU F 100 41.06 -41.04 25.22
C LEU F 100 42.33 -41.75 24.77
N ALA F 101 43.31 -40.93 24.31
CA ALA F 101 44.54 -41.41 23.76
C ALA F 101 45.54 -40.25 23.66
N PHE F 102 46.79 -40.57 23.33
CA PHE F 102 47.86 -39.64 22.94
C PHE F 102 48.25 -39.95 21.55
N ASP F 103 48.73 -38.92 20.83
CA ASP F 103 49.22 -39.06 19.48
C ASP F 103 50.43 -38.14 19.35
N GLY F 104 51.53 -38.63 18.84
CA GLY F 104 52.70 -37.87 18.68
C GLY F 104 52.81 -37.10 17.36
N LEU F 105 53.58 -36.00 17.51
CA LEU F 105 54.06 -35.21 16.38
C LEU F 105 55.58 -35.34 16.22
N ALA F 106 56.08 -35.41 15.03
CA ALA F 106 57.45 -35.39 14.66
C ALA F 106 57.80 -34.09 13.91
N ILE F 107 58.87 -33.42 14.26
CA ILE F 107 59.46 -32.44 13.41
C ILE F 107 60.25 -33.17 12.36
N VAL F 108 60.09 -32.76 11.12
CA VAL F 108 60.74 -33.35 9.99
C VAL F 108 61.54 -32.35 9.22
N VAL F 109 62.69 -32.80 8.71
CA VAL F 109 63.57 -32.00 7.87
C VAL F 109 63.87 -32.79 6.62
N ASN F 110 64.51 -32.19 5.67
CA ASN F 110 64.97 -32.89 4.47
C ASN F 110 66.08 -33.92 4.86
N GLN F 111 66.06 -35.09 4.17
CA GLN F 111 67.04 -36.11 4.48
C GLN F 111 68.46 -35.64 4.47
N ALA F 112 68.73 -34.62 3.66
CA ALA F 112 70.08 -34.09 3.61
C ALA F 112 70.52 -33.23 4.84
N ASN F 113 69.55 -32.74 5.64
CA ASN F 113 69.83 -31.78 6.66
C ASN F 113 70.62 -32.45 7.76
N PRO F 114 71.79 -31.96 8.16
CA PRO F 114 72.55 -32.62 9.23
C PRO F 114 72.00 -32.46 10.60
N VAL F 115 71.03 -31.56 10.85
CA VAL F 115 70.44 -31.40 12.20
C VAL F 115 69.73 -32.70 12.65
N THR F 116 69.93 -33.03 13.93
CA THR F 116 69.43 -34.29 14.52
C THR F 116 68.48 -34.06 15.68
N ASN F 117 68.41 -32.81 16.16
CA ASN F 117 67.69 -32.51 17.39
C ASN F 117 67.40 -31.03 17.38
N LEU F 118 66.28 -30.67 18.00
CA LEU F 118 66.02 -29.34 18.44
C LEU F 118 65.58 -29.32 19.88
N THR F 119 65.95 -28.34 20.67
CA THR F 119 65.38 -28.07 22.00
C THR F 119 64.07 -27.30 21.83
N ARG F 120 63.33 -27.18 22.90
CA ARG F 120 62.07 -26.45 22.88
C ARG F 120 62.37 -24.99 22.43
N GLU F 121 63.37 -24.37 23.02
CA GLU F 121 63.72 -22.99 22.69
C GLU F 121 64.04 -22.81 21.24
N GLN F 122 64.77 -23.76 20.67
CA GLN F 122 65.08 -23.71 19.26
C GLN F 122 63.88 -23.86 18.35
N LEU F 123 63.09 -24.86 18.68
CA LEU F 123 61.92 -25.15 17.76
C LEU F 123 60.97 -23.93 17.88
N TYR F 124 60.78 -23.39 19.08
CA TYR F 124 59.96 -22.20 19.27
C TYR F 124 60.49 -21.07 18.42
N GLY F 125 61.78 -20.79 18.58
CA GLY F 125 62.42 -19.69 17.90
C GLY F 125 62.30 -19.80 16.38
N ILE F 126 62.37 -21.02 15.85
CA ILE F 126 62.23 -21.24 14.43
C ILE F 126 60.78 -20.96 14.02
N TYR F 127 59.76 -21.59 14.70
CA TYR F 127 58.37 -21.43 14.25
C TYR F 127 57.88 -20.03 14.50
N LYS F 128 58.44 -19.34 15.50
CA LYS F 128 58.11 -17.91 15.73
C LYS F 128 58.67 -16.99 14.63
N GLY F 129 59.76 -17.39 13.93
CA GLY F 129 60.46 -16.64 12.92
C GLY F 129 61.63 -15.84 13.47
N GLN F 130 62.02 -16.16 14.69
CA GLN F 130 63.19 -15.54 15.29
C GLN F 130 64.51 -16.15 14.86
N ILE F 131 64.54 -17.47 14.62
CA ILE F 131 65.75 -18.20 14.26
C ILE F 131 65.56 -18.54 12.78
N THR F 132 66.33 -17.86 11.91
CA THR F 132 66.11 -17.81 10.46
C THR F 132 67.06 -18.61 9.56
N ASN F 133 68.17 -19.12 10.14
CA ASN F 133 69.17 -19.84 9.40
C ASN F 133 69.54 -21.09 10.13
N TRP F 134 69.61 -22.23 9.42
CA TRP F 134 69.99 -23.47 9.99
C TRP F 134 71.31 -23.42 10.73
N LYS F 135 72.18 -22.50 10.35
CA LYS F 135 73.46 -22.38 11.10
C LYS F 135 73.29 -22.02 12.54
N GLN F 136 72.22 -21.33 12.89
CA GLN F 136 71.92 -20.93 14.28
C GLN F 136 71.66 -22.12 15.20
N VAL F 137 71.31 -23.27 14.58
CA VAL F 137 71.00 -24.50 15.36
C VAL F 137 71.93 -25.70 15.00
N GLY F 138 73.12 -25.37 14.56
CA GLY F 138 74.12 -26.39 14.27
C GLY F 138 74.10 -26.94 12.85
N GLY F 139 73.26 -26.41 11.93
CA GLY F 139 73.24 -26.88 10.57
C GLY F 139 74.00 -26.06 9.55
N ASN F 140 73.60 -26.20 8.34
CA ASN F 140 74.21 -25.58 7.17
C ASN F 140 73.81 -24.10 7.14
N ASP F 141 74.67 -23.27 6.54
CA ASP F 141 74.33 -21.91 6.23
C ASP F 141 73.28 -21.79 5.11
N GLN F 142 72.00 -21.69 5.54
CA GLN F 142 70.86 -21.78 4.67
C GLN F 142 69.66 -21.23 5.40
N LYS F 143 68.99 -20.25 4.75
CA LYS F 143 67.76 -19.80 5.28
C LYS F 143 66.70 -20.92 5.42
N ILE F 144 66.04 -20.84 6.56
CA ILE F 144 65.00 -21.84 6.89
C ILE F 144 63.72 -21.48 6.17
N ALA F 145 63.06 -22.46 5.59
CA ALA F 145 61.65 -22.39 5.19
C ALA F 145 60.75 -23.02 6.22
N VAL F 146 59.94 -22.20 6.88
CA VAL F 146 59.11 -22.65 7.99
C VAL F 146 57.79 -23.08 7.40
N VAL F 147 57.50 -24.35 7.47
CA VAL F 147 56.28 -24.90 6.84
C VAL F 147 55.21 -25.28 7.88
N THR F 148 53.98 -24.85 7.70
CA THR F 148 52.92 -25.17 8.63
C THR F 148 51.70 -25.62 7.81
N ARG F 149 50.71 -26.05 8.56
CA ARG F 149 49.42 -26.50 7.95
C ARG F 149 48.40 -25.37 7.77
N GLU F 150 47.31 -25.68 7.10
CA GLU F 150 46.23 -24.80 6.86
C GLU F 150 45.60 -24.39 8.18
N ALA F 151 44.82 -23.31 8.15
CA ALA F 151 44.35 -22.76 9.38
C ALA F 151 43.41 -23.65 10.16
N SER F 152 42.68 -24.49 9.49
CA SER F 152 41.75 -25.44 10.10
C SER F 152 42.39 -26.81 10.57
N SER F 153 43.70 -26.95 10.45
CA SER F 153 44.30 -28.23 10.77
C SER F 153 44.41 -28.39 12.28
N GLY F 154 44.01 -29.55 12.72
CA GLY F 154 44.08 -29.95 14.09
C GLY F 154 45.56 -30.23 14.44
N THR F 155 46.36 -30.67 13.49
CA THR F 155 47.76 -30.89 13.74
C THR F 155 48.35 -29.54 14.13
N ARG F 156 48.04 -28.53 13.35
CA ARG F 156 48.56 -27.23 13.59
C ARG F 156 48.06 -26.65 14.91
N TYR F 157 46.79 -26.72 15.16
CA TYR F 157 46.31 -26.26 16.46
C TYR F 157 46.99 -26.98 17.65
N SER F 158 47.16 -28.25 17.52
CA SER F 158 47.71 -29.09 18.54
C SER F 158 49.19 -28.65 18.74
N PHE F 159 49.93 -28.53 17.67
CA PHE F 159 51.34 -28.14 17.71
C PHE F 159 51.51 -26.76 18.35
N GLU F 160 50.70 -25.79 17.95
CA GLU F 160 50.84 -24.44 18.39
C GLU F 160 50.50 -24.45 19.89
N SER F 161 49.54 -25.26 20.34
CA SER F 161 49.26 -25.34 21.75
C SER F 161 50.44 -25.92 22.55
N LEU F 162 51.02 -27.00 22.11
CA LEU F 162 52.16 -27.61 22.78
C LEU F 162 53.29 -26.64 22.91
N GLY F 164 53.23 -23.20 22.65
CA GLY F 164 52.86 -21.86 23.12
C GLY F 164 52.96 -20.81 22.01
N LEU F 165 52.69 -21.22 20.77
CA LEU F 165 52.88 -20.43 19.57
C LEU F 165 51.60 -19.75 19.23
N THR F 166 50.97 -19.17 20.24
CA THR F 166 49.70 -18.46 20.05
C THR F 166 49.86 -17.12 20.80
N LYS F 167 48.97 -16.21 20.49
CA LYS F 167 48.99 -14.85 21.08
C LYS F 167 47.52 -14.40 21.19
N THR F 168 47.20 -13.37 21.96
CA THR F 168 45.76 -13.06 22.25
C THR F 168 45.01 -12.00 21.40
N ASP F 171 40.68 -11.05 24.06
CA ASP F 171 40.01 -12.31 23.68
C ASP F 171 40.59 -12.94 22.41
N ARG F 172 40.06 -14.17 22.10
CA ARG F 172 40.61 -15.29 21.20
C ARG F 172 42.14 -15.58 21.16
N GLU F 173 42.52 -16.85 21.07
CA GLU F 173 43.91 -17.22 20.85
C GLU F 173 44.04 -17.14 19.34
N VAL F 174 45.14 -16.59 18.77
CA VAL F 174 45.35 -16.66 17.33
C VAL F 174 46.83 -17.11 17.15
N SER F 175 47.07 -17.69 16.03
CA SER F 175 48.38 -18.21 15.69
C SER F 175 49.45 -17.15 15.69
N ASP F 176 50.57 -17.49 16.33
CA ASP F 176 51.77 -16.61 16.39
C ASP F 176 52.93 -17.14 15.58
N VAL F 177 52.64 -18.01 14.60
CA VAL F 177 53.61 -18.53 13.72
C VAL F 177 54.27 -17.38 12.91
N ALA F 178 55.54 -17.55 12.51
CA ALA F 178 56.21 -16.61 11.65
C ALA F 178 55.32 -16.06 10.54
N PRO F 179 55.22 -14.73 10.37
CA PRO F 179 54.47 -14.14 9.30
C PRO F 179 54.80 -14.59 7.91
N THR F 180 56.00 -15.06 7.66
CA THR F 180 56.43 -15.54 6.38
C THR F 180 56.36 -17.13 6.25
N ALA F 181 55.76 -17.83 7.20
CA ALA F 181 55.65 -19.28 7.12
C ALA F 181 54.93 -19.59 5.81
N LEU F 182 55.14 -20.78 5.33
CA LEU F 182 54.52 -21.35 4.15
C LEU F 182 53.48 -22.37 4.60
N VAL F 183 52.28 -22.23 4.11
CA VAL F 183 51.17 -23.12 4.44
C VAL F 183 50.98 -24.18 3.40
N VAL F 184 50.99 -25.42 3.84
CA VAL F 184 50.48 -26.56 3.02
C VAL F 184 49.20 -27.13 3.57
N ASN F 185 48.41 -27.87 2.75
CA ASN F 185 47.05 -28.25 3.17
C ASN F 185 46.76 -29.68 3.53
N SER F 186 47.81 -30.43 3.76
CA SER F 186 47.70 -31.78 4.23
C SER F 186 49.02 -32.26 4.73
N ASN F 187 48.88 -33.26 5.49
CA ASN F 187 50.04 -34.00 5.90
C ASN F 187 50.92 -34.60 4.78
N SER F 188 50.28 -35.16 3.71
CA SER F 188 50.95 -35.62 2.64
C SER F 188 51.75 -34.51 1.85
N LYS F 191 54.88 -33.57 3.86
CA LYS F 191 56.01 -34.43 3.51
C LYS F 191 56.64 -34.17 2.18
N THR F 192 55.85 -33.92 1.11
CA THR F 192 56.36 -33.69 -0.18
C THR F 192 57.18 -32.43 -0.25
N LEU F 193 56.71 -31.40 0.45
CA LEU F 193 57.40 -30.10 0.45
C LEU F 193 58.75 -30.23 1.15
N VAL F 194 58.79 -30.93 2.28
CA VAL F 194 60.04 -31.09 3.01
C VAL F 194 60.97 -31.98 2.16
N ASN F 195 60.40 -33.03 1.55
CA ASN F 195 61.18 -33.93 0.68
C ASN F 195 61.94 -33.24 -0.42
N HIS F 196 61.24 -32.21 -1.00
CA HIS F 196 61.76 -31.54 -2.17
C HIS F 196 62.59 -30.27 -1.90
N ASN F 197 62.74 -29.90 -0.62
CA ASN F 197 63.35 -28.63 -0.23
C ASN F 197 64.29 -28.77 0.91
N THR F 198 65.56 -28.65 0.59
CA THR F 198 66.65 -28.80 1.60
C THR F 198 66.51 -27.85 2.77
N GLN F 199 65.90 -26.71 2.53
CA GLN F 199 65.83 -25.67 3.55
C GLN F 199 64.64 -25.84 4.52
N ALA F 200 63.73 -26.80 4.27
CA ALA F 200 62.46 -26.82 4.94
C ALA F 200 62.43 -27.52 6.27
N VAL F 201 61.58 -27.03 7.15
CA VAL F 201 61.22 -27.76 8.33
C VAL F 201 59.70 -27.84 8.41
N GLY F 202 59.20 -28.98 8.88
CA GLY F 202 57.77 -29.20 8.98
C GLY F 202 57.40 -30.02 10.15
N PHE F 203 56.12 -30.27 10.38
CA PHE F 203 55.65 -31.16 11.45
C PHE F 203 54.49 -32.03 10.90
N ILE F 204 54.54 -33.26 11.31
CA ILE F 204 53.58 -34.30 10.94
C ILE F 204 53.32 -35.27 12.08
N SER F 205 52.20 -36.03 11.93
CA SER F 205 51.93 -37.06 12.92
C SER F 205 53.03 -38.17 12.80
N ILE F 206 53.48 -38.69 13.95
CA ILE F 206 54.48 -39.67 13.93
C ILE F 206 54.17 -40.84 12.98
N GLY F 207 52.91 -41.25 13.03
CA GLY F 207 52.48 -42.39 12.19
C GLY F 207 52.73 -42.23 10.69
N SER F 208 52.76 -40.96 10.27
CA SER F 208 52.95 -40.61 8.88
C SER F 208 54.38 -40.49 8.47
N VAL F 209 55.35 -40.61 9.39
CA VAL F 209 56.72 -40.61 9.01
C VAL F 209 57.11 -41.76 8.08
N ASP F 210 57.80 -41.50 7.01
CA ASP F 210 58.34 -42.50 6.13
C ASP F 210 59.68 -42.07 5.61
N LYS F 211 60.24 -42.80 4.66
CA LYS F 211 61.62 -42.51 4.27
C LYS F 211 61.72 -41.28 3.34
N SER F 212 60.63 -40.63 3.05
CA SER F 212 60.71 -39.41 2.26
C SER F 212 61.14 -38.20 3.07
N VAL F 213 61.12 -38.31 4.37
CA VAL F 213 61.53 -37.17 5.29
C VAL F 213 62.35 -37.71 6.42
N LYS F 214 63.05 -36.85 7.15
CA LYS F 214 63.86 -37.20 8.30
C LYS F 214 63.23 -36.59 9.53
N ALA F 215 62.73 -37.45 10.42
CA ALA F 215 62.29 -37.08 11.71
C ALA F 215 63.43 -36.87 12.67
N ILE F 216 63.41 -35.77 13.40
CA ILE F 216 64.48 -35.44 14.36
C ILE F 216 64.03 -35.53 15.81
N GLN F 217 65.00 -35.54 16.72
CA GLN F 217 64.66 -35.56 18.13
C GLN F 217 64.12 -34.25 18.61
N PHE F 218 63.40 -34.24 19.74
CA PHE F 218 62.98 -33.10 20.45
C PHE F 218 63.53 -33.26 21.87
N GLU F 219 64.33 -32.30 22.30
CA GLU F 219 64.99 -32.40 23.62
C GLU F 219 65.67 -33.74 23.78
N LYS F 220 66.30 -34.19 22.72
CA LYS F 220 67.14 -35.40 22.65
C LYS F 220 66.38 -36.71 22.84
N ALA F 221 65.03 -36.69 22.75
CA ALA F 221 64.22 -37.93 22.66
C ALA F 221 63.75 -38.19 21.24
N ASP F 222 63.81 -39.45 20.79
CA ASP F 222 63.38 -39.82 19.46
C ASP F 222 61.86 -39.72 19.36
N PRO F 223 61.37 -39.27 18.20
CA PRO F 223 59.93 -39.13 17.97
C PRO F 223 59.19 -40.37 17.54
N THR F 224 59.04 -41.24 18.51
CA THR F 224 58.41 -42.53 18.28
C THR F 224 57.22 -42.74 19.18
N SER F 225 56.25 -43.56 18.73
CA SER F 225 55.12 -43.90 19.49
C SER F 225 55.50 -44.68 20.74
N ASP F 226 56.53 -45.46 20.64
CA ASP F 226 56.92 -46.12 21.91
C ASP F 226 57.43 -45.09 22.99
N ASN F 227 58.10 -44.04 22.58
CA ASN F 227 58.52 -42.99 23.55
C ASN F 227 57.34 -42.16 24.03
N ILE F 228 56.26 -42.05 23.27
CA ILE F 228 55.02 -41.47 23.76
C ILE F 228 54.46 -42.38 24.89
N ALA F 229 54.47 -43.70 24.68
CA ALA F 229 53.97 -44.64 25.66
C ALA F 229 54.82 -44.61 26.95
N LYS F 230 56.13 -44.44 26.81
CA LYS F 230 57.07 -44.38 27.97
C LYS F 230 57.05 -42.99 28.62
N HIS F 231 56.46 -41.97 27.96
CA HIS F 231 56.41 -40.61 28.40
C HIS F 231 57.78 -40.02 28.49
N THR F 232 58.65 -40.31 27.54
CA THR F 232 59.95 -39.62 27.42
C THR F 232 60.05 -38.56 26.32
N TYR F 233 59.04 -38.48 25.47
CA TYR F 233 59.05 -37.58 24.29
C TYR F 233 57.89 -36.59 24.42
N GLN F 234 58.24 -35.32 24.31
CA GLN F 234 57.37 -34.23 24.74
C GLN F 234 56.31 -33.76 23.73
N LEU F 235 56.52 -34.04 22.46
CA LEU F 235 55.56 -33.50 21.43
C LEU F 235 54.44 -34.52 21.27
N SER F 236 53.66 -34.60 22.32
CA SER F 236 52.59 -35.60 22.45
C SER F 236 51.31 -34.80 22.69
N ARG F 237 50.30 -35.07 21.87
CA ARG F 237 49.09 -34.33 22.01
C ARG F 237 48.00 -35.21 22.64
N PRO F 238 47.29 -34.72 23.63
CA PRO F 238 46.20 -35.50 24.19
C PRO F 238 45.00 -35.43 23.26
N PHE F 239 44.27 -36.53 23.19
CA PHE F 239 42.92 -36.54 22.60
C PHE F 239 41.95 -36.55 23.83
N LEU F 240 41.30 -35.43 24.10
CA LEU F 240 40.44 -35.28 25.30
C LEU F 240 39.00 -35.40 24.85
N ILE F 241 38.20 -35.97 25.71
CA ILE F 241 36.76 -35.98 25.56
C ILE F 241 36.14 -35.27 26.74
N LEU F 242 35.21 -34.38 26.46
CA LEU F 242 34.62 -33.47 27.44
C LEU F 242 33.08 -33.63 27.36
N HIS F 243 32.43 -33.72 28.53
CA HIS F 243 30.98 -33.70 28.54
C HIS F 243 30.55 -33.21 29.93
N TYR F 244 29.28 -32.78 30.07
CA TYR F 244 28.71 -32.42 31.38
C TYR F 244 28.15 -33.66 32.04
N SER F 245 28.93 -34.27 32.88
CA SER F 245 28.60 -35.63 33.39
C SER F 245 27.41 -35.63 34.34
N ASP F 246 27.09 -34.47 34.88
CA ASP F 246 25.86 -34.28 35.65
C ASP F 246 24.61 -33.99 34.88
N ASN F 247 24.72 -33.24 33.78
CA ASN F 247 23.59 -32.68 33.04
C ASN F 247 23.25 -33.58 31.81
N ALA F 248 24.19 -34.41 31.40
CA ALA F 248 23.95 -35.26 30.25
C ALA F 248 23.06 -36.46 30.63
N ASP F 249 22.23 -36.90 29.66
CA ASP F 249 21.33 -38.06 29.75
C ASP F 249 22.01 -39.40 29.48
N GLU F 250 21.28 -40.50 29.71
CA GLU F 250 21.77 -41.89 29.65
C GLU F 250 22.43 -42.36 28.35
N GLN F 251 21.87 -41.89 27.26
CA GLN F 251 22.28 -42.25 25.95
C GLN F 251 23.72 -41.72 25.71
N THR F 252 23.91 -40.47 26.06
CA THR F 252 25.23 -39.82 25.96
C THR F 252 26.18 -40.60 26.89
N LYS F 253 25.74 -40.88 28.13
CA LYS F 253 26.56 -41.63 29.06
C LYS F 253 26.99 -43.01 28.56
N GLU F 254 26.10 -43.72 27.86
CA GLU F 254 26.36 -45.08 27.33
C GLU F 254 27.55 -45.03 26.31
N PHE F 255 27.56 -44.00 25.50
CA PHE F 255 28.62 -43.83 24.52
C PHE F 255 29.93 -43.44 25.16
N ILE F 256 29.90 -42.58 26.16
CA ILE F 256 31.10 -42.25 26.99
C ILE F 256 31.68 -43.48 27.55
N ALA F 257 30.81 -44.38 28.08
CA ALA F 257 31.31 -45.66 28.57
C ALA F 257 31.97 -46.55 27.57
N PHE F 258 31.38 -46.60 26.42
CA PHE F 258 31.99 -47.27 25.32
C PHE F 258 33.37 -46.76 25.01
N LEU F 259 33.54 -45.44 25.00
CA LEU F 259 34.87 -44.89 24.73
C LEU F 259 35.94 -45.33 25.75
N LYS F 260 35.48 -45.70 26.93
CA LYS F 260 36.37 -46.21 27.99
C LYS F 260 36.45 -47.76 28.01
N SER F 261 35.88 -48.42 27.00
CA SER F 261 35.76 -49.86 26.99
C SER F 261 36.95 -50.49 26.29
N GLU F 262 37.20 -51.79 26.56
CA GLU F 262 38.22 -52.58 25.90
C GLU F 262 38.03 -52.65 24.42
N SER F 263 36.75 -52.64 23.99
CA SER F 263 36.44 -52.73 22.57
C SER F 263 37.00 -51.51 21.85
N ALA F 264 36.74 -50.39 22.47
CA ALA F 264 37.29 -49.10 21.94
C ALA F 264 38.80 -49.07 22.07
N LYS F 265 39.35 -49.41 23.24
CA LYS F 265 40.82 -49.43 23.42
C LYS F 265 41.54 -50.25 22.36
N LYS F 266 41.04 -51.43 22.04
CA LYS F 266 41.62 -52.22 20.98
C LYS F 266 41.72 -51.53 19.65
N LEU F 267 40.61 -50.87 19.21
CA LEU F 267 40.59 -50.12 17.95
C LEU F 267 41.55 -48.91 18.04
N ILE F 268 41.57 -48.29 19.20
CA ILE F 268 42.39 -47.12 19.34
C ILE F 268 43.87 -47.50 19.13
N VAL F 269 44.28 -48.59 19.78
CA VAL F 269 45.59 -49.11 19.65
C VAL F 269 45.86 -49.62 18.24
N GLU F 270 44.89 -50.31 17.65
CA GLU F 270 45.05 -50.81 16.28
C GLU F 270 45.37 -49.74 15.26
N TYR F 271 44.69 -48.56 15.35
CA TYR F 271 44.96 -47.49 14.42
C TYR F 271 46.20 -46.62 14.81
N GLY F 272 46.95 -47.06 15.80
CA GLY F 272 48.29 -46.53 16.07
C GLY F 272 48.37 -45.41 17.12
N TYR F 273 47.32 -45.26 17.90
CA TYR F 273 47.27 -44.32 18.98
C TYR F 273 47.70 -44.93 20.29
N ILE F 274 48.11 -44.09 21.22
CA ILE F 274 48.73 -44.53 22.43
C ILE F 274 47.75 -44.40 23.58
N PRO F 276 46.39 -43.82 27.44
CA PRO F 276 46.78 -43.00 28.62
C PRO F 276 47.04 -43.82 29.93
N SER G 28 -2.47 -24.06 13.64
CA SER G 28 -1.65 -23.24 14.54
C SER G 28 -2.51 -22.02 15.06
N GLU G 29 -1.92 -21.35 16.03
CA GLU G 29 -2.59 -20.23 16.66
C GLU G 29 -2.04 -18.94 16.13
N ILE G 30 -2.85 -17.91 16.27
CA ILE G 30 -2.47 -16.52 16.06
C ILE G 30 -2.33 -15.91 17.45
N THR G 31 -1.13 -15.44 17.81
CA THR G 31 -0.89 -14.87 19.17
C THR G 31 -0.89 -13.40 19.05
N ILE G 32 -1.81 -12.73 19.76
CA ILE G 32 -1.80 -11.28 19.85
C ILE G 32 -1.57 -10.86 21.30
N SER G 33 -0.49 -10.09 21.49
CA SER G 33 0.03 -9.80 22.82
C SER G 33 0.27 -8.31 23.01
N GLY G 34 -0.07 -7.85 24.19
CA GLY G 34 0.25 -6.43 24.57
C GLY G 34 -0.67 -5.87 25.66
N SER G 35 -1.00 -4.60 25.46
CA SER G 35 -1.73 -3.83 26.43
C SER G 35 -2.93 -4.55 26.97
N THR G 36 -3.08 -4.58 28.30
CA THR G 36 -4.28 -5.16 28.95
C THR G 36 -5.58 -4.39 28.69
N SER G 37 -5.42 -3.14 28.36
CA SER G 37 -6.56 -2.32 28.09
C SER G 37 -7.15 -2.70 26.77
N VAL G 38 -6.29 -2.99 25.81
CA VAL G 38 -6.74 -3.49 24.47
C VAL G 38 -7.20 -4.89 24.60
N ALA G 39 -6.56 -5.67 25.48
CA ALA G 39 -6.92 -7.05 25.59
C ALA G 39 -8.37 -7.29 25.94
N ARG G 40 -8.88 -6.38 26.75
CA ARG G 40 -10.25 -6.49 27.17
C ARG G 40 -11.24 -6.48 25.99
N ILE G 41 -11.08 -5.57 25.07
CA ILE G 41 -11.93 -5.55 23.88
C ILE G 41 -11.44 -6.64 22.91
N ASP G 43 -10.56 -9.63 23.56
CA ASP G 43 -11.08 -10.92 23.98
C ASP G 43 -12.44 -11.07 23.28
N VAL G 44 -13.20 -9.98 23.28
CA VAL G 44 -14.50 -9.94 22.61
C VAL G 44 -14.33 -10.18 21.16
N LEU G 45 -13.39 -9.46 20.50
CA LEU G 45 -13.19 -9.59 19.07
C LEU G 45 -12.73 -10.98 18.73
N ALA G 46 -11.78 -11.53 19.49
CA ALA G 46 -11.26 -12.80 19.22
C ALA G 46 -12.32 -13.90 19.35
N GLU G 47 -13.21 -13.75 20.30
CA GLU G 47 -14.26 -14.75 20.55
C GLU G 47 -15.12 -14.89 19.30
N LYS G 48 -15.46 -13.74 18.73
CA LYS G 48 -16.31 -13.70 17.55
C LYS G 48 -15.54 -14.32 16.42
N TYR G 49 -14.26 -13.92 16.23
CA TYR G 49 -13.43 -14.55 15.21
C TYR G 49 -13.20 -16.08 15.36
N ASN G 50 -12.96 -16.53 16.57
CA ASN G 50 -12.70 -17.92 16.90
C ASN G 50 -13.83 -18.85 16.55
N GLN G 51 -15.03 -18.32 16.68
CA GLN G 51 -16.25 -19.10 16.43
C GLN G 51 -16.47 -19.28 14.92
N GLN G 52 -16.07 -18.29 14.13
CA GLN G 52 -16.16 -18.37 12.67
C GLN G 52 -14.96 -19.01 12.01
N HIS G 53 -13.89 -19.28 12.77
CA HIS G 53 -12.68 -19.84 12.27
C HIS G 53 -12.12 -21.01 13.06
N PRO G 54 -12.76 -22.20 12.96
CA PRO G 54 -12.23 -23.37 13.63
C PRO G 54 -10.90 -23.84 13.28
N GLU G 55 -10.40 -23.39 12.09
CA GLU G 55 -9.13 -23.77 11.59
C GLU G 55 -7.96 -23.18 12.38
N THR G 56 -8.27 -22.18 13.19
CA THR G 56 -7.20 -21.56 13.97
C THR G 56 -7.75 -21.08 15.27
N TYR G 57 -6.97 -20.33 16.03
CA TYR G 57 -7.41 -19.89 17.34
C TYR G 57 -6.61 -18.58 17.58
N VAL G 58 -7.32 -17.53 17.93
CA VAL G 58 -6.67 -16.29 18.35
C VAL G 58 -6.47 -16.34 19.90
N ALA G 59 -5.22 -16.37 20.31
CA ALA G 59 -4.81 -16.31 21.70
C ALA G 59 -4.43 -14.88 22.06
N VAL G 60 -5.18 -14.32 22.99
CA VAL G 60 -5.01 -12.96 23.40
C VAL G 60 -4.23 -12.94 24.70
N GLN G 61 -3.11 -12.23 24.73
CA GLN G 61 -2.22 -12.12 25.90
C GLN G 61 -2.08 -10.69 26.39
N GLY G 62 -2.56 -10.43 27.62
CA GLY G 62 -2.51 -9.12 28.21
C GLY G 62 -1.24 -9.03 29.04
N VAL G 63 -0.19 -8.51 28.48
CA VAL G 63 1.17 -8.45 29.12
C VAL G 63 1.69 -7.06 29.23
N GLY G 64 0.95 -6.03 28.70
CA GLY G 64 1.43 -4.69 28.58
C GLY G 64 1.97 -4.36 27.24
N SER G 65 1.88 -3.11 26.86
CA SER G 65 2.30 -2.62 25.51
C SER G 65 3.79 -2.90 25.33
N THR G 66 4.62 -2.55 26.31
CA THR G 66 6.06 -2.72 26.18
C THR G 66 6.42 -4.21 25.93
N ALA G 67 5.89 -5.13 26.75
CA ALA G 67 6.05 -6.56 26.58
C ALA G 67 5.54 -7.07 25.24
N GLY G 68 4.38 -6.65 24.81
CA GLY G 68 3.89 -7.03 23.52
C GLY G 68 4.75 -6.67 22.33
N ILE G 69 5.28 -5.46 22.30
CA ILE G 69 6.14 -5.05 21.24
C ILE G 69 7.40 -5.96 21.31
N SER G 70 7.97 -6.16 22.49
CA SER G 70 9.13 -7.11 22.62
C SER G 70 8.86 -8.53 22.13
N LEU G 71 7.72 -9.09 22.49
CA LEU G 71 7.35 -10.42 22.05
C LEU G 71 7.17 -10.50 20.51
N LEU G 72 6.61 -9.48 19.89
CA LEU G 72 6.43 -9.38 18.44
C LEU G 72 7.85 -9.34 17.80
N LYS G 73 8.75 -8.51 18.32
CA LYS G 73 10.07 -8.36 17.73
C LYS G 73 10.89 -9.65 17.89
N LYS G 74 10.64 -10.42 18.93
CA LYS G 74 11.42 -11.59 19.26
C LYS G 74 10.81 -12.87 18.65
N GLY G 75 9.71 -12.70 17.93
CA GLY G 75 9.05 -13.77 17.24
C GLY G 75 8.14 -14.64 18.07
N VAL G 76 7.79 -14.21 19.30
CA VAL G 76 6.94 -14.95 20.16
C VAL G 76 5.46 -14.66 19.92
N ALA G 77 5.13 -13.43 19.56
CA ALA G 77 3.78 -13.00 19.13
C ALA G 77 3.70 -12.72 17.69
N ASP G 78 2.56 -13.02 17.08
CA ASP G 78 2.32 -12.65 15.71
C ASP G 78 1.92 -11.18 15.56
N ILE G 79 1.20 -10.63 16.56
CA ILE G 79 0.60 -9.30 16.48
C ILE G 79 0.78 -8.66 17.87
N ALA G 80 1.11 -7.37 17.86
CA ALA G 80 1.16 -6.60 19.17
C ALA G 80 0.03 -5.65 19.22
N THR G 82 -1.05 -2.12 21.50
CA THR G 82 -0.67 -1.14 22.52
C THR G 82 -1.84 -0.19 22.80
N SER G 83 -1.72 0.49 23.95
CA SER G 83 -2.61 1.60 24.30
C SER G 83 -1.90 2.97 24.40
N ARG G 84 -0.85 3.08 23.63
CA ARG G 84 0.00 4.21 23.56
C ARG G 84 0.73 4.28 22.24
N TYR G 85 1.17 5.48 21.86
CA TYR G 85 2.12 5.55 20.77
C TYR G 85 3.45 4.91 21.02
N LEU G 86 4.12 4.49 19.97
CA LEU G 86 5.41 3.90 20.16
C LEU G 86 6.46 5.02 20.47
N THR G 87 7.51 4.67 21.18
CA THR G 87 8.63 5.59 21.38
C THR G 87 9.55 5.52 20.17
N GLU G 88 10.47 6.48 20.08
CA GLU G 88 11.27 6.57 18.86
C GLU G 88 12.19 5.38 18.85
N SER G 89 12.64 4.98 20.04
CA SER G 89 13.46 3.77 20.19
C SER G 89 12.77 2.49 19.71
N GLU G 90 11.44 2.45 19.80
CA GLU G 90 10.58 1.26 19.46
C GLU G 90 10.17 1.19 17.99
N ALA G 91 10.11 2.34 17.32
CA ALA G 91 9.73 2.38 15.90
C ALA G 91 10.67 1.54 15.00
N GLN G 92 10.09 0.99 13.93
CA GLN G 92 10.83 0.20 12.88
C GLN G 92 10.07 0.38 11.55
N ASN G 93 10.77 0.63 10.45
CA ASN G 93 10.04 0.96 9.20
C ASN G 93 9.30 -0.27 8.61
N THR G 94 9.78 -1.47 8.97
CA THR G 94 9.09 -2.68 8.56
C THR G 94 7.94 -3.11 9.49
N LEU G 95 7.78 -2.47 10.64
CA LEU G 95 6.53 -2.65 11.47
C LEU G 95 5.40 -1.85 10.81
N HIS G 96 4.29 -2.49 10.53
CA HIS G 96 3.03 -1.85 10.17
C HIS G 96 2.19 -1.62 11.46
N THR G 97 1.56 -0.46 11.49
CA THR G 97 0.70 -0.02 12.58
C THR G 97 -0.59 0.49 12.03
N PHE G 98 -1.69 0.14 12.68
CA PHE G 98 -2.95 0.84 12.46
C PHE G 98 -3.67 1.04 13.74
N THR G 99 -4.60 1.98 13.76
CA THR G 99 -5.39 2.35 14.90
C THR G 99 -6.68 1.59 14.91
N LEU G 100 -6.87 0.75 15.89
CA LEU G 100 -8.08 -0.01 16.04
C LEU G 100 -9.21 0.85 16.59
N ALA G 101 -8.85 1.79 17.49
CA ALA G 101 -9.86 2.57 18.24
C ALA G 101 -9.11 3.58 19.06
N PHE G 102 -9.86 4.58 19.54
CA PHE G 102 -9.39 5.48 20.56
C PHE G 102 -10.25 5.25 21.82
N ASP G 103 -9.65 5.55 22.98
CA ASP G 103 -10.39 5.60 24.23
C ASP G 103 -10.00 6.85 24.97
N GLY G 104 -10.89 7.47 25.70
CA GLY G 104 -10.46 8.68 26.40
C GLY G 104 -10.14 8.35 27.85
N LEU G 105 -9.33 9.19 28.43
CA LEU G 105 -9.09 9.16 29.91
C LEU G 105 -9.71 10.41 30.45
N ALA G 106 -10.51 10.20 31.49
CA ALA G 106 -11.13 11.30 32.28
C ALA G 106 -10.32 11.50 33.53
N ILE G 107 -10.14 12.77 33.90
CA ILE G 107 -9.57 13.15 35.21
C ILE G 107 -10.78 13.31 36.09
N VAL G 108 -10.72 12.63 37.24
CA VAL G 108 -11.85 12.63 38.16
C VAL G 108 -11.47 13.15 39.55
N VAL G 109 -12.42 13.93 40.10
CA VAL G 109 -12.28 14.53 41.40
C VAL G 109 -13.53 14.18 42.22
N ASN G 110 -13.49 14.47 43.54
CA ASN G 110 -14.64 14.33 44.38
C ASN G 110 -15.74 15.38 43.98
N GLN G 111 -16.95 14.95 44.09
CA GLN G 111 -18.15 15.77 43.70
C GLN G 111 -18.08 17.14 44.32
N ALA G 112 -17.47 17.26 45.48
CA ALA G 112 -17.44 18.56 46.14
C ALA G 112 -16.35 19.50 45.69
N ASN G 113 -15.40 19.02 44.87
CA ASN G 113 -14.28 19.81 44.47
C ASN G 113 -14.75 20.88 43.46
N PRO G 114 -14.51 22.13 43.76
CA PRO G 114 -14.93 23.19 42.85
C PRO G 114 -14.16 23.33 41.53
N VAL G 115 -13.03 22.64 41.35
CA VAL G 115 -12.24 22.74 40.13
C VAL G 115 -13.00 22.13 39.02
N THR G 116 -13.01 22.79 37.85
CA THR G 116 -13.75 22.30 36.66
C THR G 116 -12.82 21.93 35.50
N ASN G 117 -11.57 22.33 35.60
CA ASN G 117 -10.54 22.20 34.58
C ASN G 117 -9.14 22.14 35.11
N LEU G 118 -8.26 21.41 34.40
CA LEU G 118 -6.84 21.45 34.57
C LEU G 118 -6.26 21.57 33.19
N THR G 119 -5.20 22.34 33.14
CA THR G 119 -4.35 22.40 31.97
C THR G 119 -3.34 21.25 32.03
N ARG G 120 -2.65 21.05 30.93
CA ARG G 120 -1.66 20.06 30.86
C ARG G 120 -0.60 20.34 31.89
N GLU G 121 -0.13 21.60 32.02
CA GLU G 121 0.91 21.96 32.94
C GLU G 121 0.55 21.70 34.43
N GLN G 122 -0.66 22.04 34.81
CA GLN G 122 -1.24 21.80 36.10
C GLN G 122 -1.31 20.27 36.43
N LEU G 123 -1.85 19.47 35.50
CA LEU G 123 -2.08 18.02 35.78
C LEU G 123 -0.67 17.44 35.88
N TYR G 124 0.23 17.80 34.99
CA TYR G 124 1.61 17.33 35.05
C TYR G 124 2.27 17.71 36.37
N GLY G 125 2.15 18.95 36.83
CA GLY G 125 2.74 19.27 38.09
C GLY G 125 2.13 18.55 39.31
N ILE G 126 0.85 18.24 39.20
CA ILE G 126 0.15 17.57 40.28
C ILE G 126 0.78 16.15 40.36
N TYR G 127 0.76 15.45 39.22
CA TYR G 127 1.23 14.06 39.15
C TYR G 127 2.72 13.94 39.41
N LYS G 128 3.54 14.97 39.05
CA LYS G 128 4.89 15.01 39.51
C LYS G 128 5.13 15.26 40.98
N GLY G 129 4.14 15.74 41.70
CA GLY G 129 4.29 16.13 43.08
C GLY G 129 4.84 17.54 43.35
N GLN G 130 4.90 18.31 42.29
CA GLN G 130 5.33 19.75 42.32
C GLN G 130 4.23 20.67 42.85
N ILE G 131 3.02 20.42 42.40
CA ILE G 131 1.83 21.13 42.82
C ILE G 131 1.14 20.21 43.86
N THR G 132 1.04 20.71 45.08
CA THR G 132 0.60 19.97 46.23
C THR G 132 -0.67 20.38 46.87
N ASN G 133 -1.25 21.55 46.51
CA ASN G 133 -2.44 21.99 47.19
C ASN G 133 -3.41 22.53 46.13
N TRP G 134 -4.65 22.15 46.31
CA TRP G 134 -5.73 22.42 45.38
C TRP G 134 -5.83 23.97 45.13
N LYS G 135 -5.41 24.72 46.13
CA LYS G 135 -5.53 26.19 45.95
C LYS G 135 -4.66 26.67 44.79
N GLN G 136 -3.55 25.99 44.53
CA GLN G 136 -2.66 26.37 43.39
C GLN G 136 -3.29 26.26 41.98
N VAL G 137 -4.38 25.50 41.85
CA VAL G 137 -5.12 25.35 40.63
C VAL G 137 -6.55 25.83 40.81
N GLY G 138 -6.74 26.78 41.73
CA GLY G 138 -8.01 27.47 41.84
C GLY G 138 -9.07 26.78 42.66
N GLY G 139 -8.66 25.80 43.47
CA GLY G 139 -9.61 25.12 44.33
C GLY G 139 -9.48 25.50 45.79
N ASN G 140 -9.92 24.60 46.67
CA ASN G 140 -9.84 24.80 48.13
C ASN G 140 -8.43 24.74 48.65
N ASP G 141 -8.26 25.27 49.88
CA ASP G 141 -6.97 25.20 50.55
C ASP G 141 -6.90 23.85 51.21
N GLN G 142 -6.33 22.92 50.45
CA GLN G 142 -6.35 21.51 50.83
C GLN G 142 -5.29 20.72 50.06
N LYS G 143 -4.57 19.87 50.79
CA LYS G 143 -3.46 19.11 50.21
C LYS G 143 -4.06 18.06 49.25
N ILE G 144 -3.44 17.92 48.09
CA ILE G 144 -3.92 16.95 47.07
C ILE G 144 -3.43 15.53 47.46
N ALA G 145 -4.34 14.57 47.28
CA ALA G 145 -3.96 13.13 47.29
C ALA G 145 -4.02 12.72 45.85
N VAL G 146 -2.86 12.37 45.31
CA VAL G 146 -2.70 11.92 43.93
C VAL G 146 -2.88 10.45 43.87
N VAL G 147 -3.85 10.00 43.09
CA VAL G 147 -4.19 8.58 42.97
C VAL G 147 -3.85 8.06 41.58
N THR G 148 -3.17 6.92 41.57
CA THR G 148 -2.83 6.28 40.31
C THR G 148 -3.17 4.81 40.41
N ARG G 149 -2.93 4.11 39.33
CA ARG G 149 -3.20 2.69 39.23
C ARG G 149 -1.94 1.83 39.52
N GLU G 150 -2.15 0.49 39.59
CA GLU G 150 -1.09 -0.49 39.88
C GLU G 150 -0.06 -0.44 38.74
N ALA G 151 1.11 -0.99 39.01
CA ALA G 151 2.19 -1.02 38.05
C ALA G 151 1.87 -1.62 36.73
N SER G 152 1.05 -2.64 36.74
CA SER G 152 0.76 -3.33 35.49
C SER G 152 -0.46 -2.73 34.74
N SER G 153 -1.06 -1.65 35.24
CA SER G 153 -2.27 -1.11 34.61
C SER G 153 -1.96 -0.42 33.24
N GLY G 154 -2.67 -0.89 32.20
CA GLY G 154 -2.72 -0.19 30.91
C GLY G 154 -3.15 1.26 30.95
N THR G 155 -4.12 1.50 31.82
CA THR G 155 -4.60 2.81 32.06
C THR G 155 -3.47 3.74 32.49
N ARG G 156 -2.73 3.28 33.47
CA ARG G 156 -1.56 4.02 33.99
C ARG G 156 -0.51 4.23 32.93
N TYR G 157 -0.11 3.13 32.27
CA TYR G 157 0.89 3.23 31.22
C TYR G 157 0.43 4.30 30.14
N SER G 158 -0.84 4.25 29.77
CA SER G 158 -1.39 5.14 28.75
C SER G 158 -1.34 6.52 29.24
N PHE G 159 -1.83 6.74 30.47
CA PHE G 159 -1.80 8.07 31.06
C PHE G 159 -0.46 8.66 31.11
N GLU G 160 0.52 7.90 31.56
CA GLU G 160 1.89 8.45 31.79
C GLU G 160 2.51 8.79 30.43
N SER G 161 2.14 8.00 29.41
CA SER G 161 2.65 8.29 28.03
C SER G 161 2.09 9.56 27.51
N LEU G 162 0.79 9.69 27.61
CA LEU G 162 0.09 10.93 27.14
C LEU G 162 0.64 12.15 27.88
N GLY G 164 3.73 12.58 29.51
CA GLY G 164 5.17 12.66 29.61
C GLY G 164 5.69 12.38 31.01
N LEU G 165 4.96 11.55 31.76
CA LEU G 165 5.29 11.23 33.14
C LEU G 165 6.24 10.10 33.31
N THR G 166 7.04 9.81 32.31
CA THR G 166 8.10 8.81 32.42
C THR G 166 9.44 9.43 32.25
N LYS G 167 10.47 8.72 32.72
CA LYS G 167 11.83 9.12 32.50
C LYS G 167 12.56 7.96 31.80
N THR G 168 13.42 8.33 30.88
CA THR G 168 14.22 7.36 30.10
C THR G 168 15.41 6.93 30.89
N VAL G 169 15.51 5.64 31.22
CA VAL G 169 16.76 5.07 31.75
C VAL G 169 17.11 3.79 30.97
N LYS G 170 18.23 3.87 30.23
CA LYS G 170 18.68 2.83 29.29
C LYS G 170 17.71 2.71 28.07
N ASP G 171 17.27 1.49 27.75
CA ASP G 171 16.33 1.29 26.63
C ASP G 171 14.86 1.25 27.13
N ARG G 172 14.54 2.07 28.11
CA ARG G 172 13.22 1.98 28.73
C ARG G 172 12.76 3.19 29.49
N GLU G 173 11.46 3.21 29.66
CA GLU G 173 10.76 4.29 30.33
C GLU G 173 10.26 3.82 31.71
N VAL G 174 10.50 4.63 32.72
CA VAL G 174 10.15 4.41 34.08
C VAL G 174 9.20 5.47 34.50
N SER G 175 8.22 5.07 35.30
CA SER G 175 7.31 6.04 35.86
C SER G 175 8.02 7.10 36.64
N ASP G 176 7.61 8.33 36.39
CA ASP G 176 8.19 9.51 37.06
C ASP G 176 7.15 10.24 37.93
N VAL G 177 6.06 9.58 38.23
CA VAL G 177 5.00 10.13 39.10
C VAL G 177 5.56 10.25 40.49
N ALA G 178 5.06 11.20 41.23
CA ALA G 178 5.46 11.45 42.64
C ALA G 178 5.43 10.11 43.40
N PRO G 179 6.49 9.76 44.14
CA PRO G 179 6.46 8.52 44.91
C PRO G 179 5.49 8.58 46.13
N THR G 180 4.85 9.73 46.38
CA THR G 180 3.80 9.84 47.35
C THR G 180 2.42 9.62 46.76
N ALA G 181 2.38 9.30 45.45
CA ALA G 181 1.09 8.94 44.87
C ALA G 181 0.56 7.68 45.55
N LEU G 182 -0.73 7.58 45.56
CA LEU G 182 -1.45 6.43 46.11
C LEU G 182 -1.93 5.48 45.01
N VAL G 183 -1.62 4.21 45.15
CA VAL G 183 -2.00 3.21 44.16
C VAL G 183 -3.26 2.49 44.54
N VAL G 184 -4.22 2.47 43.63
CA VAL G 184 -5.36 1.55 43.66
C VAL G 184 -5.29 0.56 42.50
N ASN G 185 -6.07 -0.54 42.56
CA ASN G 185 -5.86 -1.61 41.61
C ASN G 185 -6.99 -1.91 40.69
N SER G 186 -7.92 -0.96 40.61
CA SER G 186 -9.03 -1.12 39.71
C SER G 186 -9.74 0.20 39.48
N ASN G 187 -10.54 0.25 38.41
CA ASN G 187 -11.48 1.33 38.26
C ASN G 187 -12.45 1.50 39.38
N SER G 188 -13.03 0.42 39.83
CA SER G 188 -14.00 0.39 40.89
C SER G 188 -13.35 1.10 42.12
N LYS G 191 -12.69 4.86 41.72
CA LYS G 191 -13.88 5.63 42.00
C LYS G 191 -14.23 5.68 43.45
N THR G 192 -14.18 4.52 44.16
CA THR G 192 -14.50 4.53 45.63
C THR G 192 -13.60 5.41 46.41
N LEU G 193 -12.32 5.40 46.09
CA LEU G 193 -11.32 6.24 46.80
C LEU G 193 -11.58 7.71 46.59
N VAL G 194 -11.87 8.09 45.34
CA VAL G 194 -12.18 9.48 45.05
C VAL G 194 -13.50 9.91 45.61
N ASN G 195 -14.52 9.07 45.61
CA ASN G 195 -15.81 9.37 46.19
C ASN G 195 -15.72 9.70 47.70
N HIS G 196 -14.79 8.96 48.36
CA HIS G 196 -14.63 8.98 49.79
C HIS G 196 -13.63 10.04 50.28
N ASN G 197 -12.97 10.75 49.39
CA ASN G 197 -11.86 11.63 49.71
C ASN G 197 -11.91 12.91 48.96
N THR G 198 -12.41 13.93 49.64
CA THR G 198 -12.48 15.28 49.06
C THR G 198 -11.25 15.75 48.44
N GLN G 199 -10.07 15.36 48.96
CA GLN G 199 -8.79 15.78 48.45
C GLN G 199 -8.21 15.12 47.18
N ALA G 200 -8.90 14.07 46.79
CA ALA G 200 -8.29 13.16 45.83
C ALA G 200 -8.53 13.62 44.38
N VAL G 201 -7.60 13.22 43.56
CA VAL G 201 -7.69 13.28 42.09
C VAL G 201 -7.24 11.96 41.51
N GLY G 202 -7.87 11.50 40.48
CA GLY G 202 -7.51 10.26 39.79
C GLY G 202 -7.80 10.29 38.32
N PHE G 203 -7.59 9.19 37.62
CA PHE G 203 -7.82 9.09 36.15
C PHE G 203 -8.40 7.74 35.89
N ILE G 204 -9.26 7.71 34.89
CA ILE G 204 -10.06 6.51 34.59
C ILE G 204 -10.52 6.62 33.12
N SER G 205 -10.64 5.45 32.49
CA SER G 205 -11.27 5.35 31.14
C SER G 205 -12.67 5.92 31.20
N ILE G 206 -12.98 6.78 30.22
CA ILE G 206 -14.21 7.53 30.24
C ILE G 206 -15.43 6.68 30.33
N GLY G 207 -15.47 5.50 29.70
CA GLY G 207 -16.64 4.64 29.84
C GLY G 207 -16.98 4.10 31.22
N SER G 208 -15.95 4.18 32.09
CA SER G 208 -16.10 3.70 33.43
C SER G 208 -16.46 4.81 34.38
N VAL G 209 -16.59 6.07 33.94
CA VAL G 209 -17.08 7.14 34.81
C VAL G 209 -18.55 6.90 35.19
N ASP G 210 -18.89 7.12 36.47
CA ASP G 210 -20.24 7.03 36.94
C ASP G 210 -20.51 8.20 37.90
N LYS G 211 -21.66 8.30 38.48
CA LYS G 211 -21.99 9.51 39.22
C LYS G 211 -21.31 9.57 40.59
N SER G 212 -20.58 8.49 40.96
CA SER G 212 -19.85 8.53 42.22
C SER G 212 -18.72 9.55 42.20
N VAL G 213 -18.23 9.97 41.05
CA VAL G 213 -17.13 10.90 40.94
C VAL G 213 -17.49 11.97 39.91
N LYS G 214 -16.70 12.95 39.82
CA LYS G 214 -16.92 14.07 38.88
C LYS G 214 -15.73 14.21 37.90
N ALA G 215 -16.00 14.08 36.61
CA ALA G 215 -15.00 14.23 35.58
C ALA G 215 -14.92 15.68 35.23
N ILE G 216 -13.70 16.16 35.13
CA ILE G 216 -13.41 17.55 34.85
C ILE G 216 -12.85 17.71 33.45
N GLN G 217 -12.77 18.95 33.00
CA GLN G 217 -12.15 19.22 31.73
C GLN G 217 -10.68 19.09 31.75
N PHE G 218 -10.11 18.78 30.56
CA PHE G 218 -8.76 18.86 30.30
C PHE G 218 -8.54 19.87 29.12
N GLU G 219 -7.71 20.83 29.42
CA GLU G 219 -7.44 21.97 28.52
C GLU G 219 -8.74 22.49 27.97
N LYS G 220 -9.68 22.70 28.85
CA LYS G 220 -11.06 23.23 28.58
C LYS G 220 -11.92 22.41 27.65
N ALA G 221 -11.70 21.10 27.59
CA ALA G 221 -12.47 20.23 26.75
C ALA G 221 -13.05 19.08 27.58
N ASP G 222 -14.33 18.82 27.45
CA ASP G 222 -14.96 17.76 28.22
C ASP G 222 -14.49 16.44 27.64
N PRO G 223 -14.37 15.40 28.47
CA PRO G 223 -14.03 14.08 27.92
C PRO G 223 -15.21 13.38 27.19
N THR G 224 -15.60 13.75 25.98
CA THR G 224 -16.78 13.11 25.38
C THR G 224 -16.42 12.36 24.09
N SER G 225 -17.18 11.28 23.81
CA SER G 225 -17.01 10.49 22.58
C SER G 225 -16.82 11.47 21.45
N ASP G 226 -17.72 12.42 21.39
CA ASP G 226 -17.64 13.40 20.35
C ASP G 226 -16.33 14.19 20.30
N ASN G 227 -15.82 14.74 21.40
CA ASN G 227 -14.46 15.38 21.35
C ASN G 227 -13.24 14.45 21.12
N ILE G 228 -13.31 13.20 21.49
CA ILE G 228 -12.23 12.26 21.21
C ILE G 228 -12.34 11.98 19.69
N ALA G 229 -13.56 11.80 19.19
CA ALA G 229 -13.79 11.49 17.78
C ALA G 229 -13.23 12.68 17.01
N LYS G 230 -13.64 13.90 17.37
CA LYS G 230 -13.16 15.12 16.70
C LYS G 230 -11.69 15.47 17.08
N HIS G 231 -11.04 14.66 17.93
CA HIS G 231 -9.67 14.92 18.46
C HIS G 231 -9.44 16.23 19.30
N THR G 232 -10.50 16.99 19.66
CA THR G 232 -10.28 18.16 20.51
C THR G 232 -9.92 17.80 21.99
N TYR G 233 -10.14 16.56 22.41
CA TYR G 233 -9.85 16.15 23.81
C TYR G 233 -8.52 15.44 23.85
N GLN G 234 -7.54 16.01 24.48
CA GLN G 234 -6.16 15.64 24.39
C GLN G 234 -5.82 14.34 25.11
N LEU G 235 -6.63 13.89 26.08
CA LEU G 235 -6.28 12.60 26.81
C LEU G 235 -6.99 11.46 26.19
N SER G 236 -6.70 11.28 24.89
CA SER G 236 -7.26 10.27 24.05
C SER G 236 -6.13 9.32 23.81
N ARG G 237 -6.32 8.06 24.17
CA ARG G 237 -5.28 7.09 23.93
C ARG G 237 -5.63 6.26 22.73
N PRO G 238 -4.61 5.93 21.95
CA PRO G 238 -4.79 5.02 20.83
C PRO G 238 -4.76 3.63 21.24
N PHE G 239 -5.55 2.82 20.56
CA PHE G 239 -5.40 1.34 20.61
C PHE G 239 -4.76 0.97 19.30
N LEU G 240 -3.51 0.60 19.29
CA LEU G 240 -2.73 0.32 18.08
C LEU G 240 -2.58 -1.20 17.94
N ILE G 241 -2.57 -1.65 16.67
CA ILE G 241 -2.29 -3.03 16.31
C ILE G 241 -1.06 -3.03 15.40
N LEU G 242 -0.07 -3.84 15.73
CA LEU G 242 1.24 -3.81 15.05
C LEU G 242 1.57 -5.19 14.57
N HIS G 243 2.16 -5.34 13.37
CA HIS G 243 2.55 -6.67 12.90
C HIS G 243 3.56 -6.45 11.73
N TYR G 244 4.32 -7.47 11.43
CA TYR G 244 5.29 -7.39 10.28
C TYR G 244 4.46 -7.78 9.02
N SER G 245 4.05 -6.78 8.27
CA SER G 245 3.17 -7.07 7.14
C SER G 245 3.95 -7.65 5.93
N ASP G 246 5.28 -7.48 5.88
CA ASP G 246 6.07 -8.05 4.76
C ASP G 246 6.28 -9.58 4.85
N ASN G 247 5.64 -10.23 5.82
CA ASN G 247 6.33 -11.23 6.63
C ASN G 247 5.44 -12.38 7.08
N ALA G 248 4.30 -12.03 7.66
CA ALA G 248 3.42 -13.01 8.28
C ALA G 248 2.44 -13.66 7.29
N ASP G 249 1.93 -14.79 7.76
CA ASP G 249 1.20 -15.73 6.92
C ASP G 249 -0.20 -15.23 6.58
N GLU G 250 -0.87 -16.01 5.76
CA GLU G 250 -2.25 -15.79 5.46
C GLU G 250 -3.17 -15.73 6.71
N GLN G 251 -3.00 -16.63 7.69
CA GLN G 251 -3.95 -16.74 8.82
C GLN G 251 -3.85 -15.39 9.57
N THR G 252 -2.64 -14.88 9.70
CA THR G 252 -2.45 -13.59 10.41
C THR G 252 -3.13 -12.52 9.65
N LYS G 253 -2.86 -12.45 8.36
CA LYS G 253 -3.50 -11.44 7.53
C LYS G 253 -4.98 -11.43 7.57
N GLU G 254 -5.57 -12.60 7.61
CA GLU G 254 -7.03 -12.68 7.69
C GLU G 254 -7.61 -12.10 8.97
N PHE G 255 -6.93 -12.38 10.08
CA PHE G 255 -7.37 -11.77 11.33
C PHE G 255 -7.24 -10.23 11.32
N ILE G 256 -6.11 -9.73 10.81
CA ILE G 256 -5.90 -8.28 10.65
C ILE G 256 -7.07 -7.69 9.88
N ALA G 257 -7.49 -8.36 8.80
CA ALA G 257 -8.62 -7.86 8.02
C ALA G 257 -9.90 -7.80 8.81
N PHE G 258 -10.14 -8.85 9.58
CA PHE G 258 -11.31 -8.88 10.44
C PHE G 258 -11.27 -7.68 11.41
N LEU G 259 -10.07 -7.28 11.91
CA LEU G 259 -9.97 -6.18 12.85
C LEU G 259 -10.29 -4.83 12.26
N LYS G 260 -10.14 -4.73 10.96
CA LYS G 260 -10.46 -3.53 10.18
C LYS G 260 -11.89 -3.55 9.60
N SER G 261 -12.73 -4.50 10.01
CA SER G 261 -14.05 -4.78 9.40
C SER G 261 -15.20 -4.12 10.15
N GLU G 262 -16.35 -3.98 9.48
CA GLU G 262 -17.49 -3.40 10.18
C GLU G 262 -18.05 -4.21 11.38
N SER G 263 -17.98 -5.56 11.39
CA SER G 263 -18.47 -6.37 12.50
C SER G 263 -17.61 -6.06 13.72
N ALA G 264 -16.30 -5.99 13.50
CA ALA G 264 -15.35 -5.61 14.56
C ALA G 264 -15.65 -4.18 15.07
N LYS G 265 -15.76 -3.22 14.15
CA LYS G 265 -16.16 -1.85 14.50
C LYS G 265 -17.43 -1.75 15.30
N LYS G 266 -18.42 -2.54 14.91
CA LYS G 266 -19.67 -2.56 15.64
C LYS G 266 -19.48 -2.87 17.08
N LEU G 267 -18.66 -3.91 17.37
CA LEU G 267 -18.48 -4.33 18.75
C LEU G 267 -17.65 -3.34 19.46
N ILE G 268 -16.69 -2.78 18.78
CA ILE G 268 -15.78 -1.82 19.36
C ILE G 268 -16.58 -0.62 19.95
N VAL G 269 -17.46 -0.09 19.10
CA VAL G 269 -18.41 0.96 19.50
C VAL G 269 -19.36 0.58 20.64
N GLU G 270 -19.88 -0.62 20.63
CA GLU G 270 -20.82 -1.08 21.61
C GLU G 270 -20.19 -1.11 23.01
N TYR G 271 -18.89 -1.54 23.08
CA TYR G 271 -18.19 -1.55 24.37
C TYR G 271 -17.60 -0.22 24.81
N GLY G 272 -17.91 0.87 24.07
CA GLY G 272 -17.59 2.22 24.53
C GLY G 272 -16.37 2.88 23.95
N TYR G 273 -15.80 2.27 22.90
CA TYR G 273 -14.60 2.81 22.30
C TYR G 273 -14.99 3.58 21.02
N ILE G 274 -14.05 4.40 20.60
CA ILE G 274 -14.25 5.43 19.56
C ILE G 274 -13.50 5.18 18.26
N PRO G 276 -11.50 5.98 14.71
CA PRO G 276 -10.65 7.02 14.12
C PRO G 276 -11.41 7.97 13.17
N SER H 28 25.72 -5.14 34.85
CA SER H 28 24.95 -5.29 33.53
C SER H 28 23.46 -5.59 33.85
N GLU H 29 22.65 -5.67 32.81
CA GLU H 29 21.23 -6.00 32.95
C GLU H 29 20.97 -7.56 32.84
N ILE H 30 20.29 -8.14 33.86
CA ILE H 30 19.91 -9.53 33.95
C ILE H 30 18.43 -9.53 33.67
N THR H 31 17.99 -10.30 32.67
CA THR H 31 16.60 -10.38 32.35
C THR H 31 16.04 -11.73 32.78
N ILE H 32 15.00 -11.66 33.60
CA ILE H 32 14.31 -12.87 34.03
C ILE H 32 12.87 -12.78 33.54
N SER H 33 12.45 -13.82 32.81
CA SER H 33 11.21 -13.77 32.01
C SER H 33 10.35 -14.97 32.26
N GLY H 34 8.99 -14.81 32.20
CA GLY H 34 8.11 -15.97 32.28
C GLY H 34 6.85 -15.73 33.14
N SER H 35 6.58 -16.76 33.91
CA SER H 35 5.37 -16.87 34.72
C SER H 35 5.01 -15.57 35.40
N THR H 36 3.77 -15.11 35.23
CA THR H 36 3.19 -13.96 35.93
C THR H 36 2.95 -14.28 37.39
N SER H 37 2.74 -15.56 37.72
CA SER H 37 2.55 -16.03 39.08
C SER H 37 3.84 -15.84 39.86
N VAL H 38 4.92 -16.21 39.21
CA VAL H 38 6.24 -16.11 39.89
C VAL H 38 6.69 -14.72 39.91
N ALA H 39 6.34 -13.95 38.88
CA ALA H 39 6.75 -12.61 38.79
C ALA H 39 6.26 -11.73 40.00
N ARG H 40 5.11 -12.08 40.56
CA ARG H 40 4.58 -11.36 41.73
C ARG H 40 5.64 -11.33 42.84
N ILE H 41 6.26 -12.48 43.13
CA ILE H 41 7.30 -12.46 44.17
C ILE H 41 8.62 -12.06 43.59
N ASP H 43 9.32 -9.79 41.55
CA ASP H 43 9.49 -8.36 41.59
C ASP H 43 10.12 -7.86 42.93
N VAL H 44 9.65 -8.46 44.04
CA VAL H 44 10.13 -8.10 45.35
C VAL H 44 11.60 -8.51 45.52
N LEU H 45 11.96 -9.68 45.06
CA LEU H 45 13.27 -10.18 45.15
C LEU H 45 14.24 -9.33 44.34
N ALA H 46 13.89 -8.99 43.10
CA ALA H 46 14.76 -8.26 42.24
C ALA H 46 14.95 -6.82 42.82
N GLU H 47 13.86 -6.22 43.33
CA GLU H 47 13.88 -4.89 43.89
C GLU H 47 14.91 -4.92 45.00
N LYS H 48 14.89 -5.95 45.87
CA LYS H 48 15.81 -6.00 47.02
C LYS H 48 17.20 -6.16 46.47
N TYR H 49 17.40 -7.11 45.56
CA TYR H 49 18.72 -7.35 44.99
C TYR H 49 19.30 -6.02 44.31
N ASN H 50 18.45 -5.33 43.53
CA ASN H 50 18.89 -4.19 42.74
C ASN H 50 19.37 -3.10 43.72
N GLN H 51 18.67 -2.94 44.81
CA GLN H 51 19.09 -1.92 45.85
C GLN H 51 20.47 -2.25 46.43
N GLN H 52 20.77 -3.52 46.54
CA GLN H 52 22.00 -3.95 47.17
C GLN H 52 23.21 -4.06 46.20
N HIS H 53 22.97 -4.06 44.89
CA HIS H 53 24.00 -4.32 43.88
C HIS H 53 23.95 -3.19 42.83
N PRO H 54 24.72 -2.12 43.05
CA PRO H 54 24.76 -1.05 42.03
C PRO H 54 25.38 -1.51 40.73
N GLU H 55 26.03 -2.67 40.71
CA GLU H 55 26.70 -3.14 39.54
C GLU H 55 25.76 -3.82 38.49
N THR H 56 24.55 -4.14 38.93
CA THR H 56 23.60 -4.82 38.01
C THR H 56 22.19 -4.27 38.13
N TYR H 57 21.35 -4.65 37.19
CA TYR H 57 19.92 -4.28 37.21
C TYR H 57 19.17 -5.53 36.74
N VAL H 58 18.35 -6.09 37.61
CA VAL H 58 17.52 -7.27 37.28
C VAL H 58 16.15 -6.77 36.85
N ALA H 59 15.82 -7.12 35.60
CA ALA H 59 14.54 -6.83 34.95
C ALA H 59 13.67 -8.02 34.97
N VAL H 60 12.44 -7.83 35.46
CA VAL H 60 11.48 -8.91 35.57
C VAL H 60 10.45 -8.75 34.45
N GLN H 61 10.23 -9.77 33.66
CA GLN H 61 9.27 -9.65 32.53
C GLN H 61 8.18 -10.73 32.68
N GLY H 62 6.98 -10.29 32.99
CA GLY H 62 5.90 -11.18 33.21
C GLY H 62 5.11 -11.41 31.91
N VAL H 63 5.37 -12.58 31.30
CA VAL H 63 4.80 -13.00 29.97
C VAL H 63 4.25 -14.36 29.90
N GLY H 64 4.14 -15.08 31.02
CA GLY H 64 3.70 -16.41 31.11
C GLY H 64 4.77 -17.45 30.92
N SER H 65 4.54 -18.62 31.53
CA SER H 65 5.54 -19.64 31.62
C SER H 65 6.14 -20.04 30.27
N THR H 66 5.22 -20.30 29.34
CA THR H 66 5.65 -20.83 28.04
C THR H 66 6.52 -19.81 27.29
N ALA H 67 6.14 -18.55 27.27
CA ALA H 67 6.94 -17.52 26.62
C ALA H 67 8.28 -17.34 27.27
N GLY H 68 8.27 -17.44 28.58
CA GLY H 68 9.50 -17.39 29.33
C GLY H 68 10.58 -18.36 28.86
N ILE H 69 10.17 -19.57 28.72
CA ILE H 69 11.03 -20.66 28.32
C ILE H 69 11.57 -20.32 26.92
N SER H 70 10.70 -19.85 26.07
CA SER H 70 11.06 -19.51 24.70
C SER H 70 12.12 -18.40 24.66
N LEU H 71 11.90 -17.36 25.46
CA LEU H 71 12.78 -16.23 25.52
C LEU H 71 14.19 -16.69 26.01
N LEU H 72 14.26 -17.59 27.00
CA LEU H 72 15.49 -18.09 27.55
C LEU H 72 16.23 -18.94 26.43
N LYS H 73 15.44 -19.75 25.70
CA LYS H 73 16.02 -20.60 24.64
C LYS H 73 16.56 -19.77 23.49
N LYS H 74 15.97 -18.61 23.26
CA LYS H 74 16.39 -17.66 22.21
C LYS H 74 17.51 -16.72 22.63
N GLY H 75 17.99 -16.89 23.85
CA GLY H 75 19.03 -16.05 24.42
C GLY H 75 18.66 -14.63 24.71
N VAL H 76 17.36 -14.32 24.79
CA VAL H 76 16.88 -13.03 25.16
C VAL H 76 16.64 -12.84 26.64
N ALA H 77 16.31 -13.91 27.33
CA ALA H 77 16.31 -13.89 28.79
C ALA H 77 17.52 -14.62 29.34
N ASP H 78 18.02 -14.13 30.46
CA ASP H 78 19.09 -14.83 31.16
C ASP H 78 18.57 -15.96 32.02
N ILE H 79 17.34 -15.81 32.54
CA ILE H 79 16.69 -16.78 33.44
C ILE H 79 15.17 -16.80 33.02
N ALA H 80 14.60 -17.96 33.12
CA ALA H 80 13.15 -18.01 33.01
C ALA H 80 12.48 -18.53 34.28
N THR H 82 8.87 -20.42 35.67
CA THR H 82 7.59 -21.11 35.34
C THR H 82 6.77 -21.38 36.58
N SER H 83 5.43 -21.56 36.41
CA SER H 83 4.55 -21.96 37.48
C SER H 83 4.03 -23.42 37.32
N ARG H 84 4.83 -24.22 36.64
CA ARG H 84 4.51 -25.62 36.36
C ARG H 84 5.80 -26.34 36.01
N TYR H 85 5.72 -27.65 35.98
CA TYR H 85 6.86 -28.47 35.55
C TYR H 85 7.00 -28.47 34.07
N LEU H 86 8.22 -28.73 33.60
CA LEU H 86 8.51 -28.72 32.17
C LEU H 86 8.02 -30.02 31.54
N THR H 87 7.56 -29.95 30.30
CA THR H 87 7.22 -31.13 29.54
C THR H 87 8.52 -31.78 29.09
N GLU H 88 8.45 -33.04 28.67
CA GLU H 88 9.65 -33.73 28.12
C GLU H 88 10.25 -32.98 26.94
N SER H 89 9.41 -32.34 26.13
CA SER H 89 9.84 -31.60 24.97
C SER H 89 10.49 -30.25 25.28
N GLU H 90 10.13 -29.60 26.40
CA GLU H 90 10.76 -28.37 26.83
C GLU H 90 12.14 -28.65 27.47
N ALA H 91 12.37 -29.86 27.94
CA ALA H 91 13.63 -30.22 28.60
C ALA H 91 14.75 -30.07 27.59
N GLN H 92 15.87 -29.55 28.06
CA GLN H 92 17.08 -29.47 27.24
C GLN H 92 18.18 -29.91 28.12
N ASN H 93 19.26 -30.33 27.48
CA ASN H 93 20.30 -30.98 28.27
C ASN H 93 21.18 -30.01 29.11
N THR H 94 21.54 -28.82 28.56
CA THR H 94 22.27 -27.78 29.32
C THR H 94 21.34 -26.84 30.19
N LEU H 95 20.08 -27.08 30.12
CA LEU H 95 19.11 -26.25 30.89
C LEU H 95 19.06 -26.81 32.30
N HIS H 96 19.20 -25.97 33.32
CA HIS H 96 19.09 -26.40 34.70
C HIS H 96 17.83 -25.79 35.36
N THR H 97 17.19 -26.53 36.29
CA THR H 97 15.97 -26.10 36.97
C THR H 97 16.17 -26.25 38.45
N PHE H 98 15.53 -25.38 39.20
CA PHE H 98 15.41 -25.56 40.58
C PHE H 98 14.08 -24.99 41.03
N THR H 99 13.57 -25.52 42.11
CA THR H 99 12.32 -25.07 42.67
C THR H 99 12.52 -23.96 43.66
N LEU H 100 11.99 -22.78 43.33
CA LEU H 100 12.10 -21.62 44.18
C LEU H 100 11.17 -21.73 45.38
N ALA H 101 9.99 -22.26 45.12
CA ALA H 101 8.92 -22.35 46.14
C ALA H 101 7.83 -23.22 45.57
N PHE H 102 6.91 -23.58 46.46
CA PHE H 102 5.57 -24.03 46.12
C PHE H 102 4.55 -22.97 46.49
N ASP H 103 3.49 -22.86 45.65
CA ASP H 103 2.38 -22.03 45.88
C ASP H 103 1.18 -22.92 46.11
N GLY H 104 0.56 -22.86 47.27
CA GLY H 104 -0.58 -23.74 47.58
C GLY H 104 -1.93 -23.09 47.19
N LEU H 105 -2.89 -23.94 46.85
CA LEU H 105 -4.26 -23.47 46.57
C LEU H 105 -5.17 -24.10 47.64
N ALA H 106 -6.04 -23.28 48.22
CA ALA H 106 -6.95 -23.70 49.24
C ALA H 106 -8.31 -23.85 48.53
N ILE H 107 -9.11 -24.87 48.96
CA ILE H 107 -10.54 -24.92 48.55
C ILE H 107 -11.32 -24.32 49.73
N VAL H 108 -12.19 -23.41 49.42
CA VAL H 108 -12.89 -22.66 50.45
C VAL H 108 -14.38 -22.76 50.30
N VAL H 109 -15.04 -22.84 51.44
CA VAL H 109 -16.50 -22.88 51.50
C VAL H 109 -16.97 -21.90 52.56
N ASN H 110 -18.26 -21.72 52.64
CA ASN H 110 -18.84 -20.83 53.66
C ASN H 110 -18.69 -21.46 55.03
N GLN H 111 -18.54 -20.60 56.06
CA GLN H 111 -18.28 -21.06 57.39
C GLN H 111 -19.38 -22.04 57.86
N ALA H 112 -20.60 -21.85 57.36
CA ALA H 112 -21.72 -22.68 57.79
C ALA H 112 -21.78 -24.08 57.13
N ASN H 113 -20.92 -24.33 56.15
CA ASN H 113 -21.02 -25.60 55.36
C ASN H 113 -20.37 -26.65 56.26
N PRO H 114 -21.06 -27.77 56.55
CA PRO H 114 -20.52 -28.86 57.36
C PRO H 114 -19.44 -29.71 56.75
N VAL H 115 -19.22 -29.59 55.46
CA VAL H 115 -18.23 -30.33 54.75
C VAL H 115 -16.87 -29.96 55.22
N THR H 116 -16.03 -30.96 55.55
CA THR H 116 -14.74 -30.68 56.07
C THR H 116 -13.66 -31.09 55.09
N ASN H 117 -14.02 -31.79 54.03
CA ASN H 117 -13.10 -32.48 53.19
C ASN H 117 -13.77 -32.80 51.89
N LEU H 118 -12.99 -32.78 50.82
CA LEU H 118 -13.38 -33.35 49.51
C LEU H 118 -12.28 -34.26 48.97
N THR H 119 -12.65 -35.40 48.41
CA THR H 119 -11.76 -36.17 47.62
C THR H 119 -11.50 -35.56 46.28
N ARG H 120 -10.45 -36.04 45.62
CA ARG H 120 -10.17 -35.63 44.25
C ARG H 120 -11.40 -35.89 43.37
N GLU H 121 -11.97 -37.10 43.50
CA GLU H 121 -13.07 -37.45 42.65
C GLU H 121 -14.27 -36.47 42.91
N GLN H 122 -14.51 -36.11 44.16
CA GLN H 122 -15.59 -35.21 44.53
C GLN H 122 -15.39 -33.83 43.95
N LEU H 123 -14.17 -33.32 44.16
CA LEU H 123 -13.86 -31.93 43.72
C LEU H 123 -13.93 -31.86 42.21
N TYR H 124 -13.46 -32.90 41.51
CA TYR H 124 -13.57 -32.99 40.08
C TYR H 124 -15.04 -32.96 39.68
N GLY H 125 -15.82 -33.83 40.30
CA GLY H 125 -17.23 -33.85 39.98
C GLY H 125 -18.02 -32.55 40.19
N ILE H 126 -17.70 -31.87 41.27
CA ILE H 126 -18.21 -30.56 41.53
C ILE H 126 -17.88 -29.57 40.47
N TYR H 127 -16.58 -29.43 40.18
CA TYR H 127 -16.17 -28.43 39.18
C TYR H 127 -16.62 -28.81 37.77
N LYS H 128 -16.88 -30.12 37.48
CA LYS H 128 -17.36 -30.47 36.19
C LYS H 128 -18.83 -30.19 36.07
N GLY H 129 -19.53 -30.05 37.18
CA GLY H 129 -20.97 -29.91 37.14
C GLY H 129 -21.67 -31.26 37.18
N GLN H 130 -20.92 -32.32 37.47
CA GLN H 130 -21.58 -33.61 37.69
C GLN H 130 -22.26 -33.74 39.03
N ILE H 131 -21.63 -33.30 40.14
CA ILE H 131 -22.21 -33.31 41.42
C ILE H 131 -22.77 -31.92 41.61
N THR H 132 -24.06 -31.81 41.84
CA THR H 132 -24.77 -30.53 41.80
C THR H 132 -25.34 -30.12 43.15
N ASN H 133 -25.31 -31.00 44.18
CA ASN H 133 -25.88 -30.75 45.51
C ASN H 133 -25.01 -31.17 46.59
N TRP H 134 -24.83 -30.31 47.57
CA TRP H 134 -23.98 -30.64 48.67
C TRP H 134 -24.26 -31.98 49.34
N LYS H 135 -25.49 -32.42 49.30
CA LYS H 135 -25.82 -33.67 49.99
C LYS H 135 -25.18 -34.82 49.31
N GLN H 136 -24.73 -34.63 48.06
CA GLN H 136 -24.00 -35.71 47.35
C GLN H 136 -22.59 -35.97 47.89
N VAL H 137 -22.07 -35.04 48.70
CA VAL H 137 -20.75 -35.14 49.30
C VAL H 137 -20.85 -34.99 50.81
N GLY H 138 -21.99 -35.35 51.41
CA GLY H 138 -22.05 -35.39 52.85
C GLY H 138 -22.63 -34.18 53.50
N GLY H 139 -23.03 -33.17 52.72
CA GLY H 139 -23.38 -31.89 53.29
C GLY H 139 -24.91 -31.65 53.24
N ASN H 140 -25.31 -30.37 53.28
CA ASN H 140 -26.72 -29.99 53.31
C ASN H 140 -27.35 -30.23 51.98
N ASP H 141 -28.68 -30.32 52.02
CA ASP H 141 -29.50 -30.34 50.82
C ASP H 141 -29.62 -28.98 50.20
N GLN H 142 -28.73 -28.69 49.25
CA GLN H 142 -28.58 -27.36 48.73
C GLN H 142 -27.77 -27.42 47.43
N LYS H 143 -28.25 -26.80 46.38
CA LYS H 143 -27.48 -26.76 45.12
C LYS H 143 -26.16 -26.00 45.30
N ILE H 144 -25.15 -26.53 44.65
CA ILE H 144 -23.77 -25.97 44.74
C ILE H 144 -23.67 -24.84 43.76
N ALA H 145 -23.07 -23.69 44.19
CA ALA H 145 -22.62 -22.65 43.26
C ALA H 145 -21.07 -22.79 43.17
N VAL H 146 -20.61 -23.16 41.98
CA VAL H 146 -19.21 -23.33 41.68
C VAL H 146 -18.60 -22.03 41.23
N VAL H 147 -17.54 -21.62 41.95
CA VAL H 147 -16.94 -20.30 41.68
C VAL H 147 -15.49 -20.47 41.16
N THR H 148 -15.18 -19.75 40.11
CA THR H 148 -13.84 -19.83 39.55
C THR H 148 -13.31 -18.44 39.28
N ARG H 149 -12.12 -18.34 38.68
CA ARG H 149 -11.54 -17.06 38.37
C ARG H 149 -11.71 -16.73 36.87
N GLU H 150 -11.25 -15.55 36.46
CA GLU H 150 -11.34 -15.08 35.08
C GLU H 150 -10.48 -15.98 34.17
N ALA H 151 -10.74 -15.93 32.89
CA ALA H 151 -10.08 -16.87 31.97
C ALA H 151 -8.61 -16.71 31.92
N SER H 152 -8.11 -15.52 32.17
CA SER H 152 -6.65 -15.31 32.08
C SER H 152 -5.89 -15.59 33.38
N SER H 153 -6.61 -15.98 34.44
CA SER H 153 -6.01 -16.24 35.73
C SER H 153 -5.07 -17.43 35.73
N GLY H 154 -3.82 -17.23 36.18
CA GLY H 154 -2.87 -18.33 36.36
C GLY H 154 -3.23 -19.32 37.41
N THR H 155 -3.83 -18.84 38.47
CA THR H 155 -4.35 -19.66 39.49
C THR H 155 -5.41 -20.65 38.96
N ARG H 156 -6.35 -20.12 38.20
CA ARG H 156 -7.34 -21.05 37.55
C ARG H 156 -6.68 -22.11 36.63
N TYR H 157 -5.71 -21.66 35.83
CA TYR H 157 -5.03 -22.53 34.89
C TYR H 157 -4.38 -23.69 35.68
N SER H 158 -3.67 -23.36 36.76
CA SER H 158 -3.06 -24.37 37.57
C SER H 158 -4.04 -25.30 38.26
N PHE H 159 -5.07 -24.73 38.81
CA PHE H 159 -6.10 -25.54 39.46
C PHE H 159 -6.70 -26.53 38.43
N GLU H 160 -7.06 -26.01 37.28
CA GLU H 160 -7.61 -26.88 36.28
C GLU H 160 -6.66 -27.96 35.79
N SER H 161 -5.39 -27.62 35.67
CA SER H 161 -4.43 -28.64 35.23
C SER H 161 -4.25 -29.71 36.29
N LEU H 162 -4.15 -29.30 37.54
CA LEU H 162 -4.02 -30.16 38.69
C LEU H 162 -5.23 -31.12 38.75
N GLY H 164 -7.40 -31.96 36.28
CA GLY H 164 -7.84 -32.63 35.03
C GLY H 164 -9.13 -32.07 34.51
N LEU H 165 -9.27 -30.77 34.70
CA LEU H 165 -10.50 -30.07 34.28
C LEU H 165 -10.44 -29.36 32.91
N THR H 166 -9.64 -29.85 31.97
CA THR H 166 -9.58 -29.30 30.60
C THR H 166 -9.81 -30.41 29.63
N LYS H 167 -9.96 -29.96 28.39
CA LYS H 167 -10.06 -30.87 27.25
C LYS H 167 -9.14 -30.36 26.13
N THR H 168 -8.42 -31.30 25.49
CA THR H 168 -7.30 -31.01 24.57
C THR H 168 -7.97 -30.73 23.22
N VAL H 169 -7.73 -29.53 22.68
CA VAL H 169 -8.31 -29.12 21.37
C VAL H 169 -7.18 -28.42 20.59
N LYS H 170 -6.81 -29.06 19.46
CA LYS H 170 -5.74 -28.52 18.65
C LYS H 170 -4.50 -28.19 19.46
N ASP H 171 -4.01 -29.08 20.31
CA ASP H 171 -2.76 -28.71 21.01
C ASP H 171 -2.94 -27.50 22.02
N ARG H 172 -4.15 -27.37 22.57
CA ARG H 172 -4.45 -26.37 23.60
C ARG H 172 -5.46 -27.03 24.55
N GLU H 173 -5.21 -26.81 25.85
CA GLU H 173 -6.09 -27.30 26.84
C GLU H 173 -7.08 -26.20 26.99
N VAL H 174 -8.35 -26.54 26.84
CA VAL H 174 -9.45 -25.61 26.99
C VAL H 174 -10.19 -25.91 28.27
N SER H 175 -10.61 -24.90 29.02
CA SER H 175 -11.37 -25.17 30.22
C SER H 175 -12.62 -25.98 29.95
N ASP H 176 -12.80 -26.97 30.76
CA ASP H 176 -14.01 -27.81 30.76
C ASP H 176 -14.74 -27.94 32.07
N VAL H 177 -14.72 -26.89 32.86
CA VAL H 177 -15.54 -26.73 34.04
C VAL H 177 -16.97 -26.52 33.69
N ALA H 178 -17.82 -26.74 34.70
CA ALA H 178 -19.30 -26.64 34.46
C ALA H 178 -19.56 -25.29 33.78
N PRO H 179 -20.34 -25.30 32.72
CA PRO H 179 -20.66 -24.05 32.01
C PRO H 179 -21.46 -23.06 32.88
N THR H 180 -22.03 -23.53 33.96
CA THR H 180 -22.76 -22.67 34.93
C THR H 180 -21.79 -22.06 36.03
N ALA H 181 -20.52 -22.35 35.94
CA ALA H 181 -19.66 -21.75 36.93
C ALA H 181 -19.70 -20.20 36.90
N LEU H 182 -19.49 -19.62 38.06
CA LEU H 182 -19.50 -18.17 38.25
C LEU H 182 -18.01 -17.66 38.32
N VAL H 183 -17.68 -16.60 37.63
CA VAL H 183 -16.34 -16.00 37.62
C VAL H 183 -16.28 -14.78 38.51
N VAL H 184 -15.25 -14.78 39.32
CA VAL H 184 -14.85 -13.57 40.05
C VAL H 184 -13.43 -13.28 39.65
N ASN H 185 -12.98 -12.04 39.93
CA ASN H 185 -11.67 -11.61 39.40
C ASN H 185 -10.52 -11.31 40.41
N SER H 186 -10.64 -11.76 41.63
CA SER H 186 -9.58 -11.68 42.64
C SER H 186 -9.79 -12.59 43.72
N ASN H 187 -8.70 -12.84 44.48
CA ASN H 187 -8.87 -13.55 45.76
C ASN H 187 -9.81 -12.89 46.69
N SER H 188 -9.72 -11.57 46.79
CA SER H 188 -10.60 -10.88 47.70
C SER H 188 -12.08 -11.05 47.36
N LYS H 191 -13.30 -14.51 48.20
CA LYS H 191 -13.66 -14.68 49.53
C LYS H 191 -14.94 -13.99 49.91
N THR H 192 -15.15 -12.78 49.39
CA THR H 192 -16.35 -12.07 49.70
C THR H 192 -17.60 -12.81 49.19
N LEU H 193 -17.45 -13.39 48.00
CA LEU H 193 -18.57 -14.16 47.41
C LEU H 193 -18.88 -15.37 48.18
N VAL H 194 -17.85 -16.14 48.60
CA VAL H 194 -18.05 -17.29 49.41
C VAL H 194 -18.63 -16.97 50.77
N ASN H 195 -18.10 -15.91 51.39
CA ASN H 195 -18.61 -15.51 52.73
C ASN H 195 -20.04 -15.12 52.75
N HIS H 196 -20.59 -14.62 51.62
CA HIS H 196 -21.96 -14.18 51.53
C HIS H 196 -22.95 -15.29 51.01
N ASN H 197 -22.42 -16.45 50.60
CA ASN H 197 -23.29 -17.46 49.97
C ASN H 197 -23.00 -18.85 50.55
N THR H 198 -23.91 -19.38 51.36
CA THR H 198 -23.75 -20.68 51.97
C THR H 198 -23.46 -21.78 50.99
N GLN H 199 -24.00 -21.66 49.78
CA GLN H 199 -23.92 -22.67 48.71
C GLN H 199 -22.58 -22.74 47.99
N ALA H 200 -21.74 -21.74 48.17
CA ALA H 200 -20.59 -21.54 47.28
C ALA H 200 -19.37 -22.35 47.67
N VAL H 201 -18.63 -22.75 46.62
CA VAL H 201 -17.26 -23.28 46.71
C VAL H 201 -16.39 -22.56 45.73
N GLY H 202 -15.13 -22.29 46.20
CA GLY H 202 -14.12 -21.74 45.34
C GLY H 202 -12.72 -22.11 45.73
N PHE H 203 -11.73 -21.47 45.10
CA PHE H 203 -10.32 -21.77 45.35
C PHE H 203 -9.64 -20.40 45.40
N ILE H 204 -8.63 -20.38 46.27
CA ILE H 204 -7.83 -19.21 46.52
C ILE H 204 -6.43 -19.60 46.80
N SER H 205 -5.55 -18.62 46.63
CA SER H 205 -4.19 -18.89 47.08
C SER H 205 -4.18 -19.05 48.56
N ILE H 206 -3.33 -19.94 49.03
CA ILE H 206 -3.27 -20.31 50.40
C ILE H 206 -2.90 -19.14 51.29
N GLY H 207 -2.06 -18.28 50.79
CA GLY H 207 -1.66 -17.08 51.58
C GLY H 207 -2.85 -16.14 51.86
N SER H 208 -3.80 -16.18 50.94
CA SER H 208 -4.99 -15.34 51.08
C SER H 208 -6.06 -15.86 51.96
N VAL H 209 -5.98 -17.09 52.53
CA VAL H 209 -7.02 -17.58 53.42
C VAL H 209 -7.10 -16.65 54.66
N ASP H 210 -8.33 -16.26 55.01
CA ASP H 210 -8.60 -15.69 56.28
C ASP H 210 -9.88 -16.14 56.86
N LYS H 211 -10.30 -15.60 57.99
CA LYS H 211 -11.41 -16.17 58.73
C LYS H 211 -12.78 -15.92 58.12
N SER H 212 -12.85 -15.19 56.99
CA SER H 212 -14.05 -14.85 56.31
C SER H 212 -14.60 -16.12 55.60
N VAL H 213 -13.71 -17.06 55.38
CA VAL H 213 -14.03 -18.30 54.63
C VAL H 213 -13.47 -19.45 55.41
N LYS H 214 -13.90 -20.67 55.06
CA LYS H 214 -13.40 -21.85 55.70
C LYS H 214 -12.64 -22.68 54.67
N ALA H 215 -11.34 -22.91 54.89
CA ALA H 215 -10.61 -23.74 54.00
C ALA H 215 -10.80 -25.22 54.44
N ILE H 216 -10.99 -26.12 53.51
CA ILE H 216 -11.23 -27.51 53.84
C ILE H 216 -10.10 -28.42 53.42
N GLN H 217 -10.14 -29.66 53.91
CA GLN H 217 -9.19 -30.67 53.49
C GLN H 217 -9.40 -31.09 52.02
N PHE H 218 -8.32 -31.53 51.40
CA PHE H 218 -8.31 -32.20 50.11
C PHE H 218 -7.67 -33.57 50.35
N GLU H 219 -8.43 -34.61 50.09
CA GLU H 219 -7.96 -36.03 50.32
C GLU H 219 -7.53 -36.17 51.73
N LYS H 220 -8.31 -35.54 52.60
CA LYS H 220 -8.12 -35.61 54.04
C LYS H 220 -6.86 -34.96 54.56
N ALA H 221 -6.17 -34.15 53.73
CA ALA H 221 -4.99 -33.44 54.18
C ALA H 221 -5.39 -31.96 54.39
N ASP H 222 -4.96 -31.37 55.49
CA ASP H 222 -5.14 -29.98 55.80
C ASP H 222 -4.23 -29.18 54.89
N PRO H 223 -4.70 -28.00 54.50
CA PRO H 223 -3.89 -27.14 53.68
C PRO H 223 -2.83 -26.34 54.45
N THR H 224 -1.87 -27.01 55.03
CA THR H 224 -0.81 -26.37 55.74
C THR H 224 0.46 -26.31 54.96
N SER H 225 1.35 -25.49 55.50
CA SER H 225 2.65 -25.37 54.88
C SER H 225 3.37 -26.64 54.86
N ASP H 226 3.39 -27.36 56.00
CA ASP H 226 4.07 -28.62 56.12
C ASP H 226 3.54 -29.66 55.18
N ASN H 227 2.19 -29.74 55.08
CA ASN H 227 1.56 -30.66 54.11
C ASN H 227 1.85 -30.34 52.67
N ILE H 228 2.00 -29.04 52.32
CA ILE H 228 2.34 -28.70 50.97
C ILE H 228 3.80 -29.05 50.71
N ALA H 229 4.65 -28.71 51.68
CA ALA H 229 6.14 -28.97 51.52
C ALA H 229 6.39 -30.45 51.19
N LYS H 230 5.64 -31.33 51.85
CA LYS H 230 5.82 -32.79 51.77
C LYS H 230 4.96 -33.46 50.72
N HIS H 231 4.07 -32.71 50.05
CA HIS H 231 3.18 -33.22 49.03
C HIS H 231 2.06 -34.12 49.60
N THR H 232 1.74 -34.06 50.90
CA THR H 232 0.54 -34.73 51.37
C THR H 232 -0.71 -33.96 51.00
N TYR H 233 -0.58 -32.63 50.95
CA TYR H 233 -1.66 -31.81 50.44
C TYR H 233 -1.32 -31.49 48.99
N GLN H 234 -2.11 -32.00 48.08
CA GLN H 234 -1.71 -32.13 46.72
C GLN H 234 -2.03 -30.89 45.82
N LEU H 235 -2.79 -29.91 46.36
CA LEU H 235 -3.17 -28.78 45.55
C LEU H 235 -2.09 -27.60 45.67
N SER H 236 -1.09 -27.76 44.85
CA SER H 236 0.03 -26.80 44.82
C SER H 236 0.70 -26.85 43.52
N ARG H 237 1.38 -25.78 43.19
CA ARG H 237 2.19 -25.80 41.97
C ARG H 237 3.59 -25.31 42.30
N PRO H 238 4.53 -25.77 41.50
CA PRO H 238 5.89 -25.31 41.66
C PRO H 238 6.14 -23.95 41.04
N PHE H 239 7.04 -23.20 41.66
CA PHE H 239 7.62 -21.99 41.08
C PHE H 239 9.05 -22.37 40.69
N LEU H 240 9.31 -22.64 39.42
CA LEU H 240 10.63 -23.04 38.92
C LEU H 240 11.39 -21.96 38.30
N ILE H 241 12.71 -22.03 38.55
CA ILE H 241 13.69 -21.11 37.92
C ILE H 241 14.59 -21.95 36.98
N LEU H 242 14.74 -21.46 35.79
CA LEU H 242 15.47 -22.17 34.67
C LEU H 242 16.64 -21.25 34.23
N HIS H 243 17.85 -21.83 34.09
CA HIS H 243 19.00 -21.03 33.72
C HIS H 243 19.98 -22.03 33.08
N TYR H 244 20.98 -21.48 32.39
CA TYR H 244 22.07 -22.32 31.83
C TYR H 244 23.30 -22.32 32.65
N SER H 245 23.22 -22.90 33.84
CA SER H 245 24.20 -22.85 34.88
C SER H 245 25.62 -22.98 34.44
N ASP H 246 25.92 -23.91 33.56
CA ASP H 246 27.35 -23.99 33.26
C ASP H 246 27.70 -22.53 32.72
N ASN H 247 26.86 -22.17 31.77
CA ASN H 247 27.10 -21.23 30.74
C ASN H 247 26.44 -19.87 30.85
N ALA H 248 26.12 -19.46 32.05
CA ALA H 248 25.49 -18.15 32.22
C ALA H 248 26.66 -17.21 32.52
N ASP H 249 26.42 -15.93 32.40
CA ASP H 249 27.49 -15.01 32.83
C ASP H 249 27.59 -14.84 34.33
N GLU H 250 28.61 -14.12 34.79
CA GLU H 250 28.85 -14.10 36.22
C GLU H 250 27.72 -13.41 37.03
N GLN H 251 27.20 -12.31 36.46
CA GLN H 251 26.17 -11.56 37.11
C GLN H 251 24.84 -12.41 37.21
N THR H 252 24.58 -13.22 36.18
CA THR H 252 23.46 -14.15 36.24
C THR H 252 23.66 -15.14 37.34
N LYS H 253 24.84 -15.73 37.39
CA LYS H 253 25.13 -16.70 38.42
C LYS H 253 25.05 -16.08 39.84
N GLU H 254 25.39 -14.81 40.04
CA GLU H 254 25.31 -14.22 41.35
C GLU H 254 23.83 -14.06 41.78
N PHE H 255 22.97 -13.65 40.83
CA PHE H 255 21.55 -13.53 41.17
C PHE H 255 20.91 -14.91 41.46
N ILE H 256 21.27 -15.93 40.72
CA ILE H 256 20.84 -17.28 41.07
C ILE H 256 21.21 -17.66 42.46
N ALA H 257 22.46 -17.38 42.85
CA ALA H 257 22.91 -17.67 44.21
C ALA H 257 22.10 -16.88 45.18
N PHE H 258 21.71 -15.66 44.87
CA PHE H 258 20.89 -14.93 45.79
C PHE H 258 19.52 -15.62 45.94
N LEU H 259 18.96 -16.10 44.83
CA LEU H 259 17.64 -16.78 44.89
C LEU H 259 17.65 -18.04 45.76
N LYS H 260 18.82 -18.60 45.96
CA LYS H 260 19.00 -19.81 46.81
C LYS H 260 19.43 -19.48 48.23
N SER H 261 19.66 -18.20 48.51
CA SER H 261 20.10 -17.72 49.82
C SER H 261 19.01 -17.64 50.86
N GLU H 262 19.37 -17.68 52.13
CA GLU H 262 18.39 -17.52 53.19
C GLU H 262 17.67 -16.17 53.10
N SER H 263 18.36 -15.08 52.73
CA SER H 263 17.73 -13.79 52.68
C SER H 263 16.49 -13.83 51.68
N ALA H 264 16.71 -14.44 50.51
CA ALA H 264 15.62 -14.54 49.53
C ALA H 264 14.53 -15.51 50.02
N LYS H 265 14.94 -16.64 50.55
CA LYS H 265 14.01 -17.56 51.12
C LYS H 265 13.06 -17.03 52.19
N LYS H 266 13.65 -16.21 53.05
CA LYS H 266 12.94 -15.59 54.15
C LYS H 266 11.85 -14.71 53.56
N LEU H 267 12.17 -13.97 52.53
CA LEU H 267 11.19 -13.07 51.92
C LEU H 267 10.06 -13.92 51.32
N ILE H 268 10.45 -14.91 50.58
CA ILE H 268 9.51 -15.80 49.91
C ILE H 268 8.50 -16.40 50.89
N VAL H 269 8.95 -16.80 52.04
CA VAL H 269 8.08 -17.46 53.06
C VAL H 269 7.20 -16.37 53.67
N GLU H 270 7.74 -15.17 53.85
CA GLU H 270 7.02 -14.13 54.46
C GLU H 270 5.77 -13.72 53.64
N TYR H 271 5.96 -13.81 52.32
CA TYR H 271 4.91 -13.53 51.37
C TYR H 271 3.94 -14.69 51.13
N GLY H 272 4.17 -15.76 51.82
CA GLY H 272 3.18 -16.83 51.90
C GLY H 272 3.36 -17.95 50.95
N TYR H 273 4.57 -18.06 50.41
CA TYR H 273 4.97 -19.23 49.64
C TYR H 273 5.70 -20.24 50.49
N ILE H 274 5.75 -21.46 49.98
CA ILE H 274 6.23 -22.62 50.73
C ILE H 274 7.58 -23.13 50.27
N PRO H 276 10.14 -26.00 49.46
CA PRO H 276 10.04 -27.46 49.18
C PRO H 276 10.64 -28.38 50.26
#